data_5KTF
#
_entry.id   5KTF
#
_entity_poly.entity_id   1
_entity_poly.type   'polypeptide(L)'
_entity_poly.pdbx_seq_one_letter_code
;GSKIEPVVLPLLWFEQSGAMGGKPLSTFYTQLVLMPQVLHYAQYVLLGLGGLLLLVPIICQLRSQEKCFLFWS
;
_entity_poly.pdbx_strand_id   A
#
# COMPACT_ATOMS: atom_id res chain seq x y z
N GLY A 1 -42.19 -3.47 -16.79
CA GLY A 1 -43.40 -4.21 -16.48
C GLY A 1 -43.08 -5.37 -15.57
N SER A 2 -44.05 -6.19 -15.29
CA SER A 2 -43.88 -7.30 -14.40
C SER A 2 -43.48 -8.58 -15.14
N LYS A 3 -43.59 -8.55 -16.46
CA LYS A 3 -43.34 -9.72 -17.28
C LYS A 3 -41.85 -10.11 -17.29
N ILE A 4 -40.98 -9.13 -17.15
CA ILE A 4 -39.55 -9.38 -17.21
C ILE A 4 -38.97 -9.67 -15.80
N GLU A 5 -39.82 -9.54 -14.79
CA GLU A 5 -39.40 -9.74 -13.41
C GLU A 5 -38.94 -11.19 -13.13
N PRO A 6 -39.74 -12.22 -13.49
CA PRO A 6 -39.31 -13.61 -13.33
C PRO A 6 -38.24 -14.01 -14.36
N VAL A 7 -38.05 -13.17 -15.37
CA VAL A 7 -37.10 -13.47 -16.45
C VAL A 7 -35.68 -13.16 -16.02
N VAL A 8 -35.49 -12.11 -15.26
CA VAL A 8 -34.16 -11.72 -14.82
C VAL A 8 -33.63 -12.68 -13.75
N LEU A 9 -34.53 -13.43 -13.13
CA LEU A 9 -34.16 -14.39 -12.11
C LEU A 9 -33.19 -15.45 -12.62
N PRO A 10 -33.56 -16.29 -13.64
CA PRO A 10 -32.66 -17.28 -14.16
C PRO A 10 -31.41 -16.64 -14.78
N LEU A 11 -31.59 -15.43 -15.33
CA LEU A 11 -30.48 -14.71 -15.95
C LEU A 11 -29.40 -14.38 -14.92
N LEU A 12 -29.81 -13.94 -13.75
CA LEU A 12 -28.88 -13.68 -12.66
C LEU A 12 -28.32 -15.01 -12.17
N TRP A 13 -29.17 -16.00 -12.12
CA TRP A 13 -28.81 -17.35 -11.71
C TRP A 13 -27.68 -17.91 -12.60
N PHE A 14 -27.65 -17.52 -13.87
CA PHE A 14 -26.56 -17.96 -14.75
C PHE A 14 -25.27 -17.23 -14.42
N GLU A 15 -25.39 -15.99 -13.98
CA GLU A 15 -24.25 -15.20 -13.58
C GLU A 15 -23.60 -15.81 -12.37
N GLN A 16 -24.41 -16.50 -11.59
CA GLN A 16 -23.98 -17.14 -10.37
C GLN A 16 -23.13 -18.38 -10.69
N SER A 17 -23.26 -18.85 -11.91
CA SER A 17 -22.46 -19.96 -12.40
C SER A 17 -21.18 -19.40 -13.02
N GLY A 18 -21.22 -18.11 -13.33
CA GLY A 18 -20.14 -17.49 -14.04
C GLY A 18 -20.24 -17.80 -15.51
N ALA A 19 -21.47 -18.01 -15.96
CA ALA A 19 -21.75 -18.37 -17.35
C ALA A 19 -21.42 -17.24 -18.32
N MET A 20 -21.41 -16.02 -17.83
CA MET A 20 -21.05 -14.86 -18.63
C MET A 20 -19.54 -14.63 -18.60
N GLY A 21 -18.87 -15.44 -17.81
CA GLY A 21 -17.43 -15.33 -17.67
C GLY A 21 -17.03 -14.06 -16.94
N GLY A 22 -17.91 -13.57 -16.09
CA GLY A 22 -17.63 -12.37 -15.36
C GLY A 22 -18.78 -11.97 -14.48
N LYS A 23 -18.46 -11.28 -13.41
CA LYS A 23 -19.44 -10.76 -12.46
C LYS A 23 -19.02 -9.32 -12.12
N PRO A 24 -19.88 -8.53 -11.43
CA PRO A 24 -19.52 -7.18 -10.98
C PRO A 24 -18.23 -7.18 -10.15
N LEU A 25 -17.48 -6.09 -10.26
CA LEU A 25 -16.16 -5.96 -9.63
C LEU A 25 -16.23 -6.08 -8.12
N SER A 26 -17.32 -5.61 -7.52
CA SER A 26 -17.51 -5.60 -6.08
C SER A 26 -17.31 -6.99 -5.45
N THR A 27 -17.71 -8.01 -6.19
CA THR A 27 -17.64 -9.37 -5.74
C THR A 27 -16.19 -9.87 -5.71
N PHE A 28 -15.39 -9.41 -6.66
CA PHE A 28 -14.02 -9.88 -6.78
C PHE A 28 -13.11 -9.43 -5.65
N TYR A 29 -13.28 -8.21 -5.16
CA TYR A 29 -12.38 -7.65 -4.11
C TYR A 29 -12.21 -8.59 -2.91
N THR A 30 -13.29 -9.23 -2.50
CA THR A 30 -13.23 -10.12 -1.36
C THR A 30 -12.47 -11.45 -1.70
N GLN A 31 -12.54 -11.89 -2.96
CA GLN A 31 -11.74 -13.05 -3.41
C GLN A 31 -10.26 -12.67 -3.54
N LEU A 32 -10.00 -11.48 -4.08
CA LEU A 32 -8.62 -11.01 -4.32
C LEU A 32 -7.76 -11.01 -3.07
N VAL A 33 -8.33 -10.62 -1.95
CA VAL A 33 -7.54 -10.54 -0.72
C VAL A 33 -6.90 -11.88 -0.31
N LEU A 34 -7.50 -12.99 -0.73
CA LEU A 34 -7.00 -14.29 -0.35
C LEU A 34 -6.37 -15.07 -1.50
N MET A 35 -6.79 -14.77 -2.71
CA MET A 35 -6.46 -15.60 -3.86
C MET A 35 -5.27 -15.04 -4.65
N PRO A 36 -4.34 -15.95 -5.11
CA PRO A 36 -3.13 -15.61 -5.92
C PRO A 36 -3.33 -14.55 -7.01
N GLN A 37 -4.56 -14.43 -7.54
CA GLN A 37 -4.89 -13.42 -8.55
C GLN A 37 -4.53 -11.99 -8.09
N VAL A 38 -4.49 -11.78 -6.77
CA VAL A 38 -4.13 -10.49 -6.20
C VAL A 38 -2.71 -10.08 -6.62
N LEU A 39 -1.81 -11.05 -6.85
CA LEU A 39 -0.43 -10.74 -7.24
C LEU A 39 -0.36 -9.95 -8.54
N HIS A 40 -1.31 -10.17 -9.44
CA HIS A 40 -1.37 -9.41 -10.68
C HIS A 40 -1.70 -7.95 -10.37
N TYR A 41 -2.55 -7.74 -9.38
CA TYR A 41 -2.92 -6.40 -8.96
C TYR A 41 -1.82 -5.80 -8.11
N ALA A 42 -1.08 -6.65 -7.43
CA ALA A 42 0.07 -6.25 -6.63
C ALA A 42 1.11 -5.60 -7.51
N GLN A 43 1.19 -6.06 -8.76
CA GLN A 43 2.05 -5.44 -9.76
C GLN A 43 1.63 -3.99 -9.94
N TYR A 44 0.33 -3.78 -10.14
CA TYR A 44 -0.26 -2.46 -10.28
C TYR A 44 0.01 -1.59 -9.04
N VAL A 45 -0.08 -2.21 -7.87
CA VAL A 45 0.22 -1.55 -6.61
C VAL A 45 1.71 -1.13 -6.58
N LEU A 46 2.56 -1.99 -7.10
CA LEU A 46 3.98 -1.77 -7.12
C LEU A 46 4.33 -0.65 -8.08
N LEU A 47 3.57 -0.55 -9.15
CA LEU A 47 3.78 0.48 -10.13
C LEU A 47 3.41 1.84 -9.52
N GLY A 48 2.25 1.85 -8.87
CA GLY A 48 1.77 3.06 -8.21
C GLY A 48 2.67 3.49 -7.09
N LEU A 49 3.06 2.53 -6.27
CA LEU A 49 3.96 2.81 -5.16
C LEU A 49 5.31 3.24 -5.67
N GLY A 50 5.76 2.60 -6.75
CA GLY A 50 7.05 2.93 -7.34
C GLY A 50 7.09 4.34 -7.88
N GLY A 51 6.02 4.72 -8.57
CA GLY A 51 5.92 6.05 -9.11
C GLY A 51 5.85 7.10 -8.01
N LEU A 52 5.16 6.75 -6.93
CA LEU A 52 5.02 7.62 -5.78
C LEU A 52 6.33 7.67 -5.00
N LEU A 53 7.05 6.56 -5.02
CA LEU A 53 8.33 6.42 -4.34
C LEU A 53 9.36 7.37 -4.94
N LEU A 54 9.18 7.70 -6.23
CA LEU A 54 10.08 8.62 -6.94
C LEU A 54 10.13 9.98 -6.25
N LEU A 55 9.02 10.38 -5.64
CA LEU A 55 8.94 11.68 -4.98
C LEU A 55 9.86 11.73 -3.77
N VAL A 56 10.04 10.59 -3.10
CA VAL A 56 10.82 10.50 -1.86
C VAL A 56 12.29 11.00 -2.03
N PRO A 57 13.11 10.44 -2.96
CA PRO A 57 14.49 10.91 -3.17
C PRO A 57 14.51 12.36 -3.64
N ILE A 58 13.50 12.73 -4.43
CA ILE A 58 13.40 14.08 -4.95
C ILE A 58 13.26 15.10 -3.81
N ILE A 59 12.54 14.73 -2.76
CA ILE A 59 12.40 15.59 -1.58
C ILE A 59 13.78 15.91 -1.00
N CYS A 60 14.65 14.91 -0.98
CA CYS A 60 15.99 15.08 -0.44
C CYS A 60 16.83 15.92 -1.40
N GLN A 61 16.53 15.79 -2.69
CA GLN A 61 17.20 16.58 -3.71
C GLN A 61 16.88 18.05 -3.48
N LEU A 62 15.63 18.31 -3.17
CA LEU A 62 15.18 19.65 -2.81
C LEU A 62 15.81 20.14 -1.53
N ARG A 63 15.98 19.25 -0.55
CA ARG A 63 16.62 19.64 0.73
C ARG A 63 18.07 20.06 0.48
N SER A 64 18.62 19.56 -0.60
CA SER A 64 19.97 19.88 -0.98
C SER A 64 19.96 21.18 -1.82
N GLN A 65 18.84 21.46 -2.49
CA GLN A 65 18.69 22.67 -3.29
C GLN A 65 18.39 23.85 -2.38
N GLU A 66 17.96 23.55 -1.17
CA GLU A 66 17.69 24.56 -0.17
C GLU A 66 18.99 25.21 0.27
N LYS A 67 20.05 24.41 0.33
CA LYS A 67 21.39 24.83 0.74
C LYS A 67 21.44 25.52 2.10
N CYS A 68 21.79 24.77 3.08
CA CYS A 68 21.93 25.29 4.39
C CYS A 68 23.25 24.79 4.95
N PHE A 69 23.82 25.54 5.86
CA PHE A 69 25.06 25.17 6.47
C PHE A 69 24.98 25.35 7.99
N LEU A 70 24.37 26.45 8.41
CA LEU A 70 24.24 26.78 9.83
C LEU A 70 23.38 25.73 10.54
N PHE A 71 22.27 25.35 9.93
CA PHE A 71 21.35 24.38 10.55
C PHE A 71 21.60 22.99 9.94
N TRP A 72 22.65 22.89 9.17
CA TRP A 72 23.01 21.69 8.49
C TRP A 72 23.89 20.83 9.37
N SER A 73 23.36 19.74 9.77
CA SER A 73 24.06 18.80 10.59
C SER A 73 23.82 17.40 10.02
N GLY A 1 -3.70 -36.51 8.67
CA GLY A 1 -3.26 -36.13 10.01
C GLY A 1 -4.00 -34.93 10.54
N SER A 2 -3.76 -33.79 9.94
CA SER A 2 -4.38 -32.56 10.33
C SER A 2 -5.77 -32.47 9.71
N LYS A 3 -6.72 -32.09 10.52
CA LYS A 3 -8.12 -31.97 10.12
C LYS A 3 -8.38 -30.68 9.35
N ILE A 4 -7.53 -29.70 9.53
CA ILE A 4 -7.76 -28.39 8.93
C ILE A 4 -7.26 -28.35 7.48
N GLU A 5 -6.39 -29.27 7.13
CA GLU A 5 -5.83 -29.30 5.80
C GLU A 5 -6.86 -29.81 4.74
N PRO A 6 -7.30 -31.10 4.80
CA PRO A 6 -8.22 -31.66 3.80
C PRO A 6 -9.62 -31.04 3.84
N VAL A 7 -9.99 -30.45 4.96
CA VAL A 7 -11.33 -29.95 5.09
C VAL A 7 -11.47 -28.48 4.72
N VAL A 8 -10.54 -27.65 5.17
CA VAL A 8 -10.69 -26.22 4.97
C VAL A 8 -10.26 -25.76 3.59
N LEU A 9 -9.11 -26.23 3.12
CA LEU A 9 -8.60 -25.81 1.79
C LEU A 9 -9.62 -25.92 0.64
N PRO A 10 -10.25 -27.10 0.42
CA PRO A 10 -11.23 -27.24 -0.66
C PRO A 10 -12.41 -26.25 -0.51
N LEU A 11 -12.89 -26.09 0.71
CA LEU A 11 -14.03 -25.23 0.98
C LEU A 11 -13.69 -23.75 0.95
N LEU A 12 -12.43 -23.44 1.25
CA LEU A 12 -11.94 -22.07 1.36
C LEU A 12 -12.21 -21.25 0.10
N TRP A 13 -12.01 -21.86 -1.06
CA TRP A 13 -12.26 -21.17 -2.32
C TRP A 13 -13.73 -20.81 -2.52
N PHE A 14 -14.64 -21.61 -2.01
CA PHE A 14 -16.06 -21.29 -2.09
C PHE A 14 -16.40 -20.19 -1.07
N GLU A 15 -15.76 -20.31 0.08
CA GLU A 15 -16.03 -19.45 1.22
C GLU A 15 -15.44 -18.05 1.03
N GLN A 16 -14.31 -17.97 0.32
CA GLN A 16 -13.58 -16.71 0.13
C GLN A 16 -14.39 -15.60 -0.55
N SER A 17 -15.51 -15.95 -1.14
CA SER A 17 -16.38 -15.00 -1.78
C SER A 17 -17.29 -14.30 -0.75
N GLY A 18 -17.40 -14.90 0.44
CA GLY A 18 -18.34 -14.41 1.42
C GLY A 18 -19.74 -14.73 0.96
N ALA A 19 -19.87 -15.92 0.41
CA ALA A 19 -21.10 -16.36 -0.24
C ALA A 19 -22.25 -16.62 0.73
N MET A 20 -21.95 -16.92 1.98
CA MET A 20 -23.01 -17.20 2.95
C MET A 20 -23.47 -15.93 3.64
N GLY A 21 -22.76 -14.84 3.38
CA GLY A 21 -23.12 -13.56 3.95
C GLY A 21 -22.85 -13.49 5.44
N GLY A 22 -21.88 -14.25 5.89
CA GLY A 22 -21.55 -14.26 7.30
C GLY A 22 -20.13 -14.69 7.57
N LYS A 23 -19.19 -14.06 6.90
CA LYS A 23 -17.80 -14.36 7.07
C LYS A 23 -17.08 -13.07 7.56
N PRO A 24 -16.34 -13.14 8.68
CA PRO A 24 -15.61 -11.99 9.24
C PRO A 24 -14.62 -11.36 8.23
N LEU A 25 -14.60 -10.04 8.20
CA LEU A 25 -13.75 -9.26 7.29
C LEU A 25 -12.28 -9.52 7.52
N SER A 26 -11.96 -9.91 8.74
CA SER A 26 -10.60 -10.22 9.13
C SER A 26 -9.99 -11.30 8.24
N THR A 27 -10.83 -12.21 7.79
CA THR A 27 -10.40 -13.28 6.95
C THR A 27 -10.08 -12.78 5.54
N PHE A 28 -10.93 -11.89 5.01
CA PHE A 28 -10.81 -11.41 3.64
C PHE A 28 -9.46 -10.81 3.31
N TYR A 29 -8.98 -9.90 4.12
CA TYR A 29 -7.68 -9.29 3.84
C TYR A 29 -6.53 -10.27 4.01
N THR A 30 -6.68 -11.19 4.95
CA THR A 30 -5.66 -12.18 5.22
C THR A 30 -5.62 -13.24 4.09
N GLN A 31 -6.78 -13.75 3.70
CA GLN A 31 -6.86 -14.77 2.66
C GLN A 31 -6.41 -14.20 1.31
N LEU A 32 -6.68 -12.91 1.11
CA LEU A 32 -6.31 -12.23 -0.12
C LEU A 32 -4.81 -12.32 -0.37
N VAL A 33 -4.03 -12.30 0.71
CA VAL A 33 -2.57 -12.35 0.63
C VAL A 33 -2.09 -13.68 0.02
N LEU A 34 -2.83 -14.75 0.29
CA LEU A 34 -2.46 -16.04 -0.21
C LEU A 34 -3.16 -16.37 -1.52
N MET A 35 -4.13 -15.56 -1.88
CA MET A 35 -4.85 -15.74 -3.12
C MET A 35 -4.11 -15.03 -4.23
N PRO A 36 -4.00 -15.68 -5.42
CA PRO A 36 -3.32 -15.11 -6.60
C PRO A 36 -3.80 -13.70 -6.95
N GLN A 37 -5.04 -13.42 -6.60
CA GLN A 37 -5.68 -12.15 -6.87
C GLN A 37 -4.91 -10.96 -6.26
N VAL A 38 -4.21 -11.18 -5.14
CA VAL A 38 -3.42 -10.10 -4.53
C VAL A 38 -2.28 -9.72 -5.47
N LEU A 39 -1.76 -10.71 -6.18
CA LEU A 39 -0.67 -10.51 -7.12
C LEU A 39 -1.16 -9.70 -8.29
N HIS A 40 -2.43 -9.89 -8.63
CA HIS A 40 -3.05 -9.16 -9.71
C HIS A 40 -3.10 -7.66 -9.38
N TYR A 41 -3.41 -7.36 -8.12
CA TYR A 41 -3.39 -5.96 -7.64
C TYR A 41 -1.95 -5.49 -7.45
N ALA A 42 -1.08 -6.42 -7.15
CA ALA A 42 0.34 -6.14 -6.94
C ALA A 42 0.97 -5.63 -8.22
N GLN A 43 0.49 -6.13 -9.35
CA GLN A 43 0.93 -5.68 -10.66
C GLN A 43 0.55 -4.21 -10.84
N TYR A 44 -0.60 -3.84 -10.31
CA TYR A 44 -1.12 -2.48 -10.40
C TYR A 44 -0.43 -1.51 -9.46
N VAL A 45 -0.35 -1.86 -8.20
CA VAL A 45 0.22 -1.00 -7.16
C VAL A 45 1.70 -0.68 -7.45
N LEU A 46 2.40 -1.60 -8.12
CA LEU A 46 3.79 -1.44 -8.45
C LEU A 46 4.06 -0.14 -9.24
N LEU A 47 3.10 0.28 -10.06
CA LEU A 47 3.27 1.52 -10.82
C LEU A 47 3.31 2.72 -9.88
N GLY A 48 2.45 2.69 -8.89
CA GLY A 48 2.40 3.75 -7.92
C GLY A 48 3.61 3.74 -7.02
N LEU A 49 4.00 2.53 -6.64
CA LEU A 49 5.18 2.31 -5.80
C LEU A 49 6.41 2.83 -6.54
N GLY A 50 6.50 2.50 -7.82
CA GLY A 50 7.64 2.91 -8.63
C GLY A 50 7.80 4.40 -8.70
N GLY A 51 6.69 5.11 -8.88
CA GLY A 51 6.73 6.55 -8.93
C GLY A 51 7.11 7.13 -7.59
N LEU A 52 6.46 6.63 -6.54
CA LEU A 52 6.67 7.07 -5.16
C LEU A 52 8.14 6.90 -4.78
N LEU A 53 8.70 5.75 -5.11
CA LEU A 53 10.06 5.41 -4.80
C LEU A 53 11.05 6.31 -5.56
N LEU A 54 10.64 6.79 -6.73
CA LEU A 54 11.49 7.62 -7.55
C LEU A 54 11.53 9.02 -6.97
N LEU A 55 10.46 9.38 -6.29
CA LEU A 55 10.34 10.69 -5.72
C LEU A 55 11.18 10.85 -4.49
N VAL A 56 11.40 9.76 -3.78
CA VAL A 56 12.16 9.78 -2.51
C VAL A 56 13.54 10.50 -2.65
N PRO A 57 14.45 10.07 -3.59
CA PRO A 57 15.75 10.73 -3.77
C PRO A 57 15.58 12.19 -4.20
N ILE A 58 14.50 12.46 -4.91
CA ILE A 58 14.21 13.79 -5.40
C ILE A 58 13.78 14.68 -4.24
N ILE A 59 12.94 14.15 -3.36
CA ILE A 59 12.46 14.88 -2.18
C ILE A 59 13.65 15.31 -1.32
N CYS A 60 14.59 14.39 -1.16
CA CYS A 60 15.80 14.68 -0.41
C CYS A 60 16.63 15.77 -1.10
N GLN A 61 16.49 15.88 -2.42
CA GLN A 61 17.27 16.83 -3.21
C GLN A 61 16.60 18.18 -3.08
N LEU A 62 15.31 18.11 -3.20
CA LEU A 62 14.40 19.18 -3.11
C LEU A 62 14.53 19.88 -1.76
N ARG A 63 14.59 19.10 -0.67
CA ARG A 63 14.74 19.69 0.65
C ARG A 63 16.12 20.30 0.79
N SER A 64 17.07 19.84 0.00
CA SER A 64 18.42 20.35 0.03
C SER A 64 18.45 21.73 -0.60
N GLN A 65 17.54 21.97 -1.52
CA GLN A 65 17.43 23.24 -2.20
C GLN A 65 16.76 24.26 -1.28
N GLU A 66 15.94 23.76 -0.37
CA GLU A 66 15.24 24.60 0.59
C GLU A 66 16.15 24.93 1.77
N LYS A 67 17.09 24.06 2.06
CA LYS A 67 17.97 24.23 3.20
C LYS A 67 19.06 25.25 2.96
N CYS A 68 19.35 25.98 3.98
CA CYS A 68 20.45 26.90 4.03
C CYS A 68 21.25 26.49 5.25
N PHE A 69 22.55 26.74 5.28
CA PHE A 69 23.42 26.25 6.35
C PHE A 69 23.39 24.71 6.35
N LEU A 70 24.00 24.09 7.34
CA LEU A 70 23.99 22.64 7.40
C LEU A 70 22.65 22.05 7.86
N PHE A 71 22.06 22.62 8.90
CA PHE A 71 20.81 22.06 9.45
C PHE A 71 19.59 22.79 8.94
N TRP A 72 19.69 24.11 8.86
CA TRP A 72 18.58 24.99 8.45
C TRP A 72 17.46 24.98 9.48
N SER A 73 17.42 26.02 10.28
CA SER A 73 16.42 26.17 11.29
C SER A 73 16.09 27.64 11.48
N GLY A 1 27.87 20.58 8.40
CA GLY A 1 26.59 20.43 7.72
C GLY A 1 26.30 18.99 7.41
N SER A 2 25.55 18.75 6.32
CA SER A 2 25.19 17.41 5.84
C SER A 2 24.32 16.64 6.86
N LYS A 3 23.69 17.36 7.78
CA LYS A 3 22.84 16.74 8.80
C LYS A 3 21.49 16.34 8.21
N ILE A 4 21.14 16.99 7.14
CA ILE A 4 19.88 16.76 6.46
C ILE A 4 20.12 15.78 5.28
N GLU A 5 21.36 15.36 5.13
CA GLU A 5 21.76 14.56 3.99
C GLU A 5 21.33 13.07 4.10
N PRO A 6 21.75 12.32 5.17
CA PRO A 6 21.41 10.88 5.32
C PRO A 6 19.95 10.64 5.69
N VAL A 7 19.28 11.69 6.17
CA VAL A 7 17.91 11.60 6.68
C VAL A 7 16.91 11.06 5.65
N VAL A 8 17.18 11.33 4.39
CA VAL A 8 16.25 10.93 3.33
C VAL A 8 16.21 9.42 3.11
N LEU A 9 17.23 8.70 3.54
CA LEU A 9 17.25 7.25 3.38
C LEU A 9 16.19 6.56 4.24
N PRO A 10 16.20 6.73 5.61
CA PRO A 10 15.20 6.11 6.45
C PRO A 10 13.79 6.51 6.05
N LEU A 11 13.61 7.78 5.70
CA LEU A 11 12.31 8.30 5.28
C LEU A 11 11.76 7.53 4.10
N LEU A 12 12.62 7.27 3.14
CA LEU A 12 12.25 6.53 1.94
C LEU A 12 11.79 5.12 2.29
N TRP A 13 12.46 4.50 3.28
CA TRP A 13 12.10 3.15 3.69
C TRP A 13 10.72 3.16 4.36
N PHE A 14 10.42 4.22 5.08
CA PHE A 14 9.13 4.34 5.74
C PHE A 14 8.02 4.57 4.74
N GLU A 15 8.37 5.17 3.62
CA GLU A 15 7.43 5.46 2.58
C GLU A 15 7.08 4.25 1.75
N GLN A 16 8.05 3.40 1.53
CA GLN A 16 7.84 2.25 0.66
C GLN A 16 7.03 1.12 1.32
N SER A 17 7.27 0.84 2.59
CA SER A 17 6.57 -0.24 3.25
C SER A 17 5.42 0.28 4.13
N GLY A 18 5.37 1.60 4.32
CA GLY A 18 4.39 2.18 5.21
C GLY A 18 4.78 1.94 6.66
N ALA A 19 6.08 1.76 6.85
CA ALA A 19 6.66 1.39 8.14
C ALA A 19 6.44 2.44 9.24
N MET A 20 6.23 3.70 8.85
CA MET A 20 6.03 4.77 9.84
C MET A 20 4.58 4.77 10.35
N GLY A 21 3.74 3.97 9.72
CA GLY A 21 2.35 3.90 10.13
C GLY A 21 1.52 5.00 9.49
N GLY A 22 2.17 5.81 8.67
CA GLY A 22 1.49 6.88 7.99
C GLY A 22 0.67 6.34 6.86
N LYS A 23 1.28 5.49 6.09
CA LYS A 23 0.61 4.87 4.99
C LYS A 23 0.33 3.41 5.36
N PRO A 24 -0.94 2.94 5.23
CA PRO A 24 -1.33 1.55 5.62
C PRO A 24 -0.83 0.48 4.63
N LEU A 25 0.30 0.75 4.00
CA LEU A 25 0.88 -0.15 3.02
C LEU A 25 1.28 -1.47 3.67
N SER A 26 1.64 -1.40 4.94
CA SER A 26 2.03 -2.57 5.71
C SER A 26 0.87 -3.59 5.78
N THR A 27 -0.35 -3.09 5.72
CA THR A 27 -1.53 -3.92 5.71
C THR A 27 -1.53 -4.75 4.43
N PHE A 28 -1.25 -4.10 3.32
CA PHE A 28 -1.24 -4.72 2.02
C PHE A 28 -0.16 -5.77 1.88
N TYR A 29 1.08 -5.44 2.26
CA TYR A 29 2.20 -6.38 2.11
C TYR A 29 1.99 -7.68 2.91
N THR A 30 1.43 -7.55 4.10
CA THR A 30 1.19 -8.71 4.94
C THR A 30 0.03 -9.59 4.44
N GLN A 31 -1.06 -8.95 4.05
CA GLN A 31 -2.26 -9.66 3.58
C GLN A 31 -2.04 -10.29 2.20
N LEU A 32 -1.16 -9.68 1.43
CA LEU A 32 -0.91 -10.03 0.04
C LEU A 32 -0.53 -11.49 -0.14
N VAL A 33 0.26 -12.01 0.77
CA VAL A 33 0.73 -13.38 0.65
C VAL A 33 -0.42 -14.40 0.72
N LEU A 34 -1.51 -14.04 1.35
CA LEU A 34 -2.64 -14.94 1.48
C LEU A 34 -3.82 -14.53 0.61
N MET A 35 -3.93 -13.26 0.34
CA MET A 35 -5.09 -12.73 -0.34
C MET A 35 -4.87 -12.51 -1.85
N PRO A 36 -5.52 -13.31 -2.70
CA PRO A 36 -5.44 -13.17 -4.17
C PRO A 36 -5.91 -11.79 -4.67
N GLN A 37 -6.93 -11.24 -4.02
CA GLN A 37 -7.51 -9.94 -4.40
C GLN A 37 -6.47 -8.83 -4.44
N VAL A 38 -5.68 -8.74 -3.40
CA VAL A 38 -4.64 -7.73 -3.33
C VAL A 38 -3.45 -8.07 -4.20
N LEU A 39 -3.23 -9.37 -4.42
CA LEU A 39 -2.16 -9.86 -5.29
C LEU A 39 -2.32 -9.24 -6.70
N HIS A 40 -3.56 -9.00 -7.12
CA HIS A 40 -3.81 -8.32 -8.40
C HIS A 40 -3.31 -6.88 -8.35
N TYR A 41 -3.48 -6.26 -7.21
CA TYR A 41 -3.04 -4.90 -6.99
C TYR A 41 -1.53 -4.83 -6.88
N ALA A 42 -0.92 -5.91 -6.44
CA ALA A 42 0.53 -6.02 -6.33
C ALA A 42 1.18 -5.86 -7.68
N GLN A 43 0.49 -6.33 -8.72
CA GLN A 43 0.95 -6.17 -10.09
C GLN A 43 0.99 -4.69 -10.43
N TYR A 44 0.04 -3.95 -9.90
CA TYR A 44 0.00 -2.52 -10.07
C TYR A 44 1.05 -1.84 -9.20
N VAL A 45 1.22 -2.34 -7.97
CA VAL A 45 2.23 -1.83 -7.02
C VAL A 45 3.63 -1.91 -7.63
N LEU A 46 3.86 -2.93 -8.44
CA LEU A 46 5.09 -3.11 -9.16
C LEU A 46 5.37 -1.85 -10.00
N LEU A 47 4.37 -1.39 -10.74
CA LEU A 47 4.48 -0.18 -11.54
C LEU A 47 4.45 1.06 -10.66
N GLY A 48 3.72 0.98 -9.57
CA GLY A 48 3.65 2.08 -8.60
C GLY A 48 5.01 2.35 -7.98
N LEU A 49 5.80 1.30 -7.86
CA LEU A 49 7.17 1.38 -7.38
C LEU A 49 7.96 2.29 -8.33
N GLY A 50 7.69 2.16 -9.63
CA GLY A 50 8.35 2.98 -10.62
C GLY A 50 7.88 4.42 -10.54
N GLY A 51 6.68 4.60 -10.03
CA GLY A 51 6.14 5.92 -9.83
C GLY A 51 6.79 6.57 -8.63
N LEU A 52 6.86 5.83 -7.53
CA LEU A 52 7.50 6.28 -6.29
C LEU A 52 8.98 6.56 -6.54
N LEU A 53 9.55 5.80 -7.45
CA LEU A 53 10.95 5.93 -7.83
C LEU A 53 11.26 7.35 -8.36
N LEU A 54 10.28 7.96 -9.00
CA LEU A 54 10.45 9.29 -9.56
C LEU A 54 10.53 10.34 -8.44
N LEU A 55 9.91 10.02 -7.31
CA LEU A 55 9.90 10.89 -6.15
C LEU A 55 11.22 10.87 -5.40
N VAL A 56 11.94 9.75 -5.48
CA VAL A 56 13.22 9.56 -4.75
C VAL A 56 14.21 10.77 -4.89
N PRO A 57 14.53 11.26 -6.13
CA PRO A 57 15.40 12.44 -6.30
C PRO A 57 14.77 13.70 -5.70
N ILE A 58 13.44 13.74 -5.67
CA ILE A 58 12.72 14.89 -5.14
C ILE A 58 12.77 14.85 -3.61
N ILE A 59 12.82 13.64 -3.04
CA ILE A 59 12.98 13.46 -1.60
C ILE A 59 14.35 14.02 -1.20
N CYS A 60 15.30 13.93 -2.11
CA CYS A 60 16.63 14.44 -1.90
C CYS A 60 16.68 15.95 -2.21
N GLN A 61 15.67 16.42 -2.96
CA GLN A 61 15.57 17.83 -3.40
C GLN A 61 15.09 18.61 -2.22
N LEU A 62 14.27 17.94 -1.49
CA LEU A 62 13.68 18.34 -0.28
C LEU A 62 14.75 18.81 0.74
N ARG A 63 15.95 18.26 0.62
CA ARG A 63 17.04 18.62 1.51
C ARG A 63 17.50 20.06 1.23
N SER A 64 17.22 20.53 0.04
CA SER A 64 17.55 21.88 -0.34
C SER A 64 16.43 22.82 0.06
N GLN A 65 15.26 22.26 0.25
CA GLN A 65 14.11 23.02 0.64
C GLN A 65 14.12 23.24 2.14
N GLU A 66 14.42 22.18 2.87
CA GLU A 66 14.49 22.25 4.32
C GLU A 66 15.76 22.96 4.73
N LYS A 67 16.79 22.82 3.89
CA LYS A 67 18.12 23.42 4.07
C LYS A 67 18.90 22.77 5.20
N CYS A 68 18.41 22.90 6.40
CA CYS A 68 19.05 22.32 7.55
C CYS A 68 18.01 22.01 8.60
N PHE A 69 18.30 21.03 9.45
CA PHE A 69 17.46 20.63 10.58
C PHE A 69 16.03 20.25 10.17
N LEU A 70 15.82 18.98 9.93
CA LEU A 70 14.49 18.51 9.65
C LEU A 70 13.65 18.54 10.92
N PHE A 71 14.33 18.37 12.08
CA PHE A 71 13.72 18.45 13.43
C PHE A 71 12.92 17.19 13.79
N TRP A 72 12.34 16.63 12.79
CA TRP A 72 11.55 15.44 12.92
C TRP A 72 12.19 14.35 12.07
N SER A 73 12.91 13.47 12.70
CA SER A 73 13.61 12.40 12.01
C SER A 73 13.75 11.20 12.94
N GLY A 1 -30.75 -33.56 -9.07
CA GLY A 1 -30.34 -32.47 -9.95
C GLY A 1 -31.12 -31.23 -9.68
N SER A 2 -30.60 -30.40 -8.80
CA SER A 2 -31.26 -29.19 -8.42
C SER A 2 -31.13 -28.11 -9.52
N LYS A 3 -32.21 -27.40 -9.75
CA LYS A 3 -32.30 -26.37 -10.80
C LYS A 3 -31.46 -25.15 -10.43
N ILE A 4 -31.21 -24.98 -9.15
CA ILE A 4 -30.51 -23.80 -8.64
C ILE A 4 -28.97 -24.00 -8.71
N GLU A 5 -28.54 -25.18 -9.13
CA GLU A 5 -27.11 -25.44 -9.24
C GLU A 5 -26.46 -24.70 -10.41
N PRO A 6 -26.93 -24.88 -11.69
CA PRO A 6 -26.36 -24.17 -12.84
C PRO A 6 -26.58 -22.65 -12.79
N VAL A 7 -27.30 -22.20 -11.77
CA VAL A 7 -27.59 -20.79 -11.60
C VAL A 7 -26.40 -20.06 -10.94
N VAL A 8 -25.58 -20.81 -10.18
CA VAL A 8 -24.46 -20.19 -9.48
C VAL A 8 -23.38 -19.70 -10.45
N LEU A 9 -23.35 -20.29 -11.64
CA LEU A 9 -22.36 -19.91 -12.64
C LEU A 9 -22.59 -18.50 -13.18
N PRO A 10 -23.78 -18.21 -13.83
CA PRO A 10 -24.04 -16.87 -14.36
C PRO A 10 -23.89 -15.77 -13.29
N LEU A 11 -24.22 -16.12 -12.03
CA LEU A 11 -24.13 -15.20 -10.91
C LEU A 11 -22.70 -14.71 -10.66
N LEU A 12 -21.72 -15.51 -11.07
CA LEU A 12 -20.31 -15.18 -10.91
C LEU A 12 -20.00 -13.89 -11.68
N TRP A 13 -20.57 -13.78 -12.86
CA TRP A 13 -20.38 -12.61 -13.68
C TRP A 13 -21.14 -11.41 -13.13
N PHE A 14 -22.25 -11.65 -12.44
CA PHE A 14 -23.00 -10.56 -11.85
C PHE A 14 -22.23 -9.95 -10.69
N GLU A 15 -21.39 -10.76 -10.08
CA GLU A 15 -20.57 -10.36 -8.99
C GLU A 15 -19.49 -9.43 -9.53
N GLN A 16 -18.83 -9.87 -10.58
CA GLN A 16 -17.74 -9.13 -11.16
C GLN A 16 -18.21 -7.91 -11.97
N SER A 17 -19.49 -7.88 -12.25
CA SER A 17 -20.07 -6.76 -12.96
C SER A 17 -20.60 -5.74 -11.95
N GLY A 18 -20.63 -6.13 -10.68
CA GLY A 18 -21.15 -5.25 -9.63
C GLY A 18 -22.66 -5.12 -9.71
N ALA A 19 -23.28 -6.06 -10.40
CA ALA A 19 -24.72 -6.06 -10.63
C ALA A 19 -25.50 -6.27 -9.35
N MET A 20 -24.85 -6.89 -8.38
CA MET A 20 -25.46 -7.12 -7.08
C MET A 20 -25.34 -5.88 -6.18
N GLY A 21 -24.65 -4.87 -6.68
CA GLY A 21 -24.44 -3.66 -5.90
C GLY A 21 -23.24 -3.80 -4.99
N GLY A 22 -22.43 -4.81 -5.27
CA GLY A 22 -21.26 -5.08 -4.47
C GLY A 22 -20.19 -4.04 -4.65
N LYS A 23 -19.41 -3.85 -3.61
CA LYS A 23 -18.32 -2.89 -3.62
C LYS A 23 -17.24 -3.30 -4.62
N PRO A 24 -16.50 -2.32 -5.20
CA PRO A 24 -15.45 -2.57 -6.21
C PRO A 24 -14.47 -3.66 -5.79
N LEU A 25 -14.21 -3.77 -4.51
CA LEU A 25 -13.28 -4.77 -4.00
C LEU A 25 -13.75 -6.18 -4.35
N SER A 26 -15.02 -6.47 -4.10
CA SER A 26 -15.57 -7.77 -4.43
C SER A 26 -15.57 -7.95 -5.94
N THR A 27 -15.85 -6.86 -6.64
CA THR A 27 -15.88 -6.85 -8.08
C THR A 27 -14.54 -7.32 -8.69
N PHE A 28 -13.44 -6.68 -8.27
CA PHE A 28 -12.13 -7.05 -8.77
C PHE A 28 -11.64 -8.40 -8.27
N TYR A 29 -11.74 -8.64 -6.96
CA TYR A 29 -11.24 -9.90 -6.39
C TYR A 29 -11.93 -11.15 -6.93
N THR A 30 -13.19 -11.05 -7.27
CA THR A 30 -13.91 -12.19 -7.81
C THR A 30 -13.42 -12.51 -9.24
N GLN A 31 -13.35 -11.50 -10.10
CA GLN A 31 -12.91 -11.70 -11.47
C GLN A 31 -11.44 -12.04 -11.53
N LEU A 32 -10.69 -11.56 -10.55
CA LEU A 32 -9.25 -11.81 -10.42
C LEU A 32 -8.95 -13.32 -10.40
N VAL A 33 -9.89 -14.09 -9.88
CA VAL A 33 -9.76 -15.54 -9.81
C VAL A 33 -9.70 -16.15 -11.23
N LEU A 34 -10.35 -15.52 -12.18
CA LEU A 34 -10.39 -16.04 -13.53
C LEU A 34 -9.56 -15.23 -14.51
N MET A 35 -9.41 -13.95 -14.21
CA MET A 35 -8.75 -13.02 -15.09
C MET A 35 -7.31 -12.76 -14.63
N PRO A 36 -6.32 -13.30 -15.38
CA PRO A 36 -4.89 -13.18 -15.03
C PRO A 36 -4.39 -11.74 -14.93
N GLN A 37 -4.89 -10.86 -15.79
CA GLN A 37 -4.40 -9.48 -15.79
C GLN A 37 -4.79 -8.72 -14.52
N VAL A 38 -5.88 -9.13 -13.88
CA VAL A 38 -6.31 -8.44 -12.69
C VAL A 38 -5.37 -8.74 -11.53
N LEU A 39 -5.02 -10.01 -11.35
CA LEU A 39 -4.14 -10.43 -10.25
C LEU A 39 -2.79 -9.70 -10.30
N HIS A 40 -2.38 -9.37 -11.51
CA HIS A 40 -1.13 -8.68 -11.78
C HIS A 40 -1.08 -7.28 -11.13
N TYR A 41 -2.25 -6.66 -10.85
CA TYR A 41 -2.33 -5.28 -10.34
C TYR A 41 -1.54 -5.13 -9.04
N ALA A 42 -1.41 -6.23 -8.29
CA ALA A 42 -0.68 -6.23 -7.04
C ALA A 42 0.76 -5.75 -7.22
N GLN A 43 1.33 -6.06 -8.38
CA GLN A 43 2.67 -5.60 -8.71
C GLN A 43 2.64 -4.09 -8.91
N TYR A 44 1.56 -3.60 -9.53
CA TYR A 44 1.36 -2.18 -9.72
C TYR A 44 1.19 -1.47 -8.38
N VAL A 45 0.53 -2.13 -7.44
CA VAL A 45 0.39 -1.60 -6.08
C VAL A 45 1.76 -1.48 -5.44
N LEU A 46 2.59 -2.49 -5.66
CA LEU A 46 3.94 -2.53 -5.17
C LEU A 46 4.76 -1.33 -5.67
N LEU A 47 4.70 -1.06 -6.98
CA LEU A 47 5.39 0.10 -7.55
C LEU A 47 4.79 1.41 -7.03
N GLY A 48 3.48 1.43 -6.91
CA GLY A 48 2.78 2.60 -6.41
C GLY A 48 3.20 2.95 -5.00
N LEU A 49 3.21 1.95 -4.13
CA LEU A 49 3.62 2.13 -2.74
C LEU A 49 5.11 2.46 -2.67
N GLY A 50 5.88 1.83 -3.57
CA GLY A 50 7.32 2.06 -3.64
C GLY A 50 7.66 3.51 -3.89
N GLY A 51 6.79 4.18 -4.64
CA GLY A 51 6.97 5.59 -4.92
C GLY A 51 7.01 6.43 -3.65
N LEU A 52 6.16 6.08 -2.68
CA LEU A 52 6.08 6.81 -1.41
C LEU A 52 7.42 6.78 -0.68
N LEU A 53 8.04 5.62 -0.69
CA LEU A 53 9.34 5.40 -0.07
C LEU A 53 10.44 6.07 -0.90
N LEU A 54 10.19 6.21 -2.18
CA LEU A 54 11.16 6.76 -3.10
C LEU A 54 11.21 8.26 -2.91
N LEU A 55 10.11 8.83 -2.44
CA LEU A 55 10.02 10.26 -2.19
C LEU A 55 10.97 10.71 -1.08
N VAL A 56 11.26 9.81 -0.17
CA VAL A 56 12.11 10.09 0.99
C VAL A 56 13.54 10.63 0.61
N PRO A 57 14.35 9.90 -0.20
CA PRO A 57 15.68 10.38 -0.63
C PRO A 57 15.60 11.59 -1.60
N ILE A 58 14.41 11.86 -2.09
CA ILE A 58 14.20 12.96 -3.04
C ILE A 58 14.26 14.32 -2.32
N ILE A 59 14.17 14.33 -0.98
CA ILE A 59 14.20 15.59 -0.19
C ILE A 59 15.42 16.45 -0.54
N CYS A 60 16.56 15.83 -0.70
CA CYS A 60 17.76 16.54 -1.05
C CYS A 60 17.77 16.97 -2.52
N GLN A 61 17.07 16.20 -3.36
CA GLN A 61 17.09 16.43 -4.82
C GLN A 61 16.17 17.58 -5.12
N LEU A 62 15.17 17.65 -4.30
CA LEU A 62 14.15 18.61 -4.28
C LEU A 62 14.75 20.00 -4.05
N ARG A 63 15.84 20.06 -3.32
CA ARG A 63 16.48 21.34 -3.02
C ARG A 63 17.15 21.90 -4.28
N SER A 64 17.46 21.00 -5.21
CA SER A 64 18.03 21.35 -6.50
C SER A 64 16.92 21.81 -7.44
N GLN A 65 15.71 21.33 -7.15
CA GLN A 65 14.50 21.66 -7.89
C GLN A 65 14.07 23.07 -7.52
N GLU A 66 14.16 23.37 -6.25
CA GLU A 66 13.78 24.67 -5.76
C GLU A 66 14.87 25.67 -6.10
N LYS A 67 16.08 25.15 -6.30
CA LYS A 67 17.28 25.92 -6.62
C LYS A 67 17.67 26.85 -5.48
N CYS A 68 18.72 26.49 -4.81
CA CYS A 68 19.15 27.24 -3.66
C CYS A 68 20.52 27.88 -3.93
N PHE A 69 20.78 28.97 -3.26
CA PHE A 69 22.06 29.68 -3.39
C PHE A 69 22.97 29.24 -2.24
N LEU A 70 22.54 28.22 -1.54
CA LEU A 70 23.24 27.70 -0.39
C LEU A 70 24.53 27.02 -0.77
N PHE A 71 24.53 26.38 -1.96
CA PHE A 71 25.63 25.54 -2.43
C PHE A 71 25.71 24.32 -1.55
N TRP A 72 24.81 23.40 -1.77
CA TRP A 72 24.71 22.22 -0.95
C TRP A 72 23.99 21.13 -1.72
N SER A 73 22.89 21.50 -2.31
CA SER A 73 22.07 20.62 -3.10
C SER A 73 21.38 21.43 -4.19
N GLY A 1 -10.48 -28.12 -4.94
CA GLY A 1 -11.30 -29.34 -4.85
C GLY A 1 -12.56 -29.20 -5.64
N SER A 2 -13.22 -30.30 -5.85
CA SER A 2 -14.42 -30.32 -6.65
C SER A 2 -15.70 -30.31 -5.81
N LYS A 3 -15.60 -30.70 -4.55
CA LYS A 3 -16.77 -30.80 -3.69
C LYS A 3 -17.21 -29.44 -3.16
N ILE A 4 -16.29 -28.51 -3.12
CA ILE A 4 -16.58 -27.18 -2.60
C ILE A 4 -17.16 -26.28 -3.71
N GLU A 5 -16.94 -26.68 -4.95
CA GLU A 5 -17.37 -25.93 -6.11
C GLU A 5 -18.92 -25.75 -6.12
N PRO A 6 -19.73 -26.86 -6.05
CA PRO A 6 -21.20 -26.76 -6.01
C PRO A 6 -21.72 -26.08 -4.73
N VAL A 7 -20.86 -25.83 -3.79
CA VAL A 7 -21.22 -25.19 -2.54
C VAL A 7 -21.25 -23.66 -2.70
N VAL A 8 -20.47 -23.16 -3.64
CA VAL A 8 -20.36 -21.72 -3.86
C VAL A 8 -21.65 -21.15 -4.46
N LEU A 9 -22.26 -21.91 -5.37
CA LEU A 9 -23.48 -21.48 -6.08
C LEU A 9 -24.61 -20.99 -5.16
N PRO A 10 -25.10 -21.83 -4.20
CA PRO A 10 -26.18 -21.40 -3.32
C PRO A 10 -25.79 -20.21 -2.45
N LEU A 11 -24.49 -20.08 -2.16
CA LEU A 11 -23.99 -19.00 -1.34
C LEU A 11 -24.08 -17.67 -2.07
N LEU A 12 -23.87 -17.72 -3.39
CA LEU A 12 -23.93 -16.53 -4.24
C LEU A 12 -25.34 -15.93 -4.21
N TRP A 13 -26.33 -16.79 -4.08
CA TRP A 13 -27.72 -16.36 -4.02
C TRP A 13 -28.01 -15.42 -2.86
N PHE A 14 -27.27 -15.58 -1.77
CA PHE A 14 -27.50 -14.74 -0.61
C PHE A 14 -26.99 -13.35 -0.86
N GLU A 15 -25.95 -13.29 -1.66
CA GLU A 15 -25.29 -12.05 -1.96
C GLU A 15 -26.09 -11.25 -2.95
N GLN A 16 -26.49 -11.91 -4.03
CA GLN A 16 -27.26 -11.24 -5.07
C GLN A 16 -28.63 -10.83 -4.56
N SER A 17 -29.13 -11.55 -3.58
CA SER A 17 -30.41 -11.25 -2.99
C SER A 17 -30.26 -10.17 -1.91
N GLY A 18 -29.08 -10.09 -1.31
CA GLY A 18 -28.88 -9.19 -0.20
C GLY A 18 -29.64 -9.71 0.99
N ALA A 19 -29.56 -11.02 1.18
CA ALA A 19 -30.34 -11.73 2.18
C ALA A 19 -29.94 -11.36 3.60
N MET A 20 -28.70 -11.00 3.79
CA MET A 20 -28.23 -10.55 5.10
C MET A 20 -28.04 -9.02 5.06
N GLY A 21 -28.55 -8.41 4.02
CA GLY A 21 -28.41 -6.98 3.83
C GLY A 21 -27.20 -6.62 3.00
N GLY A 22 -26.57 -7.62 2.42
CA GLY A 22 -25.39 -7.42 1.61
C GLY A 22 -24.63 -8.71 1.45
N LYS A 23 -23.45 -8.79 2.05
CA LYS A 23 -22.64 -10.01 2.03
C LYS A 23 -21.58 -9.92 3.12
N PRO A 24 -21.14 -11.06 3.68
CA PRO A 24 -20.06 -11.06 4.66
C PRO A 24 -18.71 -10.74 4.00
N LEU A 25 -18.28 -9.51 4.14
CA LEU A 25 -17.06 -9.03 3.51
C LEU A 25 -15.85 -9.79 3.97
N SER A 26 -15.81 -10.08 5.26
CA SER A 26 -14.74 -10.81 5.86
C SER A 26 -14.51 -12.16 5.18
N THR A 27 -15.60 -12.76 4.75
CA THR A 27 -15.55 -14.03 4.09
C THR A 27 -14.85 -13.90 2.72
N PHE A 28 -15.27 -12.90 1.95
CA PHE A 28 -14.71 -12.68 0.63
C PHE A 28 -13.24 -12.24 0.64
N TYR A 29 -12.87 -11.30 1.51
CA TYR A 29 -11.46 -10.92 1.56
C TYR A 29 -10.55 -12.04 2.06
N THR A 30 -11.06 -12.89 2.94
CA THR A 30 -10.32 -14.08 3.38
C THR A 30 -9.98 -14.95 2.14
N GLN A 31 -10.97 -15.10 1.25
CA GLN A 31 -10.79 -15.84 0.00
C GLN A 31 -9.73 -15.18 -0.85
N LEU A 32 -9.77 -13.87 -0.91
CA LEU A 32 -8.84 -13.11 -1.72
C LEU A 32 -7.39 -13.30 -1.27
N VAL A 33 -7.17 -13.41 0.03
CA VAL A 33 -5.82 -13.59 0.60
C VAL A 33 -5.13 -14.85 0.04
N LEU A 34 -5.90 -15.88 -0.19
CA LEU A 34 -5.36 -17.15 -0.67
C LEU A 34 -5.39 -17.23 -2.18
N MET A 35 -6.03 -16.28 -2.79
CA MET A 35 -6.33 -16.34 -4.18
C MET A 35 -5.30 -15.55 -5.00
N PRO A 36 -4.62 -16.24 -5.96
CA PRO A 36 -3.54 -15.67 -6.79
C PRO A 36 -3.83 -14.29 -7.42
N GLN A 37 -5.10 -14.00 -7.66
CA GLN A 37 -5.49 -12.74 -8.29
C GLN A 37 -4.96 -11.50 -7.56
N VAL A 38 -4.92 -11.55 -6.22
CA VAL A 38 -4.45 -10.40 -5.45
C VAL A 38 -2.98 -10.09 -5.70
N LEU A 39 -2.21 -11.13 -6.02
CA LEU A 39 -0.81 -10.97 -6.38
C LEU A 39 -0.71 -10.27 -7.73
N HIS A 40 -1.69 -10.50 -8.60
CA HIS A 40 -1.74 -9.80 -9.88
C HIS A 40 -1.99 -8.32 -9.64
N TYR A 41 -2.95 -8.01 -8.76
CA TYR A 41 -3.25 -6.62 -8.40
C TYR A 41 -2.05 -5.95 -7.73
N ALA A 42 -1.24 -6.76 -7.07
CA ALA A 42 -0.03 -6.29 -6.40
C ALA A 42 0.95 -5.75 -7.42
N GLN A 43 0.99 -6.40 -8.58
CA GLN A 43 1.83 -5.99 -9.68
C GLN A 43 1.36 -4.64 -10.21
N TYR A 44 0.05 -4.47 -10.23
CA TYR A 44 -0.58 -3.28 -10.74
C TYR A 44 -0.47 -2.09 -9.78
N VAL A 45 -0.70 -2.33 -8.51
CA VAL A 45 -0.60 -1.27 -7.51
C VAL A 45 0.85 -0.78 -7.38
N LEU A 46 1.78 -1.70 -7.66
CA LEU A 46 3.20 -1.45 -7.63
C LEU A 46 3.58 -0.26 -8.52
N LEU A 47 2.84 -0.03 -9.61
CA LEU A 47 3.15 1.11 -10.50
C LEU A 47 3.07 2.43 -9.74
N GLY A 48 2.02 2.59 -8.96
CA GLY A 48 1.84 3.81 -8.20
C GLY A 48 2.85 3.93 -7.10
N LEU A 49 3.09 2.82 -6.42
CA LEU A 49 4.05 2.77 -5.32
C LEU A 49 5.45 3.09 -5.86
N GLY A 50 5.76 2.52 -7.00
CA GLY A 50 7.05 2.73 -7.63
C GLY A 50 7.25 4.17 -8.01
N GLY A 51 6.17 4.78 -8.49
CA GLY A 51 6.21 6.17 -8.86
C GLY A 51 6.49 7.07 -7.66
N LEU A 52 6.00 6.66 -6.50
CA LEU A 52 6.21 7.42 -5.27
C LEU A 52 7.68 7.35 -4.88
N LEU A 53 8.25 6.14 -4.88
CA LEU A 53 9.67 5.96 -4.53
C LEU A 53 10.60 6.68 -5.49
N LEU A 54 10.16 6.86 -6.72
CA LEU A 54 10.94 7.52 -7.74
C LEU A 54 11.16 8.99 -7.35
N LEU A 55 10.17 9.54 -6.68
CA LEU A 55 10.17 10.95 -6.28
C LEU A 55 11.08 11.21 -5.09
N VAL A 56 11.21 10.19 -4.24
CA VAL A 56 11.98 10.27 -2.97
C VAL A 56 13.40 10.93 -3.12
N PRO A 57 14.26 10.47 -4.08
CA PRO A 57 15.59 11.08 -4.27
C PRO A 57 15.51 12.58 -4.56
N ILE A 58 14.47 13.00 -5.27
CA ILE A 58 14.31 14.40 -5.62
C ILE A 58 13.79 15.19 -4.42
N ILE A 59 13.01 14.53 -3.57
CA ILE A 59 12.53 15.15 -2.34
C ILE A 59 13.72 15.41 -1.42
N CYS A 60 14.72 14.56 -1.53
CA CYS A 60 15.95 14.70 -0.78
C CYS A 60 16.83 15.78 -1.42
N GLN A 61 16.59 16.05 -2.69
CA GLN A 61 17.38 17.00 -3.48
C GLN A 61 16.93 18.37 -3.10
N LEU A 62 15.65 18.46 -2.97
CA LEU A 62 14.90 19.58 -2.58
C LEU A 62 15.46 20.15 -1.26
N ARG A 63 15.88 19.26 -0.38
CA ARG A 63 16.43 19.62 0.93
C ARG A 63 17.72 20.42 0.79
N SER A 64 18.39 20.28 -0.33
CA SER A 64 19.63 20.98 -0.57
C SER A 64 19.32 22.45 -0.92
N GLN A 65 18.12 22.70 -1.40
CA GLN A 65 17.70 24.05 -1.71
C GLN A 65 17.14 24.74 -0.48
N GLU A 66 16.46 23.97 0.37
CA GLU A 66 15.86 24.50 1.60
C GLU A 66 16.96 24.91 2.59
N LYS A 67 18.02 24.09 2.65
CA LYS A 67 19.22 24.32 3.48
C LYS A 67 18.93 24.38 4.99
N CYS A 68 19.98 24.51 5.76
CA CYS A 68 19.93 24.67 7.19
C CYS A 68 21.12 25.54 7.62
N PHE A 69 20.98 26.24 8.74
CA PHE A 69 22.03 27.14 9.20
C PHE A 69 23.15 26.42 9.93
N LEU A 70 22.93 25.16 10.24
CA LEU A 70 23.96 24.34 10.87
C LEU A 70 25.19 24.15 9.94
N PHE A 71 24.98 24.33 8.64
CA PHE A 71 26.04 24.24 7.66
C PHE A 71 26.50 25.64 7.27
N TRP A 72 25.68 26.63 7.62
CA TRP A 72 25.94 28.04 7.30
C TRP A 72 27.09 28.59 8.16
N SER A 73 27.29 27.98 9.30
CA SER A 73 28.37 28.34 10.17
C SER A 73 28.94 27.10 10.83
N GLY A 1 10.73 -7.81 2.72
CA GLY A 1 10.29 -7.57 1.34
C GLY A 1 9.72 -6.19 1.19
N SER A 2 10.03 -5.52 0.13
CA SER A 2 9.66 -4.13 -0.01
C SER A 2 8.14 -3.90 -0.03
N LYS A 3 7.42 -4.72 -0.73
CA LYS A 3 5.99 -4.57 -0.83
C LYS A 3 5.31 -5.13 0.44
N ILE A 4 5.95 -6.08 1.10
CA ILE A 4 5.28 -6.82 2.18
C ILE A 4 5.36 -6.12 3.56
N GLU A 5 6.40 -5.31 3.81
CA GLU A 5 6.44 -4.57 5.08
C GLU A 5 5.22 -3.65 5.24
N PRO A 6 4.94 -2.75 4.24
CA PRO A 6 3.76 -1.88 4.27
C PRO A 6 2.42 -2.65 4.16
N VAL A 7 2.46 -3.98 4.26
CA VAL A 7 1.26 -4.80 4.30
C VAL A 7 1.09 -5.40 5.70
N VAL A 8 2.19 -5.89 6.27
CA VAL A 8 2.13 -6.54 7.58
C VAL A 8 2.16 -5.57 8.75
N LEU A 9 2.89 -4.45 8.61
CA LEU A 9 2.91 -3.43 9.67
C LEU A 9 1.55 -2.81 9.96
N PRO A 10 0.82 -2.27 8.95
CA PRO A 10 -0.51 -1.70 9.19
C PRO A 10 -1.48 -2.73 9.75
N LEU A 11 -1.30 -3.99 9.34
CA LEU A 11 -2.12 -5.05 9.74
C LEU A 11 -1.98 -5.35 11.22
N LEU A 12 -0.78 -5.12 11.75
CA LEU A 12 -0.49 -5.31 13.16
C LEU A 12 -1.45 -4.47 13.99
N TRP A 13 -1.65 -3.25 13.57
CA TRP A 13 -2.50 -2.34 14.28
C TRP A 13 -3.98 -2.66 14.08
N PHE A 14 -4.35 -3.23 12.94
CA PHE A 14 -5.76 -3.52 12.69
C PHE A 14 -6.25 -4.68 13.52
N GLU A 15 -5.40 -5.69 13.66
CA GLU A 15 -5.77 -6.89 14.36
C GLU A 15 -5.81 -6.66 15.85
N GLN A 16 -4.86 -5.89 16.36
CA GLN A 16 -4.80 -5.65 17.80
C GLN A 16 -5.96 -4.75 18.25
N SER A 17 -6.46 -3.95 17.34
CA SER A 17 -7.53 -3.01 17.63
C SER A 17 -8.88 -3.67 17.46
N GLY A 18 -8.89 -4.83 16.79
CA GLY A 18 -10.13 -5.48 16.47
C GLY A 18 -10.94 -4.60 15.54
N ALA A 19 -10.23 -3.99 14.61
CA ALA A 19 -10.80 -3.01 13.69
C ALA A 19 -11.86 -3.61 12.77
N MET A 20 -11.76 -4.91 12.52
CA MET A 20 -12.72 -5.59 11.68
C MET A 20 -13.80 -6.23 12.55
N GLY A 21 -13.72 -6.00 13.85
CA GLY A 21 -14.62 -6.64 14.78
C GLY A 21 -14.21 -8.08 14.95
N GLY A 22 -12.92 -8.30 14.85
CA GLY A 22 -12.39 -9.61 14.86
C GLY A 22 -12.22 -10.03 13.44
N LYS A 23 -12.95 -11.07 13.06
CA LYS A 23 -13.00 -11.58 11.68
C LYS A 23 -11.62 -12.00 11.13
N PRO A 24 -11.43 -13.29 10.88
CA PRO A 24 -10.15 -13.84 10.41
C PRO A 24 -9.81 -13.54 8.92
N LEU A 25 -10.35 -12.45 8.36
CA LEU A 25 -10.06 -12.08 6.96
C LEU A 25 -8.58 -11.82 6.77
N SER A 26 -7.96 -11.30 7.81
CA SER A 26 -6.56 -11.01 7.82
C SER A 26 -5.73 -12.30 7.66
N THR A 27 -6.26 -13.37 8.20
CA THR A 27 -5.64 -14.65 8.12
C THR A 27 -5.77 -15.21 6.69
N PHE A 28 -6.92 -15.01 6.07
CA PHE A 28 -7.14 -15.49 4.71
C PHE A 28 -6.45 -14.67 3.62
N TYR A 29 -6.60 -13.33 3.64
CA TYR A 29 -6.11 -12.51 2.52
C TYR A 29 -4.62 -12.67 2.25
N THR A 30 -3.84 -12.92 3.29
CA THR A 30 -2.40 -13.12 3.14
C THR A 30 -2.07 -14.29 2.19
N GLN A 31 -2.93 -15.31 2.15
CA GLN A 31 -2.76 -16.42 1.23
C GLN A 31 -3.06 -15.96 -0.19
N LEU A 32 -3.94 -15.02 -0.30
CA LEU A 32 -4.31 -14.45 -1.58
C LEU A 32 -3.22 -13.51 -2.08
N VAL A 33 -2.47 -12.92 -1.16
CA VAL A 33 -1.35 -12.02 -1.47
C VAL A 33 -0.29 -12.71 -2.36
N LEU A 34 -0.14 -13.99 -2.20
CA LEU A 34 0.81 -14.76 -2.99
C LEU A 34 0.15 -15.32 -4.24
N MET A 35 -1.14 -15.13 -4.30
CA MET A 35 -1.99 -15.75 -5.28
C MET A 35 -2.26 -14.79 -6.45
N PRO A 36 -2.21 -15.31 -7.71
CA PRO A 36 -2.38 -14.54 -8.96
C PRO A 36 -3.45 -13.43 -8.95
N GLN A 37 -4.62 -13.71 -8.37
CA GLN A 37 -5.71 -12.74 -8.37
C GLN A 37 -5.33 -11.43 -7.65
N VAL A 38 -4.75 -11.55 -6.46
CA VAL A 38 -4.34 -10.38 -5.70
C VAL A 38 -3.06 -9.79 -6.29
N LEU A 39 -2.21 -10.66 -6.85
CA LEU A 39 -0.98 -10.21 -7.51
C LEU A 39 -1.29 -9.22 -8.63
N HIS A 40 -2.45 -9.41 -9.25
CA HIS A 40 -2.91 -8.54 -10.29
C HIS A 40 -3.08 -7.10 -9.75
N TYR A 41 -3.60 -6.97 -8.54
CA TYR A 41 -3.70 -5.66 -7.87
C TYR A 41 -2.37 -5.24 -7.26
N ALA A 42 -1.68 -6.20 -6.69
CA ALA A 42 -0.42 -5.97 -6.01
C ALA A 42 0.61 -5.34 -6.92
N GLN A 43 0.63 -5.76 -8.16
CA GLN A 43 1.54 -5.18 -9.13
C GLN A 43 1.14 -3.72 -9.43
N TYR A 44 -0.15 -3.43 -9.40
CA TYR A 44 -0.64 -2.11 -9.72
C TYR A 44 -0.17 -1.12 -8.68
N VAL A 45 -0.31 -1.49 -7.45
CA VAL A 45 0.11 -0.66 -6.36
C VAL A 45 1.66 -0.65 -6.25
N LEU A 46 2.29 -1.75 -6.64
CA LEU A 46 3.72 -1.85 -6.62
C LEU A 46 4.35 -0.91 -7.62
N LEU A 47 3.78 -0.82 -8.82
CA LEU A 47 4.26 0.14 -9.81
C LEU A 47 4.04 1.58 -9.35
N GLY A 48 2.95 1.80 -8.61
CA GLY A 48 2.71 3.11 -8.03
C GLY A 48 3.76 3.44 -6.99
N LEU A 49 4.15 2.41 -6.24
CA LEU A 49 5.21 2.50 -5.26
C LEU A 49 6.55 2.75 -5.96
N GLY A 50 6.67 2.19 -7.16
CA GLY A 50 7.85 2.43 -7.98
C GLY A 50 7.94 3.88 -8.36
N GLY A 51 6.80 4.46 -8.70
CA GLY A 51 6.74 5.87 -9.00
C GLY A 51 7.15 6.68 -7.79
N LEU A 52 6.68 6.27 -6.62
CA LEU A 52 7.02 6.94 -5.36
C LEU A 52 8.53 6.87 -5.14
N LEU A 53 9.11 5.71 -5.38
CA LEU A 53 10.55 5.48 -5.21
C LEU A 53 11.35 6.38 -6.19
N LEU A 54 10.74 6.70 -7.31
CA LEU A 54 11.33 7.58 -8.31
C LEU A 54 11.33 9.03 -7.80
N LEU A 55 10.29 9.40 -7.07
CA LEU A 55 10.18 10.73 -6.48
C LEU A 55 11.08 10.92 -5.26
N VAL A 56 11.35 9.84 -4.52
CA VAL A 56 12.18 9.89 -3.30
C VAL A 56 13.52 10.69 -3.48
N PRO A 57 14.38 10.37 -4.52
CA PRO A 57 15.62 11.13 -4.74
C PRO A 57 15.33 12.60 -5.04
N ILE A 58 14.18 12.86 -5.61
CA ILE A 58 13.75 14.21 -5.96
C ILE A 58 13.34 14.97 -4.71
N ILE A 59 12.64 14.29 -3.81
CA ILE A 59 12.18 14.90 -2.56
C ILE A 59 13.36 15.44 -1.76
N CYS A 60 14.45 14.69 -1.73
CA CYS A 60 15.61 15.11 -0.97
C CYS A 60 16.37 16.23 -1.69
N GLN A 61 16.05 16.43 -2.97
CA GLN A 61 16.63 17.53 -3.73
C GLN A 61 16.01 18.83 -3.24
N LEU A 62 14.72 18.77 -2.99
CA LEU A 62 14.00 19.91 -2.43
C LEU A 62 14.46 20.17 -1.01
N ARG A 63 14.73 19.09 -0.30
CA ARG A 63 15.25 19.18 1.06
C ARG A 63 16.67 19.74 1.05
N SER A 64 17.33 19.62 -0.08
CA SER A 64 18.64 20.19 -0.26
C SER A 64 18.50 21.65 -0.68
N GLN A 65 17.41 21.95 -1.40
CA GLN A 65 17.11 23.31 -1.82
C GLN A 65 16.75 24.16 -0.61
N GLU A 66 16.20 23.52 0.42
CA GLU A 66 15.88 24.19 1.67
C GLU A 66 17.14 24.46 2.49
N LYS A 67 18.26 23.87 2.07
CA LYS A 67 19.52 24.13 2.71
C LYS A 67 20.04 25.43 2.14
N CYS A 68 19.70 26.49 2.79
CA CYS A 68 20.03 27.79 2.33
C CYS A 68 20.42 28.69 3.47
N PHE A 69 20.82 29.89 3.14
CA PHE A 69 21.16 30.93 4.10
C PHE A 69 19.88 31.30 4.91
N LEU A 70 19.96 32.31 5.79
CA LEU A 70 18.83 32.75 6.65
C LEU A 70 17.55 32.90 5.80
N PHE A 71 17.72 33.53 4.62
CA PHE A 71 16.65 33.71 3.66
C PHE A 71 15.49 34.45 4.29
N TRP A 72 15.70 35.74 4.40
CA TRP A 72 14.80 36.67 5.06
C TRP A 72 13.36 36.64 4.51
N SER A 73 13.23 36.47 3.22
CA SER A 73 11.96 36.44 2.56
C SER A 73 11.19 35.16 2.91
N GLY A 1 -19.92 8.18 8.76
CA GLY A 1 -19.39 8.66 10.03
C GLY A 1 -18.06 8.04 10.32
N SER A 2 -17.26 8.67 11.14
CA SER A 2 -15.95 8.14 11.46
C SER A 2 -16.00 7.29 12.73
N LYS A 3 -17.12 7.31 13.43
CA LYS A 3 -17.28 6.55 14.68
C LYS A 3 -17.25 5.04 14.46
N ILE A 4 -17.59 4.60 13.27
CA ILE A 4 -17.73 3.17 12.99
C ILE A 4 -16.38 2.52 12.62
N GLU A 5 -15.43 3.33 12.20
CA GLU A 5 -14.12 2.82 11.78
C GLU A 5 -13.41 2.04 12.90
N PRO A 6 -13.23 2.65 14.12
CA PRO A 6 -12.62 1.94 15.26
C PRO A 6 -13.48 0.78 15.78
N VAL A 7 -14.70 0.66 15.25
CA VAL A 7 -15.61 -0.38 15.65
C VAL A 7 -15.38 -1.63 14.79
N VAL A 8 -15.12 -1.40 13.52
CA VAL A 8 -14.94 -2.48 12.56
C VAL A 8 -13.71 -3.33 12.85
N LEU A 9 -12.60 -2.69 13.23
CA LEU A 9 -11.35 -3.44 13.51
C LEU A 9 -11.51 -4.59 14.53
N PRO A 10 -11.95 -4.32 15.79
CA PRO A 10 -12.09 -5.37 16.80
C PRO A 10 -13.16 -6.40 16.41
N LEU A 11 -14.21 -5.94 15.76
CA LEU A 11 -15.31 -6.82 15.38
C LEU A 11 -14.95 -7.72 14.22
N LEU A 12 -14.07 -7.22 13.35
CA LEU A 12 -13.67 -7.94 12.15
C LEU A 12 -13.10 -9.31 12.48
N TRP A 13 -12.47 -9.44 13.64
CA TRP A 13 -11.94 -10.72 14.08
C TRP A 13 -13.05 -11.76 14.18
N PHE A 14 -14.16 -11.37 14.77
CA PHE A 14 -15.30 -12.26 14.92
C PHE A 14 -16.01 -12.44 13.57
N GLU A 15 -15.89 -11.43 12.73
CA GLU A 15 -16.49 -11.43 11.41
C GLU A 15 -15.78 -12.36 10.47
N GLN A 16 -14.50 -12.62 10.75
CA GLN A 16 -13.70 -13.52 9.94
C GLN A 16 -14.36 -14.89 9.86
N SER A 17 -14.93 -15.32 10.98
CA SER A 17 -15.59 -16.58 11.07
C SER A 17 -17.10 -16.45 10.93
N GLY A 18 -17.60 -15.24 11.14
CA GLY A 18 -19.02 -15.05 11.16
C GLY A 18 -19.55 -15.64 12.41
N ALA A 19 -18.82 -15.41 13.48
CA ALA A 19 -19.06 -15.98 14.79
C ALA A 19 -20.44 -15.61 15.37
N MET A 20 -21.00 -14.51 14.94
CA MET A 20 -22.34 -14.12 15.40
C MET A 20 -23.38 -14.47 14.36
N GLY A 21 -22.92 -14.99 13.23
CA GLY A 21 -23.80 -15.39 12.15
C GLY A 21 -24.48 -14.24 11.46
N GLY A 22 -23.95 -13.05 11.63
CA GLY A 22 -24.54 -11.89 11.03
C GLY A 22 -23.71 -11.33 9.91
N LYS A 23 -22.46 -11.70 9.85
CA LYS A 23 -21.57 -11.20 8.84
C LYS A 23 -20.98 -12.31 7.98
N PRO A 24 -21.70 -12.74 6.92
CA PRO A 24 -21.21 -13.74 6.00
C PRO A 24 -20.27 -13.14 4.95
N LEU A 25 -20.45 -11.86 4.65
CA LEU A 25 -19.64 -11.19 3.62
C LEU A 25 -18.25 -10.94 4.15
N SER A 26 -18.16 -10.64 5.43
CA SER A 26 -16.90 -10.39 6.08
C SER A 26 -16.06 -11.66 6.14
N THR A 27 -16.72 -12.80 6.20
CA THR A 27 -16.05 -14.09 6.22
C THR A 27 -15.25 -14.26 4.93
N PHE A 28 -15.88 -14.02 3.80
CA PHE A 28 -15.21 -14.16 2.52
C PHE A 28 -14.22 -13.05 2.24
N TYR A 29 -14.44 -11.86 2.78
CA TYR A 29 -13.59 -10.77 2.55
C TYR A 29 -12.25 -10.93 3.31
N THR A 30 -12.31 -11.52 4.47
CA THR A 30 -11.12 -11.72 5.28
C THR A 30 -10.21 -12.79 4.68
N GLN A 31 -10.80 -13.85 4.15
CA GLN A 31 -10.01 -14.86 3.44
C GLN A 31 -9.54 -14.31 2.08
N LEU A 32 -10.34 -13.42 1.50
CA LEU A 32 -10.06 -12.81 0.20
C LEU A 32 -8.71 -12.10 0.20
N VAL A 33 -8.41 -11.38 1.28
CA VAL A 33 -7.18 -10.60 1.36
C VAL A 33 -5.91 -11.47 1.28
N LEU A 34 -6.02 -12.72 1.69
CA LEU A 34 -4.87 -13.61 1.67
C LEU A 34 -4.78 -14.39 0.37
N MET A 35 -5.78 -14.24 -0.46
CA MET A 35 -5.81 -14.92 -1.75
C MET A 35 -4.93 -14.21 -2.77
N PRO A 36 -4.21 -14.98 -3.61
CA PRO A 36 -3.31 -14.43 -4.63
C PRO A 36 -4.01 -13.49 -5.63
N GLN A 37 -5.30 -13.69 -5.84
CA GLN A 37 -6.07 -12.85 -6.78
C GLN A 37 -6.02 -11.36 -6.45
N VAL A 38 -6.17 -11.01 -5.18
CA VAL A 38 -6.09 -9.61 -4.78
C VAL A 38 -4.63 -9.14 -4.81
N LEU A 39 -3.74 -10.08 -4.54
CA LEU A 39 -2.31 -9.83 -4.54
C LEU A 39 -1.83 -9.45 -5.94
N HIS A 40 -2.50 -9.99 -6.96
CA HIS A 40 -2.14 -9.67 -8.34
C HIS A 40 -2.35 -8.19 -8.62
N TYR A 41 -3.38 -7.61 -8.00
CA TYR A 41 -3.63 -6.19 -8.13
C TYR A 41 -2.54 -5.39 -7.45
N ALA A 42 -2.04 -5.91 -6.35
CA ALA A 42 -0.94 -5.29 -5.62
C ALA A 42 0.33 -5.32 -6.45
N GLN A 43 0.46 -6.37 -7.25
CA GLN A 43 1.56 -6.50 -8.19
C GLN A 43 1.46 -5.39 -9.24
N TYR A 44 0.23 -5.07 -9.64
CA TYR A 44 0.00 -3.95 -10.55
C TYR A 44 0.28 -2.63 -9.84
N VAL A 45 -0.15 -2.53 -8.58
CA VAL A 45 0.08 -1.35 -7.75
C VAL A 45 1.59 -1.07 -7.63
N LEU A 46 2.38 -2.13 -7.63
CA LEU A 46 3.81 -2.04 -7.58
C LEU A 46 4.38 -1.18 -8.73
N LEU A 47 3.77 -1.27 -9.90
CA LEU A 47 4.21 -0.47 -11.03
C LEU A 47 3.82 0.99 -10.85
N GLY A 48 2.62 1.22 -10.32
CA GLY A 48 2.19 2.58 -10.02
C GLY A 48 3.06 3.17 -8.92
N LEU A 49 3.41 2.33 -7.96
CA LEU A 49 4.29 2.64 -6.84
C LEU A 49 5.66 3.08 -7.38
N GLY A 50 6.05 2.52 -8.52
CA GLY A 50 7.29 2.87 -9.18
C GLY A 50 7.36 4.35 -9.55
N GLY A 51 6.20 5.01 -9.58
CA GLY A 51 6.15 6.43 -9.81
C GLY A 51 6.74 7.21 -8.64
N LEU A 52 6.64 6.63 -7.46
CA LEU A 52 7.16 7.24 -6.23
C LEU A 52 8.69 7.22 -6.28
N LEU A 53 9.24 6.20 -6.95
CA LEU A 53 10.68 6.00 -7.07
C LEU A 53 11.35 7.22 -7.75
N LEU A 54 10.59 7.93 -8.59
CA LEU A 54 11.05 9.13 -9.29
C LEU A 54 11.46 10.24 -8.28
N LEU A 55 10.88 10.18 -7.10
CA LEU A 55 11.13 11.15 -6.03
C LEU A 55 12.50 10.99 -5.38
N VAL A 56 13.06 9.78 -5.41
CA VAL A 56 14.37 9.51 -4.78
C VAL A 56 15.48 10.57 -5.15
N PRO A 57 15.70 10.91 -6.46
CA PRO A 57 16.67 11.96 -6.85
C PRO A 57 16.20 13.38 -6.46
N ILE A 58 14.94 13.48 -6.06
CA ILE A 58 14.31 14.74 -5.68
C ILE A 58 14.50 14.99 -4.17
N ILE A 59 15.01 13.99 -3.45
CA ILE A 59 15.26 14.16 -2.01
C ILE A 59 16.33 15.24 -1.80
N CYS A 60 17.18 15.39 -2.79
CA CYS A 60 18.19 16.43 -2.83
C CYS A 60 17.53 17.82 -2.87
N GLN A 61 16.33 17.88 -3.45
CA GLN A 61 15.59 19.12 -3.60
C GLN A 61 14.98 19.44 -2.24
N LEU A 62 14.66 18.38 -1.52
CA LEU A 62 14.13 18.49 -0.18
C LEU A 62 15.18 18.95 0.79
N ARG A 63 16.43 18.69 0.46
CA ARG A 63 17.51 19.19 1.28
C ARG A 63 17.58 20.71 1.15
N SER A 64 17.04 21.21 0.06
CA SER A 64 16.91 22.62 -0.17
C SER A 64 15.58 23.10 0.44
N GLN A 65 14.72 22.16 0.79
CA GLN A 65 13.47 22.48 1.44
C GLN A 65 13.68 22.63 2.94
N GLU A 66 14.47 21.74 3.51
CA GLU A 66 14.85 21.79 4.92
C GLU A 66 16.02 22.76 5.18
N LYS A 67 16.44 23.48 4.14
CA LYS A 67 17.60 24.41 4.18
C LYS A 67 17.63 25.34 5.42
N CYS A 68 16.47 25.84 5.83
CA CYS A 68 16.39 26.73 6.95
C CYS A 68 15.04 26.60 7.62
N PHE A 69 15.01 26.92 8.90
CA PHE A 69 13.80 26.95 9.71
C PHE A 69 13.95 28.04 10.72
N LEU A 70 12.85 28.48 11.32
CA LEU A 70 12.90 29.56 12.30
C LEU A 70 13.74 29.20 13.49
N PHE A 71 13.56 28.02 14.01
CA PHE A 71 14.31 27.61 15.15
C PHE A 71 14.77 26.16 14.99
N TRP A 72 14.34 25.54 13.88
CA TRP A 72 14.69 24.13 13.55
C TRP A 72 14.02 23.16 14.49
N SER A 73 12.96 23.64 15.15
CA SER A 73 12.18 22.89 16.13
C SER A 73 13.07 22.30 17.22
N GLY A 1 -8.81 -4.89 -12.59
CA GLY A 1 -8.64 -3.76 -13.50
C GLY A 1 -8.35 -2.51 -12.73
N SER A 2 -8.35 -1.38 -13.40
CA SER A 2 -8.05 -0.12 -12.75
C SER A 2 -9.32 0.53 -12.16
N LYS A 3 -10.44 -0.19 -12.22
CA LYS A 3 -11.70 0.35 -11.71
C LYS A 3 -11.77 0.25 -10.20
N ILE A 4 -11.18 -0.79 -9.66
CA ILE A 4 -11.24 -1.02 -8.21
C ILE A 4 -10.08 -0.28 -7.50
N GLU A 5 -9.18 0.27 -8.30
CA GLU A 5 -8.02 0.98 -7.78
C GLU A 5 -8.41 2.24 -6.99
N PRO A 6 -9.21 3.18 -7.58
CA PRO A 6 -9.66 4.38 -6.86
C PRO A 6 -10.62 4.03 -5.73
N VAL A 7 -11.13 2.82 -5.76
CA VAL A 7 -12.08 2.36 -4.76
C VAL A 7 -11.33 1.90 -3.50
N VAL A 8 -10.25 1.18 -3.69
CA VAL A 8 -9.50 0.67 -2.54
C VAL A 8 -8.72 1.77 -1.83
N LEU A 9 -8.38 2.83 -2.56
CA LEU A 9 -7.63 3.95 -1.99
C LEU A 9 -8.23 4.51 -0.69
N PRO A 10 -9.50 4.99 -0.68
CA PRO A 10 -10.09 5.50 0.52
C PRO A 10 -10.53 4.38 1.49
N LEU A 11 -10.78 3.19 0.94
CA LEU A 11 -11.22 2.08 1.76
C LEU A 11 -10.12 1.52 2.62
N LEU A 12 -8.94 1.30 2.03
CA LEU A 12 -7.81 0.73 2.78
C LEU A 12 -7.45 1.61 3.93
N TRP A 13 -7.50 2.89 3.71
CA TRP A 13 -7.19 3.85 4.73
C TRP A 13 -8.22 3.78 5.88
N PHE A 14 -9.47 3.63 5.52
CA PHE A 14 -10.55 3.57 6.50
C PHE A 14 -10.54 2.20 7.22
N GLU A 15 -10.05 1.21 6.53
CA GLU A 15 -9.95 -0.12 7.09
C GLU A 15 -8.76 -0.21 8.03
N GLN A 16 -7.65 0.41 7.66
CA GLN A 16 -6.43 0.33 8.46
C GLN A 16 -6.53 1.09 9.77
N SER A 17 -7.53 1.94 9.90
CA SER A 17 -7.74 2.66 11.12
C SER A 17 -8.56 1.83 12.10
N GLY A 18 -9.17 0.74 11.59
CA GLY A 18 -10.02 -0.10 12.40
C GLY A 18 -11.15 0.70 12.99
N ALA A 19 -11.69 1.57 12.17
CA ALA A 19 -12.72 2.52 12.58
C ALA A 19 -14.03 1.86 13.02
N MET A 20 -14.31 0.68 12.49
CA MET A 20 -15.52 -0.06 12.87
C MET A 20 -15.26 -0.95 14.06
N GLY A 21 -13.98 -1.05 14.44
CA GLY A 21 -13.59 -1.88 15.56
C GLY A 21 -13.75 -3.35 15.25
N GLY A 22 -13.71 -3.68 13.98
CA GLY A 22 -13.89 -5.04 13.56
C GLY A 22 -15.12 -5.20 12.72
N LYS A 23 -15.16 -6.24 11.92
CA LYS A 23 -16.28 -6.49 11.00
C LYS A 23 -16.13 -7.91 10.44
N PRO A 24 -17.24 -8.54 9.96
CA PRO A 24 -17.19 -9.90 9.36
C PRO A 24 -16.23 -9.96 8.17
N LEU A 25 -16.07 -8.82 7.52
CA LEU A 25 -15.18 -8.68 6.36
C LEU A 25 -13.71 -8.91 6.75
N SER A 26 -13.40 -8.68 8.03
CA SER A 26 -12.04 -8.78 8.54
C SER A 26 -11.46 -10.18 8.27
N THR A 27 -12.28 -11.21 8.44
CA THR A 27 -11.88 -12.58 8.23
C THR A 27 -11.43 -12.76 6.77
N PHE A 28 -12.10 -12.06 5.88
CA PHE A 28 -11.81 -12.10 4.48
C PHE A 28 -10.51 -11.41 4.15
N TYR A 29 -10.26 -10.25 4.78
CA TYR A 29 -9.01 -9.51 4.51
C TYR A 29 -7.80 -10.36 4.87
N THR A 30 -7.94 -11.14 5.93
CA THR A 30 -6.91 -12.03 6.39
C THR A 30 -6.60 -13.12 5.32
N GLN A 31 -7.64 -13.73 4.77
CA GLN A 31 -7.44 -14.75 3.73
C GLN A 31 -6.98 -14.10 2.42
N LEU A 32 -7.39 -12.86 2.20
CA LEU A 32 -7.04 -12.14 1.00
C LEU A 32 -5.54 -11.96 0.81
N VAL A 33 -4.76 -11.94 1.90
CA VAL A 33 -3.30 -11.71 1.79
C VAL A 33 -2.60 -12.84 0.99
N LEU A 34 -3.18 -14.02 1.00
CA LEU A 34 -2.65 -15.15 0.23
C LEU A 34 -3.45 -15.36 -1.02
N MET A 35 -4.48 -14.60 -1.16
CA MET A 35 -5.40 -14.77 -2.24
C MET A 35 -4.99 -13.88 -3.42
N PRO A 36 -4.90 -14.47 -4.64
CA PRO A 36 -4.50 -13.80 -5.90
C PRO A 36 -5.01 -12.35 -6.11
N GLN A 37 -6.17 -12.04 -5.53
CA GLN A 37 -6.77 -10.71 -5.63
C GLN A 37 -5.78 -9.62 -5.22
N VAL A 38 -5.12 -9.82 -4.08
CA VAL A 38 -4.16 -8.83 -3.62
C VAL A 38 -2.87 -8.92 -4.44
N LEU A 39 -2.55 -10.12 -4.90
CA LEU A 39 -1.33 -10.32 -5.68
C LEU A 39 -1.36 -9.54 -6.98
N HIS A 40 -2.54 -9.45 -7.58
CA HIS A 40 -2.67 -8.67 -8.80
C HIS A 40 -2.64 -7.19 -8.49
N TYR A 41 -3.10 -6.81 -7.31
CA TYR A 41 -3.15 -5.44 -6.94
C TYR A 41 -1.74 -4.98 -6.55
N ALA A 42 -0.96 -5.91 -6.02
CA ALA A 42 0.43 -5.68 -5.66
C ALA A 42 1.24 -5.36 -6.90
N GLN A 43 0.86 -5.97 -8.01
CA GLN A 43 1.48 -5.69 -9.27
C GLN A 43 1.19 -4.25 -9.67
N TYR A 44 -0.04 -3.83 -9.47
CA TYR A 44 -0.43 -2.45 -9.71
C TYR A 44 0.34 -1.50 -8.77
N VAL A 45 0.55 -1.95 -7.53
CA VAL A 45 1.35 -1.20 -6.56
C VAL A 45 2.77 -1.04 -7.07
N LEU A 46 3.31 -2.10 -7.68
CA LEU A 46 4.66 -2.09 -8.22
C LEU A 46 4.80 -1.01 -9.30
N LEU A 47 3.78 -0.85 -10.13
CA LEU A 47 3.78 0.21 -11.14
C LEU A 47 3.76 1.58 -10.48
N GLY A 48 2.96 1.72 -9.43
CA GLY A 48 2.90 2.96 -8.69
C GLY A 48 4.21 3.24 -7.95
N LEU A 49 4.82 2.18 -7.45
CA LEU A 49 6.10 2.24 -6.74
C LEU A 49 7.17 2.72 -7.72
N GLY A 50 7.03 2.32 -8.99
CA GLY A 50 7.93 2.77 -10.02
C GLY A 50 7.88 4.27 -10.18
N GLY A 51 6.67 4.81 -10.11
CA GLY A 51 6.47 6.24 -10.16
C GLY A 51 7.04 6.91 -8.94
N LEU A 52 6.79 6.30 -7.78
CA LEU A 52 7.30 6.78 -6.48
C LEU A 52 8.83 6.86 -6.56
N LEU A 53 9.42 5.85 -7.17
CA LEU A 53 10.87 5.74 -7.36
C LEU A 53 11.40 6.93 -8.17
N LEU A 54 10.58 7.43 -9.09
CA LEU A 54 10.94 8.57 -9.93
C LEU A 54 10.94 9.85 -9.07
N LEU A 55 10.02 9.93 -8.13
CA LEU A 55 9.92 11.07 -7.23
C LEU A 55 10.99 11.09 -6.15
N VAL A 56 11.49 9.90 -5.76
CA VAL A 56 12.51 9.78 -4.71
C VAL A 56 13.70 10.80 -4.83
N PRO A 57 14.35 10.97 -6.04
CA PRO A 57 15.43 11.96 -6.21
C PRO A 57 14.94 13.38 -5.87
N ILE A 58 13.68 13.66 -6.20
CA ILE A 58 13.08 14.97 -5.93
C ILE A 58 12.84 15.12 -4.43
N ILE A 59 12.42 14.04 -3.81
CA ILE A 59 12.20 13.98 -2.37
C ILE A 59 13.55 14.22 -1.63
N CYS A 60 14.63 13.88 -2.29
CA CYS A 60 15.96 14.07 -1.72
C CYS A 60 16.45 15.50 -1.99
N GLN A 61 15.80 16.19 -2.93
CA GLN A 61 16.20 17.56 -3.29
C GLN A 61 15.63 18.47 -2.25
N LEU A 62 14.52 18.03 -1.75
CA LEU A 62 13.73 18.60 -0.75
C LEU A 62 14.56 18.83 0.55
N ARG A 63 15.55 17.98 0.79
CA ARG A 63 16.43 18.17 1.95
C ARG A 63 17.33 19.38 1.79
N SER A 64 17.56 19.80 0.56
CA SER A 64 18.33 20.99 0.27
C SER A 64 17.43 22.20 0.47
N GLN A 65 16.16 21.99 0.18
CA GLN A 65 15.12 22.98 0.35
C GLN A 65 15.01 23.33 1.84
N GLU A 66 15.03 22.29 2.66
CA GLU A 66 14.90 22.41 4.12
C GLU A 66 16.14 22.99 4.79
N LYS A 67 17.21 23.23 4.03
CA LYS A 67 18.42 23.82 4.61
C LYS A 67 18.26 25.32 4.75
N CYS A 68 17.19 25.82 4.23
CA CYS A 68 16.83 27.20 4.31
C CYS A 68 15.35 27.27 4.66
N PHE A 69 14.89 28.42 5.16
CA PHE A 69 13.45 28.63 5.52
C PHE A 69 13.09 27.69 6.71
N LEU A 70 14.13 27.11 7.32
CA LEU A 70 14.00 26.15 8.41
C LEU A 70 13.57 26.77 9.74
N PHE A 71 13.70 28.07 9.84
CA PHE A 71 13.31 28.78 11.02
C PHE A 71 13.02 30.21 10.65
N TRP A 72 11.88 30.40 10.11
CA TRP A 72 11.43 31.72 9.71
C TRP A 72 10.44 32.25 10.74
N SER A 73 9.97 31.34 11.55
CA SER A 73 9.03 31.62 12.59
C SER A 73 9.01 30.40 13.51
N GLY A 1 -10.07 -24.59 21.11
CA GLY A 1 -10.73 -23.54 21.89
C GLY A 1 -12.18 -23.84 22.12
N SER A 2 -12.99 -23.53 21.11
CA SER A 2 -14.44 -23.78 21.11
C SER A 2 -15.27 -22.86 22.01
N LYS A 3 -14.67 -22.24 23.00
CA LYS A 3 -15.40 -21.27 23.80
C LYS A 3 -15.49 -19.93 23.08
N ILE A 4 -14.51 -19.66 22.21
CA ILE A 4 -14.48 -18.41 21.47
C ILE A 4 -15.29 -18.52 20.17
N GLU A 5 -15.51 -19.73 19.72
CA GLU A 5 -16.19 -19.98 18.44
C GLU A 5 -17.65 -19.45 18.41
N PRO A 6 -18.48 -19.74 19.46
CA PRO A 6 -19.85 -19.21 19.53
C PRO A 6 -19.87 -17.69 19.72
N VAL A 7 -18.72 -17.12 19.95
CA VAL A 7 -18.57 -15.69 20.12
C VAL A 7 -18.27 -15.04 18.76
N VAL A 8 -17.56 -15.78 17.92
CA VAL A 8 -17.17 -15.30 16.59
C VAL A 8 -18.39 -15.24 15.66
N LEU A 9 -19.25 -16.25 15.76
CA LEU A 9 -20.45 -16.34 14.90
C LEU A 9 -21.31 -15.06 14.85
N PRO A 10 -21.81 -14.53 16.00
CA PRO A 10 -22.63 -13.32 16.00
C PRO A 10 -21.83 -12.10 15.50
N LEU A 11 -20.52 -12.12 15.72
CA LEU A 11 -19.67 -11.04 15.29
C LEU A 11 -19.60 -10.96 13.79
N LEU A 12 -19.64 -12.12 13.13
CA LEU A 12 -19.60 -12.24 11.67
C LEU A 12 -20.71 -11.48 11.03
N TRP A 13 -21.86 -11.46 11.71
CA TRP A 13 -23.04 -10.79 11.16
C TRP A 13 -22.76 -9.30 10.97
N PHE A 14 -22.04 -8.72 11.91
CA PHE A 14 -21.73 -7.31 11.83
C PHE A 14 -20.68 -7.05 10.76
N GLU A 15 -19.87 -8.05 10.52
CA GLU A 15 -18.77 -7.97 9.58
C GLU A 15 -19.31 -8.08 8.16
N GLN A 16 -20.20 -9.03 7.95
CA GLN A 16 -20.76 -9.26 6.64
C GLN A 16 -21.70 -8.13 6.23
N SER A 17 -22.13 -7.36 7.22
CA SER A 17 -22.98 -6.21 7.01
C SER A 17 -22.11 -4.95 6.92
N GLY A 18 -20.91 -5.01 7.49
CA GLY A 18 -20.01 -3.87 7.52
C GLY A 18 -20.47 -2.83 8.51
N ALA A 19 -21.30 -3.26 9.45
CA ALA A 19 -21.92 -2.37 10.42
C ALA A 19 -20.92 -1.81 11.42
N MET A 20 -20.07 -2.68 11.93
CA MET A 20 -19.06 -2.27 12.92
C MET A 20 -17.72 -2.00 12.26
N GLY A 21 -17.73 -1.91 10.94
CA GLY A 21 -16.53 -1.58 10.21
C GLY A 21 -15.72 -2.79 9.82
N GLY A 22 -16.16 -3.94 10.27
CA GLY A 22 -15.51 -5.15 9.91
C GLY A 22 -16.07 -5.65 8.63
N LYS A 23 -15.32 -6.46 7.92
CA LYS A 23 -15.77 -6.93 6.63
C LYS A 23 -15.15 -8.28 6.30
N PRO A 24 -15.88 -9.14 5.55
CA PRO A 24 -15.42 -10.50 5.18
C PRO A 24 -14.17 -10.45 4.31
N LEU A 25 -14.01 -9.35 3.60
CA LEU A 25 -12.87 -9.16 2.70
C LEU A 25 -11.55 -9.24 3.44
N SER A 26 -11.55 -8.93 4.73
CA SER A 26 -10.36 -9.03 5.55
C SER A 26 -9.86 -10.48 5.58
N THR A 27 -10.79 -11.40 5.62
CA THR A 27 -10.48 -12.79 5.56
C THR A 27 -10.11 -13.19 4.11
N PHE A 28 -10.97 -12.83 3.16
CA PHE A 28 -10.79 -13.19 1.76
C PHE A 28 -9.53 -12.64 1.09
N TYR A 29 -9.06 -11.43 1.45
CA TYR A 29 -7.87 -10.88 0.77
C TYR A 29 -6.67 -11.83 0.79
N THR A 30 -6.58 -12.61 1.87
CA THR A 30 -5.55 -13.60 2.04
C THR A 30 -5.48 -14.56 0.83
N GLN A 31 -6.65 -15.05 0.38
CA GLN A 31 -6.70 -15.98 -0.72
C GLN A 31 -6.37 -15.27 -2.04
N LEU A 32 -6.77 -14.01 -2.15
CA LEU A 32 -6.43 -13.20 -3.33
C LEU A 32 -4.92 -13.04 -3.46
N VAL A 33 -4.29 -12.75 -2.35
CA VAL A 33 -2.84 -12.56 -2.27
C VAL A 33 -2.05 -13.81 -2.73
N LEU A 34 -2.61 -14.98 -2.46
CA LEU A 34 -1.93 -16.22 -2.81
C LEU A 34 -2.22 -16.68 -4.23
N MET A 35 -3.15 -16.00 -4.89
CA MET A 35 -3.48 -16.31 -6.27
C MET A 35 -2.53 -15.56 -7.19
N PRO A 36 -1.71 -16.30 -7.99
CA PRO A 36 -0.63 -15.73 -8.81
C PRO A 36 -1.06 -14.56 -9.71
N GLN A 37 -2.22 -14.66 -10.34
CA GLN A 37 -2.65 -13.61 -11.26
C GLN A 37 -3.03 -12.36 -10.48
N VAL A 38 -3.73 -12.56 -9.38
CA VAL A 38 -4.17 -11.45 -8.54
C VAL A 38 -2.96 -10.81 -7.86
N LEU A 39 -1.96 -11.64 -7.60
CA LEU A 39 -0.70 -11.22 -7.03
C LEU A 39 -0.03 -10.19 -7.98
N HIS A 40 -0.25 -10.34 -9.29
CA HIS A 40 0.27 -9.36 -10.26
C HIS A 40 -0.44 -8.02 -10.11
N TYR A 41 -1.72 -8.05 -9.80
CA TYR A 41 -2.48 -6.82 -9.55
C TYR A 41 -2.03 -6.16 -8.26
N ALA A 42 -1.55 -6.97 -7.35
CA ALA A 42 -0.97 -6.48 -6.11
C ALA A 42 0.33 -5.74 -6.43
N GLN A 43 1.04 -6.23 -7.44
CA GLN A 43 2.22 -5.55 -7.91
C GLN A 43 1.83 -4.24 -8.58
N TYR A 44 0.74 -4.26 -9.34
CA TYR A 44 0.28 -3.06 -10.03
C TYR A 44 -0.14 -1.96 -9.09
N VAL A 45 -0.78 -2.34 -8.00
CA VAL A 45 -1.17 -1.36 -7.01
C VAL A 45 0.07 -0.85 -6.27
N LEU A 46 1.08 -1.73 -6.15
CA LEU A 46 2.35 -1.39 -5.56
C LEU A 46 3.07 -0.34 -6.42
N LEU A 47 3.04 -0.53 -7.75
CA LEU A 47 3.62 0.46 -8.68
C LEU A 47 3.02 1.86 -8.48
N GLY A 48 1.74 1.91 -8.10
CA GLY A 48 1.11 3.19 -7.80
C GLY A 48 1.82 3.90 -6.66
N LEU A 49 2.19 3.12 -5.65
CA LEU A 49 2.96 3.62 -4.52
C LEU A 49 4.39 3.92 -4.98
N GLY A 50 4.89 3.08 -5.87
CA GLY A 50 6.22 3.25 -6.43
C GLY A 50 6.36 4.56 -7.18
N GLY A 51 5.27 5.01 -7.80
CA GLY A 51 5.25 6.28 -8.47
C GLY A 51 5.45 7.41 -7.48
N LEU A 52 4.76 7.32 -6.36
CA LEU A 52 4.86 8.30 -5.28
C LEU A 52 6.31 8.28 -4.74
N LEU A 53 6.83 7.08 -4.60
CA LEU A 53 8.18 6.84 -4.11
C LEU A 53 9.23 7.52 -5.01
N LEU A 54 8.92 7.67 -6.29
CA LEU A 54 9.84 8.28 -7.25
C LEU A 54 10.14 9.76 -6.89
N LEU A 55 9.15 10.43 -6.33
CA LEU A 55 9.29 11.83 -5.95
C LEU A 55 10.13 11.96 -4.69
N VAL A 56 10.06 10.95 -3.84
CA VAL A 56 10.72 10.95 -2.53
C VAL A 56 12.24 11.31 -2.57
N PRO A 57 13.10 10.63 -3.38
CA PRO A 57 14.52 10.97 -3.47
C PRO A 57 14.73 12.38 -4.00
N ILE A 58 13.83 12.81 -4.88
CA ILE A 58 13.90 14.14 -5.45
C ILE A 58 13.61 15.17 -4.37
N ILE A 59 12.63 14.87 -3.52
CA ILE A 59 12.28 15.73 -2.38
C ILE A 59 13.48 15.84 -1.42
N CYS A 60 14.22 14.75 -1.31
CA CYS A 60 15.40 14.69 -0.46
C CYS A 60 16.54 15.53 -1.06
N GLN A 61 16.50 15.68 -2.38
CA GLN A 61 17.49 16.44 -3.10
C GLN A 61 17.27 17.90 -2.95
N LEU A 62 16.06 18.26 -2.62
CA LEU A 62 15.68 19.64 -2.48
C LEU A 62 16.33 20.29 -1.27
N ARG A 63 16.48 19.53 -0.20
CA ARG A 63 17.15 20.07 1.00
C ARG A 63 18.61 20.31 0.71
N SER A 64 19.12 19.62 -0.28
CA SER A 64 20.47 19.80 -0.71
C SER A 64 20.52 20.90 -1.79
N GLN A 65 19.47 20.97 -2.59
CA GLN A 65 19.37 21.90 -3.68
C GLN A 65 19.26 23.33 -3.17
N GLU A 66 18.49 23.54 -2.11
CA GLU A 66 18.35 24.87 -1.50
C GLU A 66 19.64 25.36 -0.80
N LYS A 67 20.67 24.54 -0.79
CA LYS A 67 21.92 24.94 -0.16
C LYS A 67 22.76 25.79 -1.11
N CYS A 68 22.51 25.68 -2.39
CA CYS A 68 23.27 26.42 -3.38
C CYS A 68 22.33 27.00 -4.41
N PHE A 69 22.74 28.12 -5.02
CA PHE A 69 21.96 28.82 -6.04
C PHE A 69 20.55 29.18 -5.55
N LEU A 70 20.45 30.32 -4.92
CA LEU A 70 19.24 30.75 -4.26
C LEU A 70 18.14 31.13 -5.23
N PHE A 71 18.52 31.77 -6.33
CA PHE A 71 17.52 32.25 -7.29
C PHE A 71 16.85 31.09 -8.01
N TRP A 72 17.61 30.33 -8.74
CA TRP A 72 17.10 29.20 -9.44
C TRP A 72 18.23 28.23 -9.68
N SER A 73 17.93 26.98 -9.62
CA SER A 73 18.89 25.96 -9.82
C SER A 73 18.25 24.86 -10.66
N GLY A 1 -1.53 -30.56 -7.28
CA GLY A 1 -2.16 -29.32 -6.81
C GLY A 1 -3.35 -29.62 -5.97
N SER A 2 -4.19 -28.59 -5.73
CA SER A 2 -5.43 -28.73 -4.97
C SER A 2 -5.18 -29.12 -3.49
N LYS A 3 -3.99 -28.83 -3.02
CA LYS A 3 -3.59 -29.18 -1.65
C LYS A 3 -4.23 -28.24 -0.64
N ILE A 4 -4.22 -26.98 -0.95
CA ILE A 4 -4.66 -25.95 -0.01
C ILE A 4 -6.19 -25.74 -0.07
N GLU A 5 -6.83 -26.32 -1.05
CA GLU A 5 -8.25 -26.14 -1.26
C GLU A 5 -9.06 -26.65 -0.03
N PRO A 6 -8.90 -27.94 0.38
CA PRO A 6 -9.58 -28.50 1.56
C PRO A 6 -8.97 -28.02 2.88
N VAL A 7 -8.00 -27.11 2.82
CA VAL A 7 -7.35 -26.60 4.01
C VAL A 7 -7.97 -25.27 4.42
N VAL A 8 -8.25 -24.41 3.46
CA VAL A 8 -8.82 -23.10 3.74
C VAL A 8 -10.32 -23.18 4.03
N LEU A 9 -10.96 -24.23 3.54
CA LEU A 9 -12.38 -24.43 3.74
C LEU A 9 -12.79 -24.59 5.21
N PRO A 10 -12.18 -25.55 5.98
CA PRO A 10 -12.55 -25.74 7.38
C PRO A 10 -12.22 -24.51 8.23
N LEU A 11 -11.32 -23.67 7.73
CA LEU A 11 -10.96 -22.44 8.42
C LEU A 11 -12.13 -21.49 8.42
N LEU A 12 -12.90 -21.53 7.34
CA LEU A 12 -14.11 -20.73 7.21
C LEU A 12 -15.15 -21.24 8.18
N TRP A 13 -15.33 -22.53 8.14
CA TRP A 13 -16.24 -23.25 9.03
C TRP A 13 -15.90 -22.98 10.51
N PHE A 14 -14.62 -22.98 10.83
CA PHE A 14 -14.17 -22.71 12.19
C PHE A 14 -14.30 -21.23 12.53
N GLU A 15 -14.25 -20.40 11.53
CA GLU A 15 -14.32 -18.97 11.71
C GLU A 15 -15.72 -18.60 12.19
N GLN A 16 -16.68 -19.40 11.77
CA GLN A 16 -18.09 -19.21 12.12
C GLN A 16 -18.32 -19.35 13.62
N SER A 17 -17.46 -20.12 14.26
CA SER A 17 -17.58 -20.37 15.67
C SER A 17 -17.26 -19.12 16.50
N GLY A 18 -16.34 -18.30 15.99
CA GLY A 18 -15.89 -17.14 16.76
C GLY A 18 -15.20 -17.59 18.03
N ALA A 19 -14.56 -18.74 17.95
CA ALA A 19 -13.93 -19.40 19.10
C ALA A 19 -12.78 -18.60 19.68
N MET A 20 -12.16 -17.79 18.86
CA MET A 20 -11.02 -17.01 19.30
C MET A 20 -11.42 -15.58 19.61
N GLY A 21 -12.73 -15.34 19.62
CA GLY A 21 -13.25 -14.03 19.97
C GLY A 21 -13.27 -13.06 18.80
N GLY A 22 -13.21 -13.57 17.60
CA GLY A 22 -13.23 -12.72 16.44
C GLY A 22 -11.84 -12.31 16.02
N LYS A 23 -11.32 -12.98 15.06
CA LYS A 23 -9.98 -12.71 14.62
C LYS A 23 -9.92 -11.62 13.57
N PRO A 24 -8.93 -10.71 13.67
CA PRO A 24 -8.78 -9.58 12.75
C PRO A 24 -8.41 -10.01 11.34
N LEU A 25 -8.61 -9.11 10.39
CA LEU A 25 -8.34 -9.34 8.97
C LEU A 25 -6.89 -9.65 8.72
N SER A 26 -6.04 -9.17 9.61
CA SER A 26 -4.62 -9.41 9.54
C SER A 26 -4.30 -10.93 9.52
N THR A 27 -5.17 -11.75 10.10
CA THR A 27 -4.99 -13.20 10.08
C THR A 27 -5.36 -13.76 8.69
N PHE A 28 -6.37 -13.17 8.09
CA PHE A 28 -6.96 -13.59 6.82
C PHE A 28 -6.03 -13.46 5.61
N TYR A 29 -5.03 -12.57 5.69
CA TYR A 29 -4.18 -12.24 4.52
C TYR A 29 -3.58 -13.48 3.86
N THR A 30 -3.29 -14.53 4.63
CA THR A 30 -2.72 -15.76 4.10
C THR A 30 -3.60 -16.36 2.99
N GLN A 31 -4.90 -16.49 3.25
CA GLN A 31 -5.84 -16.96 2.25
C GLN A 31 -6.11 -15.90 1.19
N LEU A 32 -6.00 -14.65 1.58
CA LEU A 32 -6.25 -13.53 0.67
C LEU A 32 -5.15 -13.40 -0.41
N VAL A 33 -3.89 -13.60 -0.02
CA VAL A 33 -2.74 -13.45 -0.93
C VAL A 33 -2.75 -14.42 -2.11
N LEU A 34 -3.45 -15.54 -1.96
CA LEU A 34 -3.54 -16.52 -3.03
C LEU A 34 -4.59 -16.13 -4.05
N MET A 35 -5.41 -15.19 -3.67
CA MET A 35 -6.58 -14.84 -4.41
C MET A 35 -6.29 -13.74 -5.45
N PRO A 36 -6.50 -14.07 -6.76
CA PRO A 36 -6.20 -13.21 -7.94
C PRO A 36 -6.48 -11.71 -7.76
N GLN A 37 -7.50 -11.36 -6.99
CA GLN A 37 -7.89 -9.96 -6.79
C GLN A 37 -6.73 -9.12 -6.28
N VAL A 38 -6.02 -9.63 -5.29
CA VAL A 38 -4.92 -8.86 -4.71
C VAL A 38 -3.72 -8.82 -5.63
N LEU A 39 -3.53 -9.87 -6.42
CA LEU A 39 -2.42 -9.92 -7.36
C LEU A 39 -2.58 -8.86 -8.44
N HIS A 40 -3.84 -8.61 -8.79
CA HIS A 40 -4.16 -7.58 -9.77
C HIS A 40 -3.73 -6.20 -9.23
N TYR A 41 -3.95 -5.99 -7.95
CA TYR A 41 -3.56 -4.75 -7.31
C TYR A 41 -2.06 -4.70 -7.03
N ALA A 42 -1.48 -5.88 -6.86
CA ALA A 42 -0.04 -6.01 -6.65
C ALA A 42 0.72 -5.53 -7.88
N GLN A 43 0.12 -5.75 -9.04
CA GLN A 43 0.66 -5.26 -10.30
C GLN A 43 0.70 -3.74 -10.27
N TYR A 44 -0.38 -3.14 -9.78
CA TYR A 44 -0.49 -1.70 -9.65
C TYR A 44 0.48 -1.12 -8.64
N VAL A 45 0.55 -1.74 -7.47
CA VAL A 45 1.40 -1.25 -6.39
C VAL A 45 2.87 -1.32 -6.81
N LEU A 46 3.20 -2.28 -7.68
CA LEU A 46 4.51 -2.44 -8.23
C LEU A 46 4.96 -1.14 -8.93
N LEU A 47 4.04 -0.54 -9.68
CA LEU A 47 4.30 0.73 -10.35
C LEU A 47 4.41 1.86 -9.34
N GLY A 48 3.66 1.74 -8.26
CA GLY A 48 3.70 2.73 -7.21
C GLY A 48 5.07 2.78 -6.55
N LEU A 49 5.58 1.61 -6.18
CA LEU A 49 6.92 1.52 -5.60
C LEU A 49 7.98 1.91 -6.61
N GLY A 50 7.77 1.55 -7.86
CA GLY A 50 8.69 1.90 -8.92
C GLY A 50 8.77 3.40 -9.10
N GLY A 51 7.61 4.04 -9.10
CA GLY A 51 7.54 5.46 -9.23
C GLY A 51 8.08 6.15 -8.00
N LEU A 52 7.78 5.59 -6.83
CA LEU A 52 8.26 6.13 -5.55
C LEU A 52 9.78 6.08 -5.49
N LEU A 53 10.36 5.09 -6.15
CA LEU A 53 11.80 4.92 -6.22
C LEU A 53 12.45 6.13 -6.92
N LEU A 54 11.69 6.78 -7.79
CA LEU A 54 12.15 7.96 -8.51
C LEU A 54 12.12 9.17 -7.58
N LEU A 55 11.20 9.15 -6.63
CA LEU A 55 11.04 10.24 -5.68
C LEU A 55 12.11 10.23 -4.61
N VAL A 56 12.62 9.05 -4.26
CA VAL A 56 13.66 8.92 -3.21
C VAL A 56 14.87 9.91 -3.40
N PRO A 57 15.53 9.96 -4.59
CA PRO A 57 16.62 10.93 -4.84
C PRO A 57 16.09 12.37 -4.82
N ILE A 58 14.84 12.54 -5.22
CA ILE A 58 14.21 13.84 -5.24
C ILE A 58 13.98 14.33 -3.81
N ILE A 59 13.66 13.41 -2.90
CA ILE A 59 13.44 13.73 -1.49
C ILE A 59 14.71 14.38 -0.90
N CYS A 60 15.85 13.98 -1.43
CA CYS A 60 17.12 14.49 -1.01
C CYS A 60 17.34 15.90 -1.59
N GLN A 61 16.79 16.14 -2.77
CA GLN A 61 16.91 17.44 -3.44
C GLN A 61 15.94 18.42 -2.83
N LEU A 62 14.86 17.86 -2.28
CA LEU A 62 13.80 18.60 -1.62
C LEU A 62 14.27 19.51 -0.54
N ARG A 63 15.45 19.27 0.03
CA ARG A 63 15.92 20.13 1.10
C ARG A 63 16.10 21.58 0.58
N SER A 64 16.26 21.72 -0.73
CA SER A 64 16.34 23.03 -1.35
C SER A 64 14.92 23.60 -1.56
N GLN A 65 13.98 22.69 -1.83
CA GLN A 65 12.58 23.03 -2.09
C GLN A 65 11.88 23.38 -0.77
N GLU A 66 12.31 22.71 0.28
CA GLU A 66 11.79 22.83 1.63
C GLU A 66 12.12 24.20 2.22
N LYS A 67 13.14 24.85 1.68
CA LYS A 67 13.57 26.14 2.17
C LYS A 67 12.53 27.21 1.88
N CYS A 68 11.73 27.46 2.87
CA CYS A 68 10.70 28.46 2.83
C CYS A 68 10.62 29.04 4.22
N PHE A 69 9.82 30.04 4.44
CA PHE A 69 9.76 30.63 5.75
C PHE A 69 8.32 30.55 6.30
N LEU A 70 7.52 29.69 5.68
CA LEU A 70 6.14 29.48 6.11
C LEU A 70 6.14 28.79 7.48
N PHE A 71 6.99 27.80 7.61
CA PHE A 71 7.21 27.10 8.85
C PHE A 71 8.35 26.11 8.64
N TRP A 72 9.54 26.63 8.72
CA TRP A 72 10.73 25.84 8.46
C TRP A 72 11.79 26.17 9.48
N SER A 73 12.11 27.47 9.58
CA SER A 73 13.09 27.98 10.51
C SER A 73 14.48 27.39 10.21
N GLY A 1 -19.34 -4.24 18.63
CA GLY A 1 -18.25 -4.57 17.71
C GLY A 1 -17.60 -3.34 17.12
N SER A 2 -16.55 -3.55 16.33
CA SER A 2 -15.78 -2.50 15.65
C SER A 2 -15.24 -1.40 16.59
N LYS A 3 -15.12 -1.74 17.86
CA LYS A 3 -14.64 -0.81 18.90
C LYS A 3 -13.15 -0.56 18.72
N ILE A 4 -12.50 -1.47 18.05
CA ILE A 4 -11.07 -1.37 17.82
C ILE A 4 -10.79 -0.52 16.56
N GLU A 5 -11.81 -0.29 15.75
CA GLU A 5 -11.65 0.47 14.51
C GLU A 5 -11.21 1.92 14.75
N PRO A 6 -11.85 2.69 15.70
CA PRO A 6 -11.41 4.06 16.03
C PRO A 6 -10.00 4.11 16.63
N VAL A 7 -9.46 2.95 16.95
CA VAL A 7 -8.10 2.85 17.47
C VAL A 7 -7.14 2.71 16.28
N VAL A 8 -7.65 2.13 15.20
CA VAL A 8 -6.88 1.90 13.99
C VAL A 8 -6.60 3.24 13.29
N LEU A 9 -7.52 4.19 13.39
CA LEU A 9 -7.31 5.51 12.78
C LEU A 9 -6.03 6.22 13.25
N PRO A 10 -5.81 6.43 14.58
CA PRO A 10 -4.57 7.03 15.05
C PRO A 10 -3.35 6.20 14.63
N LEU A 11 -3.55 4.88 14.59
CA LEU A 11 -2.49 3.96 14.19
C LEU A 11 -2.22 4.03 12.70
N LEU A 12 -3.19 4.49 11.93
CA LEU A 12 -3.06 4.64 10.49
C LEU A 12 -1.99 5.64 10.17
N TRP A 13 -2.04 6.79 10.82
CA TRP A 13 -1.04 7.85 10.60
C TRP A 13 0.35 7.31 10.93
N PHE A 14 0.38 6.43 11.89
CA PHE A 14 1.58 5.83 12.38
C PHE A 14 2.11 4.80 11.38
N GLU A 15 1.17 4.15 10.71
CA GLU A 15 1.45 3.15 9.73
C GLU A 15 2.07 3.80 8.50
N GLN A 16 1.56 4.98 8.16
CA GLN A 16 1.98 5.75 6.98
C GLN A 16 3.49 5.99 6.97
N SER A 17 3.99 6.50 8.07
CA SER A 17 5.39 6.85 8.20
C SER A 17 6.26 5.60 8.40
N GLY A 18 5.62 4.46 8.65
CA GLY A 18 6.37 3.26 8.94
C GLY A 18 7.07 3.39 10.26
N ALA A 19 6.45 4.15 11.15
CA ALA A 19 6.96 4.51 12.46
C ALA A 19 7.25 3.28 13.33
N MET A 20 6.60 2.17 13.00
CA MET A 20 6.74 0.93 13.74
C MET A 20 8.09 0.25 13.40
N GLY A 21 8.81 0.82 12.44
CA GLY A 21 10.07 0.25 12.02
C GLY A 21 9.84 -0.67 10.86
N GLY A 22 8.86 -0.33 10.08
CA GLY A 22 8.47 -1.11 8.96
C GLY A 22 7.02 -0.87 8.69
N LYS A 23 6.36 -1.81 8.10
CA LYS A 23 4.98 -1.68 7.78
C LYS A 23 4.28 -2.93 8.29
N PRO A 24 3.08 -2.81 8.92
CA PRO A 24 2.33 -3.99 9.44
C PRO A 24 2.09 -5.04 8.36
N LEU A 25 2.10 -4.59 7.10
CA LEU A 25 1.97 -5.44 5.92
C LEU A 25 2.96 -6.60 5.91
N SER A 26 4.10 -6.43 6.59
CA SER A 26 5.11 -7.48 6.69
C SER A 26 4.49 -8.80 7.21
N THR A 27 3.54 -8.69 8.13
CA THR A 27 2.86 -9.87 8.61
C THR A 27 1.81 -10.37 7.60
N PHE A 28 1.06 -9.45 7.03
CA PHE A 28 -0.06 -9.76 6.15
C PHE A 28 0.31 -10.24 4.74
N TYR A 29 1.36 -9.66 4.14
CA TYR A 29 1.66 -9.90 2.70
C TYR A 29 1.76 -11.39 2.36
N THR A 30 2.25 -12.20 3.29
CA THR A 30 2.42 -13.62 3.07
C THR A 30 1.12 -14.30 2.62
N GLN A 31 -0.02 -13.96 3.26
CA GLN A 31 -1.28 -14.56 2.87
C GLN A 31 -1.71 -14.05 1.50
N LEU A 32 -1.34 -12.81 1.17
CA LEU A 32 -1.63 -12.24 -0.14
C LEU A 32 -0.79 -12.93 -1.22
N VAL A 33 0.42 -13.34 -0.86
CA VAL A 33 1.31 -14.04 -1.77
C VAL A 33 0.72 -15.38 -2.20
N LEU A 34 0.13 -16.07 -1.26
CA LEU A 34 -0.43 -17.37 -1.56
C LEU A 34 -1.80 -17.29 -2.22
N MET A 35 -2.43 -16.12 -2.16
CA MET A 35 -3.72 -15.90 -2.79
C MET A 35 -3.55 -15.20 -4.14
N PRO A 36 -3.61 -15.96 -5.26
CA PRO A 36 -3.38 -15.42 -6.61
C PRO A 36 -4.24 -14.21 -6.97
N GLN A 37 -5.52 -14.24 -6.59
CA GLN A 37 -6.44 -13.17 -6.93
C GLN A 37 -6.03 -11.81 -6.36
N VAL A 38 -5.69 -11.78 -5.07
CA VAL A 38 -5.29 -10.53 -4.45
C VAL A 38 -3.87 -10.15 -4.86
N LEU A 39 -3.02 -11.16 -5.06
CA LEU A 39 -1.63 -10.99 -5.48
C LEU A 39 -1.52 -10.13 -6.74
N HIS A 40 -2.53 -10.21 -7.59
CA HIS A 40 -2.58 -9.43 -8.84
C HIS A 40 -2.42 -7.93 -8.62
N TYR A 41 -2.82 -7.43 -7.44
CA TYR A 41 -2.76 -5.99 -7.18
C TYR A 41 -1.31 -5.50 -7.24
N ALA A 42 -0.36 -6.41 -6.96
CA ALA A 42 1.08 -6.11 -6.97
C ALA A 42 1.51 -5.51 -8.31
N GLN A 43 0.88 -5.97 -9.39
CA GLN A 43 1.19 -5.48 -10.71
C GLN A 43 0.62 -4.09 -10.91
N TYR A 44 -0.50 -3.85 -10.27
CA TYR A 44 -1.20 -2.59 -10.33
C TYR A 44 -0.50 -1.51 -9.49
N VAL A 45 -0.20 -1.87 -8.25
CA VAL A 45 0.46 -0.97 -7.31
C VAL A 45 1.86 -0.58 -7.82
N LEU A 46 2.45 -1.50 -8.60
CA LEU A 46 3.77 -1.35 -9.17
C LEU A 46 3.94 -0.01 -9.94
N LEU A 47 2.87 0.50 -10.53
CA LEU A 47 2.94 1.77 -11.25
C LEU A 47 3.10 2.93 -10.26
N GLY A 48 2.26 2.93 -9.23
CA GLY A 48 2.30 3.98 -8.22
C GLY A 48 3.53 3.89 -7.35
N LEU A 49 3.91 2.66 -7.04
CA LEU A 49 5.09 2.39 -6.26
C LEU A 49 6.33 2.77 -7.05
N GLY A 50 6.24 2.55 -8.36
CA GLY A 50 7.32 2.90 -9.23
C GLY A 50 7.55 4.38 -9.26
N GLY A 51 6.48 5.15 -9.40
CA GLY A 51 6.58 6.59 -9.40
C GLY A 51 7.15 7.10 -8.10
N LEU A 52 6.68 6.52 -7.01
CA LEU A 52 7.12 6.87 -5.67
C LEU A 52 8.63 6.65 -5.51
N LEU A 53 9.16 5.65 -6.20
CA LEU A 53 10.58 5.30 -6.13
C LEU A 53 11.44 6.45 -6.68
N LEU A 54 10.94 7.13 -7.71
CA LEU A 54 11.68 8.24 -8.31
C LEU A 54 11.56 9.49 -7.48
N LEU A 55 10.48 9.57 -6.72
CA LEU A 55 10.23 10.74 -5.88
C LEU A 55 11.20 10.76 -4.70
N VAL A 56 11.52 9.57 -4.18
CA VAL A 56 12.41 9.40 -3.01
C VAL A 56 13.75 10.21 -3.11
N PRO A 57 14.56 10.06 -4.20
CA PRO A 57 15.82 10.81 -4.37
C PRO A 57 15.60 12.31 -4.51
N ILE A 58 14.43 12.70 -4.98
CA ILE A 58 14.13 14.10 -5.16
C ILE A 58 13.78 14.73 -3.81
N ILE A 59 13.19 13.93 -2.93
CA ILE A 59 12.85 14.37 -1.59
C ILE A 59 14.11 14.88 -0.87
N CYS A 60 15.19 14.11 -0.96
CA CYS A 60 16.44 14.50 -0.32
C CYS A 60 17.12 15.66 -1.05
N GLN A 61 16.69 15.94 -2.27
CA GLN A 61 17.25 17.04 -3.05
C GLN A 61 16.65 18.30 -2.48
N LEU A 62 15.36 18.23 -2.23
CA LEU A 62 14.56 19.32 -1.72
C LEU A 62 15.08 19.88 -0.41
N ARG A 63 15.68 19.05 0.43
CA ARG A 63 16.19 19.53 1.73
C ARG A 63 17.29 20.57 1.56
N SER A 64 17.94 20.56 0.42
CA SER A 64 18.92 21.57 0.12
C SER A 64 18.23 22.77 -0.56
N GLN A 65 17.15 22.49 -1.25
CA GLN A 65 16.43 23.49 -2.04
C GLN A 65 15.46 24.31 -1.17
N GLU A 66 15.03 23.72 -0.05
CA GLU A 66 14.15 24.40 0.90
C GLU A 66 14.90 25.53 1.58
N LYS A 67 16.21 25.39 1.63
CA LYS A 67 17.05 26.38 2.22
C LYS A 67 17.53 27.36 1.17
N CYS A 68 17.44 28.62 1.47
CA CYS A 68 17.90 29.66 0.59
C CYS A 68 18.51 30.79 1.40
N PHE A 69 19.32 31.62 0.75
CA PHE A 69 20.02 32.75 1.38
C PHE A 69 21.16 32.29 2.29
N LEU A 70 22.25 33.00 2.23
CA LEU A 70 23.39 32.72 3.07
C LEU A 70 23.11 33.12 4.48
N PHE A 71 22.50 34.29 4.66
CA PHE A 71 22.20 34.77 5.98
C PHE A 71 20.78 34.38 6.43
N TRP A 72 19.80 35.15 6.03
CA TRP A 72 18.44 34.95 6.44
C TRP A 72 17.53 35.35 5.29
N SER A 73 16.30 35.06 5.44
CA SER A 73 15.30 35.42 4.47
C SER A 73 14.60 36.70 4.94
N GLY A 1 -3.83 4.05 1.57
CA GLY A 1 -4.31 3.47 2.84
C GLY A 1 -5.82 3.29 2.86
N SER A 2 -6.55 4.32 2.50
CA SER A 2 -8.00 4.30 2.54
C SER A 2 -8.65 3.50 1.39
N LYS A 3 -7.85 2.86 0.58
CA LYS A 3 -8.38 2.00 -0.45
C LYS A 3 -8.78 0.66 0.16
N ILE A 4 -7.96 0.19 1.09
CA ILE A 4 -8.18 -1.12 1.69
C ILE A 4 -9.05 -1.03 2.97
N GLU A 5 -9.14 0.15 3.55
CA GLU A 5 -9.87 0.35 4.80
C GLU A 5 -11.37 0.01 4.69
N PRO A 6 -12.12 0.54 3.69
CA PRO A 6 -13.55 0.22 3.49
C PRO A 6 -13.80 -1.25 3.10
N VAL A 7 -12.73 -1.96 2.76
CA VAL A 7 -12.85 -3.36 2.34
C VAL A 7 -13.02 -4.25 3.57
N VAL A 8 -12.52 -3.78 4.69
CA VAL A 8 -12.56 -4.53 5.94
C VAL A 8 -13.99 -4.73 6.44
N LEU A 9 -14.81 -3.69 6.31
CA LEU A 9 -16.20 -3.72 6.82
C LEU A 9 -17.02 -4.91 6.28
N PRO A 10 -17.19 -5.06 4.94
CA PRO A 10 -17.94 -6.18 4.39
C PRO A 10 -17.34 -7.52 4.82
N LEU A 11 -16.01 -7.63 4.75
CA LEU A 11 -15.31 -8.86 5.10
C LEU A 11 -15.61 -9.28 6.51
N LEU A 12 -15.57 -8.32 7.42
CA LEU A 12 -15.88 -8.54 8.82
C LEU A 12 -17.30 -9.05 8.97
N TRP A 13 -18.20 -8.36 8.34
CA TRP A 13 -19.61 -8.70 8.36
C TRP A 13 -19.86 -10.11 7.77
N PHE A 14 -19.17 -10.47 6.70
CA PHE A 14 -19.33 -11.81 6.11
C PHE A 14 -18.69 -12.88 6.97
N GLU A 15 -17.67 -12.51 7.72
CA GLU A 15 -16.94 -13.45 8.56
C GLU A 15 -17.89 -13.98 9.62
N GLN A 16 -18.84 -13.13 10.02
CA GLN A 16 -19.82 -13.43 11.07
C GLN A 16 -20.66 -14.69 10.77
N SER A 17 -20.62 -15.13 9.52
CA SER A 17 -21.30 -16.35 9.09
C SER A 17 -20.55 -17.60 9.61
N GLY A 18 -19.37 -17.39 10.17
CA GLY A 18 -18.51 -18.47 10.53
C GLY A 18 -17.71 -18.86 9.32
N ALA A 19 -17.44 -17.87 8.51
CA ALA A 19 -16.76 -18.03 7.25
C ALA A 19 -15.27 -18.28 7.46
N MET A 20 -14.67 -17.58 8.42
CA MET A 20 -13.28 -17.79 8.72
C MET A 20 -13.14 -18.52 10.02
N GLY A 21 -14.27 -18.80 10.63
CA GLY A 21 -14.28 -19.53 11.86
C GLY A 21 -14.13 -18.64 13.07
N GLY A 22 -14.39 -17.36 12.89
CA GLY A 22 -14.28 -16.43 13.99
C GLY A 22 -12.89 -15.92 14.14
N LYS A 23 -12.34 -15.46 13.05
CA LYS A 23 -10.99 -15.01 13.02
C LYS A 23 -10.91 -13.54 12.59
N PRO A 24 -9.92 -12.81 13.11
CA PRO A 24 -9.78 -11.37 12.86
C PRO A 24 -9.27 -11.01 11.45
N LEU A 25 -8.94 -9.73 11.30
CA LEU A 25 -8.51 -9.14 10.03
C LEU A 25 -7.27 -9.80 9.48
N SER A 26 -6.43 -10.34 10.37
CA SER A 26 -5.19 -11.00 9.98
C SER A 26 -5.43 -12.11 8.95
N THR A 27 -6.52 -12.85 9.11
CA THR A 27 -6.85 -13.91 8.20
C THR A 27 -7.14 -13.36 6.79
N PHE A 28 -7.80 -12.21 6.76
CA PHE A 28 -8.11 -11.55 5.52
C PHE A 28 -6.86 -11.04 4.84
N TYR A 29 -5.96 -10.44 5.61
CA TYR A 29 -4.68 -9.98 5.05
C TYR A 29 -3.90 -11.16 4.50
N THR A 30 -3.90 -12.24 5.26
CA THR A 30 -3.20 -13.45 4.87
C THR A 30 -3.66 -13.95 3.49
N GLN A 31 -4.97 -14.09 3.30
CA GLN A 31 -5.48 -14.55 2.04
C GLN A 31 -5.34 -13.50 0.94
N LEU A 32 -5.41 -12.24 1.32
CA LEU A 32 -5.29 -11.13 0.39
C LEU A 32 -3.94 -11.14 -0.32
N VAL A 33 -2.90 -11.35 0.44
CA VAL A 33 -1.53 -11.37 -0.09
C VAL A 33 -1.32 -12.52 -1.09
N LEU A 34 -1.91 -13.66 -0.82
CA LEU A 34 -1.73 -14.84 -1.65
C LEU A 34 -2.76 -14.93 -2.77
N MET A 35 -3.71 -14.05 -2.75
CA MET A 35 -4.84 -14.11 -3.65
C MET A 35 -4.46 -13.58 -5.03
N PRO A 36 -4.59 -14.43 -6.08
CA PRO A 36 -4.22 -14.06 -7.46
C PRO A 36 -4.92 -12.80 -7.97
N GLN A 37 -6.17 -12.62 -7.51
CA GLN A 37 -6.95 -11.44 -7.89
C GLN A 37 -6.25 -10.18 -7.42
N VAL A 38 -5.81 -10.21 -6.19
CA VAL A 38 -5.13 -9.09 -5.58
C VAL A 38 -3.71 -8.99 -6.11
N LEU A 39 -3.13 -10.15 -6.42
CA LEU A 39 -1.78 -10.24 -6.97
C LEU A 39 -1.71 -9.49 -8.30
N HIS A 40 -2.79 -9.54 -9.08
CA HIS A 40 -2.85 -8.80 -10.33
C HIS A 40 -2.80 -7.30 -10.06
N TYR A 41 -3.46 -6.87 -9.01
CA TYR A 41 -3.43 -5.49 -8.61
C TYR A 41 -2.10 -5.13 -7.98
N ALA A 42 -1.47 -6.10 -7.38
CA ALA A 42 -0.14 -5.96 -6.78
C ALA A 42 0.89 -5.63 -7.85
N GLN A 43 0.68 -6.18 -9.05
CA GLN A 43 1.52 -5.87 -10.20
C GLN A 43 1.42 -4.38 -10.48
N TYR A 44 0.24 -3.84 -10.33
CA TYR A 44 -0.01 -2.42 -10.50
C TYR A 44 0.52 -1.61 -9.31
N VAL A 45 0.35 -2.14 -8.11
CA VAL A 45 0.87 -1.52 -6.88
C VAL A 45 2.39 -1.37 -6.95
N LEU A 46 3.03 -2.32 -7.63
CA LEU A 46 4.45 -2.31 -7.82
C LEU A 46 4.88 -1.03 -8.55
N LEU A 47 4.10 -0.61 -9.53
CA LEU A 47 4.39 0.60 -10.27
C LEU A 47 4.09 1.83 -9.44
N GLY A 48 3.10 1.73 -8.58
CA GLY A 48 2.77 2.82 -7.68
C GLY A 48 3.87 3.04 -6.66
N LEU A 49 4.30 1.95 -6.05
CA LEU A 49 5.37 1.96 -5.07
C LEU A 49 6.68 2.38 -5.74
N GLY A 50 6.89 1.87 -6.96
CA GLY A 50 8.07 2.24 -7.74
C GLY A 50 8.10 3.72 -8.03
N GLY A 51 6.92 4.29 -8.24
CA GLY A 51 6.80 5.71 -8.44
C GLY A 51 7.17 6.45 -7.19
N LEU A 52 6.62 6.01 -6.06
CA LEU A 52 6.92 6.61 -4.75
C LEU A 52 8.42 6.53 -4.45
N LEU A 53 9.03 5.44 -4.88
CA LEU A 53 10.46 5.22 -4.72
C LEU A 53 11.27 6.27 -5.49
N LEU A 54 10.69 6.80 -6.56
CA LEU A 54 11.35 7.83 -7.35
C LEU A 54 11.21 9.20 -6.68
N LEU A 55 10.16 9.36 -5.88
CA LEU A 55 9.94 10.60 -5.14
C LEU A 55 10.94 10.77 -4.01
N VAL A 56 11.42 9.68 -3.46
CA VAL A 56 12.41 9.72 -2.36
C VAL A 56 13.68 10.56 -2.74
N PRO A 57 14.37 10.28 -3.91
CA PRO A 57 15.50 11.11 -4.37
C PRO A 57 15.08 12.55 -4.65
N ILE A 58 13.81 12.73 -5.02
CA ILE A 58 13.28 14.06 -5.25
C ILE A 58 13.25 14.82 -3.92
N ILE A 59 12.80 14.14 -2.87
CA ILE A 59 12.78 14.73 -1.52
C ILE A 59 14.20 15.17 -1.12
N CYS A 60 15.17 14.37 -1.52
CA CYS A 60 16.57 14.67 -1.28
C CYS A 60 16.98 15.95 -2.04
N GLN A 61 16.45 16.11 -3.24
CA GLN A 61 16.71 17.29 -4.06
C GLN A 61 16.10 18.52 -3.38
N LEU A 62 14.88 18.35 -2.86
CA LEU A 62 14.19 19.38 -2.10
C LEU A 62 15.00 19.91 -0.94
N ARG A 63 15.93 19.11 -0.44
CA ARG A 63 16.76 19.54 0.68
C ARG A 63 17.68 20.69 0.28
N SER A 64 17.95 20.81 -1.00
CA SER A 64 18.73 21.92 -1.50
C SER A 64 17.80 23.10 -1.78
N GLN A 65 16.63 22.78 -2.30
CA GLN A 65 15.59 23.75 -2.64
C GLN A 65 15.08 24.47 -1.38
N GLU A 66 14.93 23.71 -0.32
CA GLU A 66 14.41 24.21 0.93
C GLU A 66 15.47 25.01 1.68
N LYS A 67 16.74 24.73 1.37
CA LYS A 67 17.90 25.28 2.09
C LYS A 67 18.00 24.70 3.49
N CYS A 68 18.97 23.86 3.69
CA CYS A 68 19.16 23.21 4.96
C CYS A 68 20.50 23.61 5.55
N PHE A 69 20.76 23.19 6.76
CA PHE A 69 22.00 23.48 7.40
C PHE A 69 22.93 22.29 7.19
N LEU A 70 24.16 22.55 6.79
CA LEU A 70 25.13 21.49 6.47
C LEU A 70 25.64 20.77 7.71
N PHE A 71 25.48 21.42 8.85
CA PHE A 71 25.89 20.88 10.14
C PHE A 71 27.39 20.82 10.28
N TRP A 72 27.95 21.94 10.63
CA TRP A 72 29.37 22.06 10.88
C TRP A 72 29.62 22.44 12.33
N SER A 73 28.54 22.65 13.04
CA SER A 73 28.59 23.00 14.42
C SER A 73 28.27 21.78 15.31
N GLY A 1 -7.38 0.17 -1.70
CA GLY A 1 -6.49 1.32 -1.68
C GLY A 1 -5.08 0.91 -1.37
N SER A 2 -4.14 1.26 -2.21
CA SER A 2 -2.76 0.86 -2.04
C SER A 2 -2.03 1.68 -0.97
N LYS A 3 -2.74 2.61 -0.35
CA LYS A 3 -2.17 3.38 0.74
C LYS A 3 -2.16 2.56 2.03
N ILE A 4 -3.20 1.74 2.22
CA ILE A 4 -3.35 0.99 3.45
C ILE A 4 -2.61 -0.37 3.35
N GLU A 5 -2.23 -0.74 2.15
CA GLU A 5 -1.57 -2.03 1.91
C GLU A 5 -0.18 -2.11 2.59
N PRO A 6 0.75 -1.14 2.38
CA PRO A 6 2.07 -1.14 3.05
C PRO A 6 1.94 -0.95 4.59
N VAL A 7 0.74 -0.69 5.05
CA VAL A 7 0.48 -0.47 6.46
C VAL A 7 0.22 -1.81 7.18
N VAL A 8 -0.14 -2.84 6.42
CA VAL A 8 -0.45 -4.15 7.03
C VAL A 8 0.81 -4.85 7.56
N LEU A 9 1.98 -4.42 7.10
CA LEU A 9 3.26 -5.02 7.50
C LEU A 9 3.50 -5.14 9.02
N PRO A 10 3.36 -4.05 9.83
CA PRO A 10 3.52 -4.14 11.27
C PRO A 10 2.52 -5.12 11.90
N LEU A 11 1.30 -5.13 11.36
CA LEU A 11 0.23 -5.99 11.84
C LEU A 11 0.49 -7.45 11.48
N LEU A 12 1.17 -7.65 10.34
CA LEU A 12 1.56 -8.96 9.87
C LEU A 12 2.38 -9.67 10.91
N TRP A 13 3.26 -8.93 11.59
CA TRP A 13 4.14 -9.51 12.60
C TRP A 13 3.34 -10.17 13.71
N PHE A 14 2.20 -9.63 14.03
CA PHE A 14 1.42 -10.14 15.12
C PHE A 14 0.78 -11.46 14.77
N GLU A 15 0.55 -11.62 13.50
CA GLU A 15 0.01 -12.84 12.96
C GLU A 15 1.10 -13.89 13.03
N GLN A 16 2.33 -13.46 12.71
CA GLN A 16 3.50 -14.33 12.74
C GLN A 16 3.74 -14.79 14.16
N SER A 17 3.61 -13.84 15.08
CA SER A 17 3.77 -14.09 16.49
C SER A 17 2.64 -14.97 17.00
N GLY A 18 1.46 -14.77 16.44
CA GLY A 18 0.30 -15.54 16.85
C GLY A 18 -0.13 -15.17 18.24
N ALA A 19 -0.05 -13.88 18.55
CA ALA A 19 -0.38 -13.41 19.88
C ALA A 19 -1.89 -13.47 20.11
N MET A 20 -2.65 -12.97 19.16
CA MET A 20 -4.11 -13.16 19.18
C MET A 20 -4.46 -14.16 18.09
N GLY A 21 -3.42 -14.49 17.34
CA GLY A 21 -3.52 -15.36 16.18
C GLY A 21 -3.70 -14.54 14.93
N GLY A 22 -3.87 -13.23 15.14
CA GLY A 22 -4.02 -12.24 14.10
C GLY A 22 -5.00 -12.62 13.01
N LYS A 23 -4.83 -12.00 11.88
CA LYS A 23 -5.54 -12.36 10.68
C LYS A 23 -4.51 -12.97 9.78
N PRO A 24 -4.56 -14.30 9.59
CA PRO A 24 -3.54 -15.07 8.84
C PRO A 24 -3.28 -14.58 7.43
N LEU A 25 -2.45 -13.55 7.32
CA LEU A 25 -2.11 -12.97 6.06
C LEU A 25 -1.24 -13.92 5.30
N SER A 26 -0.47 -14.73 6.04
CA SER A 26 0.36 -15.74 5.45
C SER A 26 -0.50 -16.68 4.58
N THR A 27 -1.71 -16.94 5.05
CA THR A 27 -2.65 -17.74 4.32
C THR A 27 -3.25 -16.92 3.15
N PHE A 28 -3.80 -15.75 3.48
CA PHE A 28 -4.47 -14.90 2.48
C PHE A 28 -3.58 -14.41 1.33
N TYR A 29 -2.40 -13.82 1.62
CA TYR A 29 -1.57 -13.28 0.53
C TYR A 29 -1.18 -14.33 -0.50
N THR A 30 -1.01 -15.56 -0.03
CA THR A 30 -0.70 -16.68 -0.89
C THR A 30 -1.85 -16.92 -1.89
N GLN A 31 -3.07 -16.70 -1.42
CA GLN A 31 -4.26 -16.80 -2.25
C GLN A 31 -4.31 -15.65 -3.24
N LEU A 32 -3.83 -14.49 -2.81
CA LEU A 32 -3.76 -13.31 -3.66
C LEU A 32 -2.79 -13.50 -4.83
N VAL A 33 -1.63 -14.09 -4.56
CA VAL A 33 -0.62 -14.26 -5.59
C VAL A 33 -0.98 -15.36 -6.61
N LEU A 34 -1.79 -16.32 -6.21
CA LEU A 34 -2.18 -17.38 -7.11
C LEU A 34 -3.35 -16.99 -7.98
N MET A 35 -3.99 -15.92 -7.61
CA MET A 35 -5.23 -15.51 -8.22
C MET A 35 -4.98 -14.44 -9.28
N PRO A 36 -5.20 -14.81 -10.57
CA PRO A 36 -4.93 -13.93 -11.74
C PRO A 36 -5.54 -12.52 -11.63
N GLN A 37 -6.77 -12.42 -11.15
CA GLN A 37 -7.44 -11.13 -11.03
C GLN A 37 -6.73 -10.24 -10.04
N VAL A 38 -6.33 -10.82 -8.92
CA VAL A 38 -5.65 -10.09 -7.88
C VAL A 38 -4.29 -9.64 -8.35
N LEU A 39 -3.67 -10.43 -9.22
CA LEU A 39 -2.36 -10.12 -9.78
C LEU A 39 -2.35 -8.76 -10.46
N HIS A 40 -3.49 -8.36 -11.02
CA HIS A 40 -3.60 -7.04 -11.63
C HIS A 40 -3.35 -5.96 -10.60
N TYR A 41 -3.95 -6.13 -9.44
CA TYR A 41 -3.83 -5.19 -8.35
C TYR A 41 -2.48 -5.31 -7.67
N ALA A 42 -1.94 -6.51 -7.72
CA ALA A 42 -0.62 -6.80 -7.17
C ALA A 42 0.43 -6.04 -7.96
N GLN A 43 0.20 -5.89 -9.25
CA GLN A 43 1.09 -5.13 -10.07
C GLN A 43 0.95 -3.65 -9.76
N TYR A 44 -0.27 -3.21 -9.51
CA TYR A 44 -0.53 -1.80 -9.24
C TYR A 44 0.12 -1.36 -7.95
N VAL A 45 0.05 -2.21 -6.95
CA VAL A 45 0.66 -1.90 -5.68
C VAL A 45 2.19 -2.01 -5.79
N LEU A 46 2.67 -2.94 -6.63
CA LEU A 46 4.08 -3.11 -6.86
C LEU A 46 4.69 -1.86 -7.47
N LEU A 47 4.06 -1.34 -8.51
CA LEU A 47 4.53 -0.11 -9.16
C LEU A 47 4.40 1.10 -8.23
N GLY A 48 3.35 1.09 -7.43
CA GLY A 48 3.15 2.18 -6.47
C GLY A 48 4.23 2.19 -5.42
N LEU A 49 4.46 1.03 -4.83
CA LEU A 49 5.47 0.86 -3.81
C LEU A 49 6.85 1.18 -4.36
N GLY A 50 7.13 0.66 -5.55
CA GLY A 50 8.43 0.88 -6.17
C GLY A 50 8.69 2.31 -6.54
N GLY A 51 7.67 2.97 -7.05
CA GLY A 51 7.78 4.36 -7.44
C GLY A 51 7.96 5.27 -6.24
N LEU A 52 7.40 4.85 -5.10
CA LEU A 52 7.46 5.60 -3.84
C LEU A 52 8.92 5.90 -3.44
N LEU A 53 9.81 4.94 -3.70
CA LEU A 53 11.25 5.09 -3.37
C LEU A 53 11.89 6.27 -4.08
N LEU A 54 11.36 6.62 -5.24
CA LEU A 54 11.93 7.68 -6.05
C LEU A 54 11.73 9.05 -5.43
N LEU A 55 10.69 9.20 -4.63
CA LEU A 55 10.38 10.50 -4.03
C LEU A 55 11.44 10.92 -3.01
N VAL A 56 11.96 9.96 -2.26
CA VAL A 56 12.92 10.26 -1.19
C VAL A 56 14.17 11.06 -1.68
N PRO A 57 14.93 10.59 -2.71
CA PRO A 57 16.10 11.33 -3.21
C PRO A 57 15.71 12.66 -3.82
N ILE A 58 14.55 12.68 -4.47
CA ILE A 58 14.05 13.90 -5.10
C ILE A 58 13.73 14.95 -4.04
N ILE A 59 13.10 14.53 -2.94
CA ILE A 59 12.80 15.42 -1.83
C ILE A 59 14.09 16.01 -1.24
N CYS A 60 15.16 15.26 -1.31
CA CYS A 60 16.43 15.72 -0.79
C CYS A 60 17.03 16.79 -1.72
N GLN A 61 16.68 16.71 -3.00
CA GLN A 61 17.19 17.64 -4.01
C GLN A 61 16.39 18.91 -3.89
N LEU A 62 15.14 18.68 -3.64
CA LEU A 62 14.14 19.64 -3.46
C LEU A 62 14.49 20.59 -2.31
N ARG A 63 15.00 20.04 -1.22
CA ARG A 63 15.41 20.86 -0.06
C ARG A 63 16.55 21.80 -0.44
N SER A 64 17.27 21.45 -1.47
CA SER A 64 18.35 22.27 -1.98
C SER A 64 17.80 23.28 -3.00
N GLN A 65 16.72 22.91 -3.68
CA GLN A 65 16.06 23.80 -4.65
C GLN A 65 15.32 24.89 -3.87
N GLU A 66 14.68 24.45 -2.78
CA GLU A 66 13.99 25.32 -1.83
C GLU A 66 15.03 26.11 -1.02
N LYS A 67 16.26 25.61 -1.09
CA LYS A 67 17.42 26.16 -0.41
C LYS A 67 17.39 25.98 1.09
N CYS A 68 18.54 26.09 1.67
CA CYS A 68 18.73 25.98 3.09
C CYS A 68 19.69 27.09 3.50
N PHE A 69 19.76 27.41 4.78
CA PHE A 69 20.64 28.45 5.24
C PHE A 69 22.06 27.93 5.35
N LEU A 70 23.02 28.78 5.62
CA LEU A 70 24.40 28.36 5.64
C LEU A 70 24.77 27.47 6.85
N PHE A 71 24.04 27.62 7.95
CA PHE A 71 24.32 26.82 9.14
C PHE A 71 23.12 26.74 10.10
N TRP A 72 22.33 27.80 10.15
CA TRP A 72 21.21 27.89 11.06
C TRP A 72 20.17 26.78 10.80
N SER A 73 19.88 26.56 9.53
CA SER A 73 18.98 25.50 9.08
C SER A 73 19.26 25.20 7.62
N GLY A 1 2.15 -8.84 -18.33
CA GLY A 1 1.87 -10.25 -18.19
C GLY A 1 3.08 -11.02 -17.71
N SER A 2 3.49 -12.02 -18.45
CA SER A 2 4.60 -12.87 -18.07
C SER A 2 5.96 -12.15 -18.12
N LYS A 3 6.02 -11.04 -18.84
CA LYS A 3 7.25 -10.27 -18.98
C LYS A 3 7.67 -9.57 -17.69
N ILE A 4 6.74 -9.33 -16.79
CA ILE A 4 7.07 -8.60 -15.58
C ILE A 4 7.66 -9.54 -14.50
N GLU A 5 7.49 -10.85 -14.70
CA GLU A 5 7.99 -11.85 -13.76
C GLU A 5 9.52 -11.74 -13.57
N PRO A 6 10.35 -11.79 -14.68
CA PRO A 6 11.81 -11.65 -14.57
C PRO A 6 12.26 -10.25 -14.09
N VAL A 7 11.30 -9.37 -13.85
CA VAL A 7 11.58 -8.05 -13.35
C VAL A 7 11.37 -8.02 -11.82
N VAL A 8 10.31 -8.69 -11.37
CA VAL A 8 9.94 -8.69 -9.94
C VAL A 8 11.00 -9.40 -9.09
N LEU A 9 11.50 -10.52 -9.58
CA LEU A 9 12.54 -11.30 -8.86
C LEU A 9 13.77 -10.47 -8.46
N PRO A 10 14.49 -9.81 -9.43
CA PRO A 10 15.67 -9.00 -9.08
C PRO A 10 15.31 -7.87 -8.11
N LEU A 11 14.12 -7.30 -8.27
CA LEU A 11 13.66 -6.21 -7.42
C LEU A 11 13.52 -6.66 -5.98
N LEU A 12 13.01 -7.88 -5.80
CA LEU A 12 12.74 -8.46 -4.48
C LEU A 12 13.98 -8.43 -3.59
N TRP A 13 15.13 -8.70 -4.17
CA TRP A 13 16.37 -8.75 -3.41
C TRP A 13 16.72 -7.40 -2.81
N PHE A 14 16.39 -6.32 -3.50
CA PHE A 14 16.71 -4.99 -3.01
C PHE A 14 15.79 -4.61 -1.87
N GLU A 15 14.53 -5.00 -1.98
CA GLU A 15 13.56 -4.67 -0.97
C GLU A 15 13.75 -5.51 0.25
N GLN A 16 14.10 -6.76 0.08
CA GLN A 16 14.29 -7.63 1.21
C GLN A 16 15.54 -7.26 1.99
N SER A 17 16.45 -6.55 1.34
CA SER A 17 17.65 -6.04 1.99
C SER A 17 17.36 -4.67 2.62
N GLY A 18 16.41 -3.95 2.03
CA GLY A 18 16.11 -2.61 2.48
C GLY A 18 17.17 -1.66 2.01
N ALA A 19 17.75 -2.00 0.86
CA ALA A 19 18.90 -1.31 0.27
C ALA A 19 18.64 0.16 -0.04
N MET A 20 17.38 0.51 -0.24
CA MET A 20 17.03 1.89 -0.56
C MET A 20 16.86 2.71 0.70
N GLY A 21 16.87 2.06 1.85
CA GLY A 21 16.69 2.75 3.10
C GLY A 21 15.27 3.27 3.28
N GLY A 22 14.31 2.55 2.74
CA GLY A 22 12.94 2.98 2.82
C GLY A 22 12.05 2.01 3.55
N LYS A 23 10.77 2.10 3.28
CA LYS A 23 9.75 1.28 3.94
C LYS A 23 9.87 -0.19 3.58
N PRO A 24 9.51 -1.09 4.51
CA PRO A 24 9.55 -2.52 4.27
C PRO A 24 8.49 -2.97 3.26
N LEU A 25 8.88 -2.98 2.01
CA LEU A 25 8.05 -3.40 0.91
C LEU A 25 7.88 -4.92 0.91
N SER A 26 8.84 -5.60 1.52
CA SER A 26 8.88 -7.06 1.62
C SER A 26 7.58 -7.64 2.16
N THR A 27 6.87 -6.87 2.99
CA THR A 27 5.59 -7.27 3.57
C THR A 27 4.61 -7.66 2.44
N PHE A 28 4.63 -6.88 1.36
CA PHE A 28 3.77 -7.12 0.22
C PHE A 28 4.24 -8.33 -0.55
N TYR A 29 5.53 -8.39 -0.83
CA TYR A 29 6.13 -9.48 -1.62
C TYR A 29 5.88 -10.85 -1.01
N THR A 30 6.06 -10.97 0.30
CA THR A 30 5.89 -12.24 0.98
C THR A 30 4.46 -12.77 0.87
N GLN A 31 3.49 -11.92 1.16
CA GLN A 31 2.09 -12.32 1.13
C GLN A 31 1.60 -12.55 -0.31
N LEU A 32 2.18 -11.79 -1.22
CA LEU A 32 1.81 -11.81 -2.63
C LEU A 32 1.97 -13.21 -3.22
N VAL A 33 3.03 -13.89 -2.84
CA VAL A 33 3.34 -15.23 -3.36
C VAL A 33 2.19 -16.19 -3.08
N LEU A 34 1.51 -16.00 -1.98
CA LEU A 34 0.47 -16.90 -1.60
C LEU A 34 -0.94 -16.35 -1.87
N MET A 35 -1.07 -15.03 -1.89
CA MET A 35 -2.37 -14.39 -2.16
C MET A 35 -2.46 -13.93 -3.61
N PRO A 36 -3.19 -14.63 -4.49
CA PRO A 36 -3.35 -14.18 -5.87
C PRO A 36 -4.13 -12.86 -5.93
N GLN A 37 -4.99 -12.64 -4.94
CA GLN A 37 -5.81 -11.44 -4.87
C GLN A 37 -4.98 -10.15 -4.77
N VAL A 38 -3.98 -10.15 -3.90
CA VAL A 38 -3.16 -8.97 -3.70
C VAL A 38 -2.22 -8.81 -4.89
N LEU A 39 -1.86 -9.93 -5.49
CA LEU A 39 -0.96 -9.98 -6.63
C LEU A 39 -1.52 -9.12 -7.78
N HIS A 40 -2.83 -9.18 -8.00
CA HIS A 40 -3.48 -8.35 -9.02
C HIS A 40 -3.26 -6.88 -8.73
N TYR A 41 -3.52 -6.51 -7.49
CA TYR A 41 -3.35 -5.13 -7.05
C TYR A 41 -1.90 -4.71 -7.06
N ALA A 42 -1.03 -5.63 -6.72
CA ALA A 42 0.40 -5.37 -6.69
C ALA A 42 0.92 -5.00 -8.05
N GLN A 43 0.37 -5.63 -9.08
CA GLN A 43 0.74 -5.31 -10.44
C GLN A 43 0.33 -3.87 -10.77
N TYR A 44 -0.78 -3.44 -10.18
CA TYR A 44 -1.23 -2.06 -10.30
C TYR A 44 -0.38 -1.11 -9.44
N VAL A 45 -0.18 -1.48 -8.19
CA VAL A 45 0.59 -0.69 -7.22
C VAL A 45 2.04 -0.49 -7.68
N LEU A 46 2.56 -1.45 -8.42
CA LEU A 46 3.91 -1.42 -8.94
C LEU A 46 4.24 -0.12 -9.70
N LEU A 47 3.24 0.47 -10.34
CA LEU A 47 3.47 1.69 -11.05
C LEU A 47 3.69 2.86 -10.08
N GLY A 48 2.88 2.95 -9.06
CA GLY A 48 3.01 4.00 -8.08
C GLY A 48 4.18 3.77 -7.15
N LEU A 49 4.35 2.52 -6.75
CA LEU A 49 5.44 2.10 -5.89
C LEU A 49 6.75 2.37 -6.58
N GLY A 50 6.80 2.03 -7.86
CA GLY A 50 8.00 2.27 -8.63
C GLY A 50 8.26 3.74 -8.78
N GLY A 51 7.19 4.49 -9.00
CA GLY A 51 7.27 5.92 -9.12
C GLY A 51 7.85 6.55 -7.89
N LEU A 52 7.39 6.10 -6.73
CA LEU A 52 7.88 6.61 -5.45
C LEU A 52 9.40 6.51 -5.36
N LEU A 53 9.95 5.33 -5.67
CA LEU A 53 11.39 5.14 -5.62
C LEU A 53 12.13 5.97 -6.66
N LEU A 54 11.49 6.23 -7.78
CA LEU A 54 12.10 7.06 -8.83
C LEU A 54 12.11 8.54 -8.40
N LEU A 55 11.07 8.94 -7.69
CA LEU A 55 10.96 10.29 -7.16
C LEU A 55 11.85 10.56 -5.95
N VAL A 56 12.16 9.51 -5.17
CA VAL A 56 12.99 9.65 -3.93
C VAL A 56 14.25 10.57 -4.09
N PRO A 57 15.13 10.36 -5.13
CA PRO A 57 16.29 11.23 -5.36
C PRO A 57 15.91 12.72 -5.48
N ILE A 58 14.73 12.95 -6.03
CA ILE A 58 14.20 14.29 -6.22
C ILE A 58 13.57 14.79 -4.91
N ILE A 59 12.92 13.89 -4.19
CA ILE A 59 12.32 14.21 -2.90
C ILE A 59 13.41 14.70 -1.93
N CYS A 60 14.54 14.03 -1.95
CA CYS A 60 15.67 14.42 -1.12
C CYS A 60 16.26 15.76 -1.60
N GLN A 61 15.98 16.14 -2.84
CA GLN A 61 16.53 17.37 -3.40
C GLN A 61 15.68 18.50 -2.89
N LEU A 62 14.42 18.22 -2.92
CA LEU A 62 13.38 19.02 -2.43
C LEU A 62 13.61 19.29 -0.93
N ARG A 63 13.94 18.24 -0.19
CA ARG A 63 14.23 18.36 1.25
C ARG A 63 15.48 19.17 1.50
N SER A 64 16.35 19.24 0.51
CA SER A 64 17.57 19.99 0.59
C SER A 64 17.24 21.48 0.47
N GLN A 65 16.20 21.78 -0.30
CA GLN A 65 15.74 23.15 -0.48
C GLN A 65 15.04 23.63 0.77
N GLU A 66 14.23 22.77 1.37
CA GLU A 66 13.54 23.10 2.60
C GLU A 66 14.53 23.12 3.77
N LYS A 67 15.63 22.41 3.58
CA LYS A 67 16.69 22.25 4.57
C LYS A 67 16.23 21.45 5.77
N CYS A 68 16.71 20.25 5.85
CA CYS A 68 16.38 19.40 6.95
C CYS A 68 17.63 19.17 7.75
N PHE A 69 17.47 18.92 9.00
CA PHE A 69 18.60 18.70 9.85
C PHE A 69 18.53 17.32 10.43
N LEU A 70 19.68 16.74 10.69
CA LEU A 70 19.80 15.37 11.14
C LEU A 70 19.12 15.15 12.48
N PHE A 71 19.14 16.17 13.31
CA PHE A 71 18.55 16.07 14.63
C PHE A 71 17.25 16.86 14.69
N TRP A 72 16.79 17.31 13.52
CA TRP A 72 15.57 18.10 13.36
C TRP A 72 15.55 19.36 14.21
N SER A 73 16.02 20.42 13.63
CA SER A 73 16.03 21.69 14.29
C SER A 73 14.67 22.33 14.11
N GLY A 1 8.75 -0.40 -0.64
CA GLY A 1 7.82 0.66 -0.29
C GLY A 1 6.40 0.23 -0.56
N SER A 2 5.47 0.81 0.15
CA SER A 2 4.08 0.47 -0.03
C SER A 2 3.24 1.75 -0.14
N LYS A 3 2.15 1.66 -0.87
CA LYS A 3 1.25 2.78 -1.07
C LYS A 3 0.35 2.98 0.14
N ILE A 4 0.18 1.93 0.90
CA ILE A 4 -0.74 1.90 2.03
C ILE A 4 -0.09 2.45 3.31
N GLU A 5 1.19 2.82 3.24
CA GLU A 5 1.94 3.25 4.41
C GLU A 5 1.28 4.45 5.15
N PRO A 6 0.91 5.55 4.43
CA PRO A 6 0.22 6.69 5.06
C PRO A 6 -1.19 6.31 5.59
N VAL A 7 -1.69 5.15 5.19
CA VAL A 7 -3.02 4.72 5.54
C VAL A 7 -3.00 3.74 6.74
N VAL A 8 -1.87 3.06 6.94
CA VAL A 8 -1.80 2.02 7.99
C VAL A 8 -1.88 2.59 9.40
N LEU A 9 -1.23 3.73 9.65
CA LEU A 9 -1.20 4.32 11.00
C LEU A 9 -2.61 4.58 11.57
N PRO A 10 -3.47 5.39 10.89
CA PRO A 10 -4.79 5.72 11.41
C PRO A 10 -5.70 4.50 11.61
N LEU A 11 -5.54 3.50 10.75
CA LEU A 11 -6.34 2.30 10.83
C LEU A 11 -5.88 1.42 11.98
N LEU A 12 -4.58 1.35 12.15
CA LEU A 12 -3.93 0.52 13.15
C LEU A 12 -4.44 0.81 14.55
N TRP A 13 -4.76 2.08 14.82
CA TRP A 13 -5.25 2.48 16.14
C TRP A 13 -6.53 1.71 16.48
N PHE A 14 -7.39 1.56 15.49
CA PHE A 14 -8.63 0.83 15.69
C PHE A 14 -8.38 -0.66 15.78
N GLU A 15 -7.42 -1.10 14.99
CA GLU A 15 -7.08 -2.50 14.90
C GLU A 15 -6.52 -3.03 16.17
N GLN A 16 -5.92 -2.15 16.95
CA GLN A 16 -5.34 -2.52 18.23
C GLN A 16 -6.40 -3.18 19.11
N SER A 17 -7.59 -2.63 19.06
CA SER A 17 -8.71 -3.07 19.84
C SER A 17 -9.55 -4.10 19.05
N GLY A 18 -9.32 -4.15 17.75
CA GLY A 18 -10.14 -4.97 16.88
C GLY A 18 -11.40 -4.22 16.48
N ALA A 19 -11.37 -2.92 16.76
CA ALA A 19 -12.46 -2.01 16.50
C ALA A 19 -12.67 -1.81 15.01
N MET A 20 -11.62 -2.08 14.26
CA MET A 20 -11.63 -1.93 12.81
C MET A 20 -12.40 -3.11 12.18
N GLY A 21 -12.77 -4.07 12.99
CA GLY A 21 -13.48 -5.23 12.51
C GLY A 21 -12.54 -6.35 12.18
N GLY A 22 -11.28 -6.12 12.44
CA GLY A 22 -10.27 -7.08 12.16
C GLY A 22 -9.03 -6.81 12.95
N LYS A 23 -8.03 -7.60 12.69
CA LYS A 23 -6.75 -7.49 13.36
C LYS A 23 -5.84 -6.52 12.60
N PRO A 24 -4.72 -6.06 13.24
CA PRO A 24 -3.75 -5.14 12.61
C PRO A 24 -3.29 -5.56 11.20
N LEU A 25 -2.79 -4.58 10.43
CA LEU A 25 -2.33 -4.77 9.04
C LEU A 25 -1.34 -5.92 8.95
N SER A 26 -0.50 -6.03 9.96
CA SER A 26 0.53 -7.05 10.05
C SER A 26 -0.06 -8.46 9.88
N THR A 27 -1.22 -8.71 10.45
CA THR A 27 -1.85 -9.99 10.37
C THR A 27 -2.40 -10.21 8.95
N PHE A 28 -2.99 -9.17 8.38
CA PHE A 28 -3.55 -9.25 7.04
C PHE A 28 -2.51 -9.41 5.95
N TYR A 29 -1.35 -8.74 6.06
CA TYR A 29 -0.31 -8.86 5.01
C TYR A 29 0.02 -10.30 4.71
N THR A 30 0.08 -11.11 5.74
CA THR A 30 0.37 -12.51 5.64
C THR A 30 -0.63 -13.22 4.67
N GLN A 31 -1.92 -13.03 4.90
CA GLN A 31 -2.92 -13.69 4.07
C GLN A 31 -2.98 -13.07 2.67
N LEU A 32 -2.68 -11.78 2.58
CA LEU A 32 -2.63 -11.09 1.29
C LEU A 32 -1.52 -11.64 0.38
N VAL A 33 -0.40 -12.01 0.98
CA VAL A 33 0.74 -12.58 0.24
C VAL A 33 0.38 -13.94 -0.40
N LEU A 34 -0.45 -14.69 0.26
CA LEU A 34 -0.82 -16.00 -0.24
C LEU A 34 -2.05 -15.95 -1.10
N MET A 35 -2.69 -14.80 -1.13
CA MET A 35 -3.95 -14.66 -1.81
C MET A 35 -3.74 -14.23 -3.28
N PRO A 36 -4.03 -15.15 -4.24
CA PRO A 36 -3.80 -14.93 -5.68
C PRO A 36 -4.40 -13.63 -6.22
N GLN A 37 -5.61 -13.31 -5.79
CA GLN A 37 -6.28 -12.09 -6.26
C GLN A 37 -5.53 -10.84 -5.81
N VAL A 38 -5.08 -10.84 -4.56
CA VAL A 38 -4.36 -9.69 -4.02
C VAL A 38 -3.05 -9.51 -4.74
N LEU A 39 -2.43 -10.63 -5.07
CA LEU A 39 -1.18 -10.64 -5.83
C LEU A 39 -1.34 -9.95 -7.18
N HIS A 40 -2.53 -10.05 -7.73
CA HIS A 40 -2.81 -9.40 -9.01
C HIS A 40 -2.87 -7.90 -8.83
N TYR A 41 -3.46 -7.46 -7.70
CA TYR A 41 -3.51 -6.03 -7.37
C TYR A 41 -2.13 -5.52 -7.02
N ALA A 42 -1.33 -6.39 -6.43
CA ALA A 42 0.04 -6.08 -6.04
C ALA A 42 0.87 -5.70 -7.26
N GLN A 43 0.55 -6.33 -8.38
CA GLN A 43 1.19 -6.01 -9.65
C GLN A 43 0.85 -4.56 -10.02
N TYR A 44 -0.41 -4.20 -9.84
CA TYR A 44 -0.88 -2.83 -10.08
C TYR A 44 -0.22 -1.84 -9.12
N VAL A 45 -0.05 -2.25 -7.88
CA VAL A 45 0.62 -1.43 -6.87
C VAL A 45 2.09 -1.23 -7.27
N LEU A 46 2.68 -2.27 -7.85
CA LEU A 46 4.05 -2.26 -8.28
C LEU A 46 4.27 -1.17 -9.35
N LEU A 47 3.35 -1.08 -10.30
CA LEU A 47 3.43 -0.04 -11.33
C LEU A 47 3.32 1.35 -10.71
N GLY A 48 2.49 1.48 -9.70
CA GLY A 48 2.36 2.74 -9.00
C GLY A 48 3.62 3.06 -8.22
N LEU A 49 4.14 2.04 -7.54
CA LEU A 49 5.38 2.14 -6.76
C LEU A 49 6.55 2.52 -7.67
N GLY A 50 6.54 2.00 -8.88
CA GLY A 50 7.55 2.32 -9.86
C GLY A 50 7.58 3.80 -10.16
N GLY A 51 6.40 4.41 -10.23
CA GLY A 51 6.31 5.85 -10.47
C GLY A 51 6.69 6.64 -9.24
N LEU A 52 6.34 6.09 -8.08
CA LEU A 52 6.62 6.68 -6.77
C LEU A 52 8.14 6.77 -6.57
N LEU A 53 8.86 5.79 -7.12
CA LEU A 53 10.31 5.68 -7.01
C LEU A 53 10.98 6.96 -7.56
N LEU A 54 10.39 7.56 -8.56
CA LEU A 54 10.93 8.76 -9.17
C LEU A 54 10.93 9.94 -8.21
N LEU A 55 9.94 10.00 -7.33
CA LEU A 55 9.82 11.09 -6.36
C LEU A 55 10.82 10.95 -5.23
N VAL A 56 11.19 9.71 -4.92
CA VAL A 56 12.09 9.40 -3.80
C VAL A 56 13.37 10.29 -3.75
N PRO A 57 14.19 10.37 -4.84
CA PRO A 57 15.37 11.25 -4.85
C PRO A 57 14.96 12.73 -4.77
N ILE A 58 13.83 13.06 -5.39
CA ILE A 58 13.32 14.42 -5.47
C ILE A 58 13.01 14.98 -4.07
N ILE A 59 12.51 14.12 -3.20
CA ILE A 59 12.22 14.48 -1.80
C ILE A 59 13.50 15.01 -1.10
N CYS A 60 14.65 14.58 -1.58
CA CYS A 60 15.90 14.94 -0.97
C CYS A 60 16.38 16.32 -1.46
N GLN A 61 15.75 16.89 -2.53
CA GLN A 61 16.30 18.14 -3.15
C GLN A 61 15.90 19.29 -2.28
N LEU A 62 14.89 19.01 -1.51
CA LEU A 62 14.32 19.83 -0.52
C LEU A 62 15.41 20.26 0.47
N ARG A 63 16.36 19.37 0.70
CA ARG A 63 17.46 19.65 1.62
C ARG A 63 18.42 20.70 1.07
N SER A 64 18.42 20.86 -0.23
CA SER A 64 19.25 21.88 -0.86
C SER A 64 18.65 23.27 -0.55
N GLN A 65 17.36 23.29 -0.26
CA GLN A 65 16.66 24.52 0.10
C GLN A 65 16.79 24.74 1.61
N GLU A 66 16.87 23.64 2.33
CA GLU A 66 17.06 23.65 3.78
C GLU A 66 18.50 23.99 4.12
N LYS A 67 19.37 23.80 3.14
CA LYS A 67 20.79 24.12 3.23
C LYS A 67 21.50 23.25 4.26
N CYS A 68 21.00 22.06 4.40
CA CYS A 68 21.56 21.04 5.25
C CYS A 68 21.42 19.74 4.49
N PHE A 69 22.24 18.73 4.82
CA PHE A 69 22.24 17.45 4.07
C PHE A 69 22.61 17.75 2.61
N LEU A 70 23.68 18.52 2.47
CA LEU A 70 24.20 19.06 1.20
C LEU A 70 24.57 17.98 0.18
N PHE A 71 24.70 16.74 0.65
CA PHE A 71 25.07 15.55 -0.16
C PHE A 71 26.57 15.50 -0.33
N TRP A 72 27.15 16.65 -0.47
CA TRP A 72 28.58 16.75 -0.63
C TRP A 72 29.21 16.74 0.75
N SER A 73 29.54 15.56 1.19
CA SER A 73 30.19 15.35 2.45
C SER A 73 30.97 14.05 2.34
N GLY A 1 -33.67 -20.80 -1.55
CA GLY A 1 -33.57 -22.24 -1.35
C GLY A 1 -34.17 -22.65 -0.03
N SER A 2 -35.09 -23.57 -0.06
CA SER A 2 -35.75 -24.03 1.14
C SER A 2 -35.03 -25.22 1.76
N LYS A 3 -34.21 -25.91 0.97
CA LYS A 3 -33.47 -27.05 1.49
C LYS A 3 -32.26 -26.58 2.29
N ILE A 4 -31.74 -25.44 1.90
CA ILE A 4 -30.56 -24.88 2.54
C ILE A 4 -30.95 -23.93 3.71
N GLU A 5 -32.23 -23.57 3.75
CA GLU A 5 -32.70 -22.63 4.75
C GLU A 5 -32.56 -23.16 6.20
N PRO A 6 -32.98 -24.42 6.52
CA PRO A 6 -32.80 -25.00 7.87
C PRO A 6 -31.32 -25.10 8.26
N VAL A 7 -30.44 -25.04 7.27
CA VAL A 7 -29.01 -25.10 7.46
C VAL A 7 -28.50 -23.74 7.99
N VAL A 8 -29.24 -22.68 7.67
CA VAL A 8 -28.87 -21.33 8.06
C VAL A 8 -29.08 -21.12 9.57
N LEU A 9 -30.11 -21.77 10.12
CA LEU A 9 -30.44 -21.64 11.54
C LEU A 9 -29.28 -21.98 12.51
N PRO A 10 -28.64 -23.18 12.41
CA PRO A 10 -27.53 -23.53 13.28
C PRO A 10 -26.37 -22.54 13.11
N LEU A 11 -26.12 -22.13 11.87
CA LEU A 11 -25.06 -21.17 11.57
C LEU A 11 -25.30 -19.86 12.30
N LEU A 12 -26.54 -19.40 12.24
CA LEU A 12 -26.94 -18.16 12.89
C LEU A 12 -26.67 -18.25 14.39
N TRP A 13 -26.93 -19.41 14.95
CA TRP A 13 -26.73 -19.66 16.37
C TRP A 13 -25.23 -19.52 16.71
N PHE A 14 -24.38 -20.07 15.87
CA PHE A 14 -22.95 -20.00 16.10
C PHE A 14 -22.42 -18.60 15.81
N GLU A 15 -23.09 -17.89 14.92
CA GLU A 15 -22.70 -16.55 14.57
C GLU A 15 -22.99 -15.61 15.68
N GLN A 16 -24.18 -15.71 16.22
CA GLN A 16 -24.60 -14.81 17.28
C GLN A 16 -23.81 -15.03 18.56
N SER A 17 -23.19 -16.19 18.67
CA SER A 17 -22.36 -16.51 19.81
C SER A 17 -20.89 -16.16 19.52
N GLY A 18 -20.58 -15.86 18.25
CA GLY A 18 -19.22 -15.57 17.84
C GLY A 18 -18.35 -16.82 17.82
N ALA A 19 -19.02 -17.97 17.82
CA ALA A 19 -18.37 -19.28 17.90
C ALA A 19 -17.60 -19.62 16.64
N MET A 20 -18.00 -19.02 15.53
CA MET A 20 -17.34 -19.27 14.25
C MET A 20 -16.20 -18.29 14.04
N GLY A 21 -15.90 -17.51 15.07
CA GLY A 21 -14.87 -16.50 14.96
C GLY A 21 -15.42 -15.21 14.44
N GLY A 22 -16.68 -15.24 14.10
CA GLY A 22 -17.36 -14.12 13.56
C GLY A 22 -18.45 -14.58 12.64
N LYS A 23 -18.31 -14.30 11.38
CA LYS A 23 -19.27 -14.69 10.37
C LYS A 23 -18.71 -15.87 9.60
N PRO A 24 -19.52 -16.60 8.79
CA PRO A 24 -19.00 -17.65 7.90
C PRO A 24 -18.09 -17.00 6.86
N LEU A 25 -18.38 -15.73 6.62
CA LEU A 25 -17.66 -14.90 5.69
C LEU A 25 -16.24 -14.63 6.19
N SER A 26 -16.07 -14.69 7.52
CA SER A 26 -14.79 -14.41 8.15
C SER A 26 -13.69 -15.38 7.67
N THR A 27 -14.10 -16.59 7.30
CA THR A 27 -13.17 -17.59 6.82
C THR A 27 -12.60 -17.17 5.44
N PHE A 28 -13.42 -16.50 4.66
CA PHE A 28 -13.03 -16.11 3.31
C PHE A 28 -11.97 -15.02 3.29
N TYR A 29 -11.93 -14.16 4.29
CA TYR A 29 -10.99 -13.03 4.26
C TYR A 29 -9.53 -13.49 4.27
N THR A 30 -9.24 -14.56 4.99
CA THR A 30 -7.91 -15.11 4.98
C THR A 30 -7.64 -15.80 3.63
N GLN A 31 -8.68 -16.32 3.02
CA GLN A 31 -8.56 -16.98 1.75
C GLN A 31 -8.27 -15.97 0.62
N LEU A 32 -9.05 -14.89 0.56
CA LEU A 32 -8.87 -13.85 -0.48
C LEU A 32 -7.46 -13.24 -0.51
N VAL A 33 -6.84 -13.09 0.64
CA VAL A 33 -5.49 -12.50 0.69
C VAL A 33 -4.41 -13.45 0.14
N LEU A 34 -4.69 -14.74 0.14
CA LEU A 34 -3.74 -15.69 -0.41
C LEU A 34 -4.02 -15.98 -1.88
N MET A 35 -5.20 -15.60 -2.34
CA MET A 35 -5.63 -15.85 -3.71
C MET A 35 -4.84 -15.02 -4.70
N PRO A 36 -4.53 -15.60 -5.89
CA PRO A 36 -3.78 -14.94 -6.98
C PRO A 36 -4.35 -13.58 -7.37
N GLN A 37 -5.64 -13.43 -7.13
CA GLN A 37 -6.40 -12.24 -7.47
C GLN A 37 -5.75 -10.98 -6.87
N VAL A 38 -5.36 -11.06 -5.60
CA VAL A 38 -4.77 -9.90 -4.95
C VAL A 38 -3.34 -9.65 -5.48
N LEU A 39 -2.66 -10.75 -5.87
CA LEU A 39 -1.32 -10.66 -6.45
C LEU A 39 -1.37 -10.00 -7.81
N HIS A 40 -2.49 -10.18 -8.50
CA HIS A 40 -2.70 -9.57 -9.80
C HIS A 40 -2.66 -8.05 -9.65
N TYR A 41 -3.40 -7.53 -8.66
CA TYR A 41 -3.45 -6.10 -8.37
C TYR A 41 -2.11 -5.63 -7.82
N ALA A 42 -1.41 -6.53 -7.18
CA ALA A 42 -0.12 -6.27 -6.57
C ALA A 42 0.92 -5.87 -7.61
N GLN A 43 0.80 -6.44 -8.79
CA GLN A 43 1.70 -6.09 -9.88
C GLN A 43 1.36 -4.70 -10.41
N TYR A 44 0.09 -4.35 -10.34
CA TYR A 44 -0.40 -3.06 -10.78
C TYR A 44 -0.05 -1.94 -9.80
N VAL A 45 -0.29 -2.19 -8.52
CA VAL A 45 0.00 -1.22 -7.45
C VAL A 45 1.50 -0.94 -7.38
N LEU A 46 2.28 -1.94 -7.77
CA LEU A 46 3.72 -1.89 -7.82
C LEU A 46 4.23 -0.64 -8.57
N LEU A 47 3.56 -0.28 -9.68
CA LEU A 47 3.96 0.91 -10.45
C LEU A 47 3.78 2.17 -9.63
N GLY A 48 2.77 2.16 -8.78
CA GLY A 48 2.51 3.30 -7.91
C GLY A 48 3.57 3.42 -6.84
N LEU A 49 4.04 2.28 -6.35
CA LEU A 49 5.13 2.27 -5.38
C LEU A 49 6.42 2.69 -6.07
N GLY A 50 6.58 2.24 -7.31
CA GLY A 50 7.74 2.60 -8.10
C GLY A 50 7.78 4.08 -8.40
N GLY A 51 6.60 4.65 -8.60
CA GLY A 51 6.49 6.07 -8.82
C GLY A 51 6.91 6.83 -7.60
N LEU A 52 6.41 6.42 -6.44
CA LEU A 52 6.75 7.04 -5.15
C LEU A 52 8.27 6.94 -4.93
N LEU A 53 8.84 5.81 -5.33
CA LEU A 53 10.26 5.54 -5.24
C LEU A 53 11.08 6.58 -6.04
N LEU A 54 10.47 7.13 -7.08
CA LEU A 54 11.11 8.12 -7.94
C LEU A 54 11.04 9.52 -7.29
N LEU A 55 10.02 9.74 -6.49
CA LEU A 55 9.89 11.02 -5.78
C LEU A 55 10.92 11.14 -4.67
N VAL A 56 11.33 10.01 -4.10
CA VAL A 56 12.32 9.99 -3.01
C VAL A 56 13.61 10.82 -3.34
N PRO A 57 14.32 10.57 -4.50
CA PRO A 57 15.50 11.37 -4.88
C PRO A 57 15.13 12.85 -5.04
N ILE A 58 13.92 13.11 -5.53
CA ILE A 58 13.44 14.47 -5.71
C ILE A 58 13.30 15.16 -4.37
N ILE A 59 12.74 14.45 -3.40
CA ILE A 59 12.57 14.96 -2.04
C ILE A 59 13.94 15.29 -1.42
N CYS A 60 14.97 14.58 -1.86
CA CYS A 60 16.29 14.76 -1.33
C CYS A 60 16.94 16.02 -1.91
N GLN A 61 16.60 16.35 -3.16
CA GLN A 61 17.25 17.47 -3.84
C GLN A 61 16.61 18.74 -3.35
N LEU A 62 15.37 18.59 -3.05
CA LEU A 62 14.50 19.54 -2.54
C LEU A 62 14.99 20.02 -1.18
N ARG A 63 15.45 19.07 -0.37
CA ARG A 63 15.97 19.37 0.96
C ARG A 63 17.26 20.16 0.94
N SER A 64 17.89 20.23 -0.21
CA SER A 64 19.07 21.03 -0.38
C SER A 64 18.68 22.50 -0.55
N GLN A 65 17.50 22.72 -1.13
CA GLN A 65 16.97 24.06 -1.35
C GLN A 65 16.35 24.59 -0.05
N GLU A 66 16.03 23.66 0.84
CA GLU A 66 15.53 23.98 2.17
C GLU A 66 16.67 24.57 3.02
N LYS A 67 17.88 24.43 2.51
CA LYS A 67 19.05 24.95 3.16
C LYS A 67 19.57 26.12 2.35
N CYS A 68 20.52 26.84 2.90
CA CYS A 68 21.18 27.89 2.19
C CYS A 68 22.68 27.73 2.39
N PHE A 69 23.47 28.18 1.44
CA PHE A 69 24.91 28.03 1.51
C PHE A 69 25.62 29.25 0.99
N LEU A 70 26.16 30.05 1.89
CA LEU A 70 27.03 31.17 1.50
C LEU A 70 28.38 30.56 1.07
N PHE A 71 28.64 29.39 1.64
CA PHE A 71 29.83 28.57 1.43
C PHE A 71 30.99 28.98 2.33
N TRP A 72 30.94 28.51 3.55
CA TRP A 72 32.00 28.69 4.50
C TRP A 72 32.62 27.35 4.80
N SER A 73 33.80 27.13 4.32
CA SER A 73 34.47 25.90 4.53
C SER A 73 35.26 26.03 5.84
N GLY A 1 -18.39 -22.00 23.54
CA GLY A 1 -18.17 -21.70 22.14
C GLY A 1 -16.92 -20.87 21.96
N SER A 2 -16.87 -20.11 20.90
CA SER A 2 -15.76 -19.25 20.64
C SER A 2 -16.21 -17.80 20.79
N LYS A 3 -15.70 -17.14 21.79
CA LYS A 3 -16.08 -15.77 22.17
C LYS A 3 -15.67 -14.76 21.10
N ILE A 4 -14.63 -15.10 20.38
CA ILE A 4 -14.01 -14.16 19.45
C ILE A 4 -14.70 -14.16 18.06
N GLU A 5 -15.67 -15.04 17.86
CA GLU A 5 -16.31 -15.13 16.54
C GLU A 5 -16.98 -13.82 16.12
N PRO A 6 -17.88 -13.22 16.97
CA PRO A 6 -18.51 -11.94 16.64
C PRO A 6 -17.52 -10.76 16.68
N VAL A 7 -16.33 -11.01 17.18
CA VAL A 7 -15.30 -10.00 17.31
C VAL A 7 -14.54 -9.85 15.99
N VAL A 8 -14.48 -10.92 15.22
CA VAL A 8 -13.74 -10.95 13.96
C VAL A 8 -14.35 -10.00 12.91
N LEU A 9 -15.67 -9.96 12.85
CA LEU A 9 -16.36 -9.13 11.85
C LEU A 9 -15.99 -7.64 11.90
N PRO A 10 -16.17 -6.93 13.06
CA PRO A 10 -15.86 -5.50 13.14
C PRO A 10 -14.37 -5.22 12.93
N LEU A 11 -13.52 -6.18 13.30
CA LEU A 11 -12.09 -6.03 13.16
C LEU A 11 -11.64 -6.19 11.73
N LEU A 12 -12.30 -7.08 10.99
CA LEU A 12 -11.92 -7.42 9.62
C LEU A 12 -11.85 -6.18 8.72
N TRP A 13 -12.90 -5.39 8.73
CA TRP A 13 -12.95 -4.19 7.91
C TRP A 13 -11.98 -3.14 8.44
N PHE A 14 -11.82 -3.13 9.74
CA PHE A 14 -11.05 -2.13 10.43
C PHE A 14 -9.55 -2.38 10.19
N GLU A 15 -9.19 -3.63 10.03
CA GLU A 15 -7.82 -4.01 9.76
C GLU A 15 -7.46 -3.76 8.32
N GLN A 16 -8.38 -4.06 7.41
CA GLN A 16 -8.09 -3.94 5.99
C GLN A 16 -8.00 -2.48 5.53
N SER A 17 -8.52 -1.58 6.35
CA SER A 17 -8.37 -0.16 6.11
C SER A 17 -7.07 0.36 6.73
N GLY A 18 -6.44 -0.50 7.54
CA GLY A 18 -5.21 -0.14 8.24
C GLY A 18 -5.48 0.81 9.38
N ALA A 19 -6.76 0.94 9.72
CA ALA A 19 -7.21 1.86 10.74
C ALA A 19 -6.85 1.35 12.12
N MET A 20 -6.70 0.05 12.24
CA MET A 20 -6.41 -0.56 13.54
C MET A 20 -4.93 -0.38 13.90
N GLY A 21 -4.13 0.11 12.97
CA GLY A 21 -2.71 0.26 13.22
C GLY A 21 -2.03 -1.09 13.30
N GLY A 22 -2.63 -2.04 12.64
CA GLY A 22 -2.14 -3.36 12.64
C GLY A 22 -2.27 -3.94 11.26
N LYS A 23 -1.59 -5.05 11.05
CA LYS A 23 -1.54 -5.72 9.74
C LYS A 23 -0.88 -4.82 8.70
N PRO A 24 0.46 -4.73 8.74
CA PRO A 24 1.21 -3.89 7.83
C PRO A 24 1.38 -4.55 6.48
N LEU A 25 2.06 -3.86 5.58
CA LEU A 25 2.30 -4.36 4.24
C LEU A 25 3.02 -5.70 4.23
N SER A 26 3.80 -5.93 5.28
CA SER A 26 4.54 -7.15 5.46
C SER A 26 3.59 -8.36 5.49
N THR A 27 2.42 -8.18 6.12
CA THR A 27 1.45 -9.24 6.24
C THR A 27 0.87 -9.55 4.86
N PHE A 28 0.59 -8.50 4.12
CA PHE A 28 0.02 -8.63 2.82
C PHE A 28 0.99 -9.20 1.80
N TYR A 29 2.24 -8.73 1.80
CA TYR A 29 3.24 -9.27 0.87
C TYR A 29 3.51 -10.76 1.08
N THR A 30 3.41 -11.21 2.32
CA THR A 30 3.61 -12.61 2.62
C THR A 30 2.52 -13.47 1.95
N GLN A 31 1.26 -13.11 2.17
CA GLN A 31 0.13 -13.85 1.61
C GLN A 31 0.02 -13.62 0.08
N LEU A 32 0.45 -12.46 -0.36
CA LEU A 32 0.32 -12.01 -1.72
C LEU A 32 0.93 -12.95 -2.74
N VAL A 33 2.12 -13.46 -2.44
CA VAL A 33 2.85 -14.32 -3.39
C VAL A 33 2.07 -15.59 -3.79
N LEU A 34 1.16 -16.03 -2.95
CA LEU A 34 0.38 -17.22 -3.23
C LEU A 34 -1.03 -16.90 -3.72
N MET A 35 -1.51 -15.72 -3.46
CA MET A 35 -2.89 -15.39 -3.78
C MET A 35 -3.04 -14.65 -5.11
N PRO A 36 -3.66 -15.31 -6.11
CA PRO A 36 -3.81 -14.76 -7.46
C PRO A 36 -4.49 -13.39 -7.50
N GLN A 37 -5.55 -13.21 -6.70
CA GLN A 37 -6.32 -11.96 -6.68
C GLN A 37 -5.44 -10.75 -6.38
N VAL A 38 -4.60 -10.86 -5.38
CA VAL A 38 -3.73 -9.77 -4.98
C VAL A 38 -2.58 -9.56 -5.93
N LEU A 39 -2.13 -10.63 -6.60
CA LEU A 39 -1.08 -10.53 -7.62
C LEU A 39 -1.47 -9.52 -8.70
N HIS A 40 -2.76 -9.44 -9.00
CA HIS A 40 -3.26 -8.46 -9.97
C HIS A 40 -3.09 -7.06 -9.41
N TYR A 41 -3.46 -6.90 -8.15
CA TYR A 41 -3.33 -5.61 -7.45
C TYR A 41 -1.90 -5.21 -7.29
N ALA A 42 -1.04 -6.20 -7.10
CA ALA A 42 0.40 -5.98 -6.94
C ALA A 42 0.97 -5.29 -8.15
N GLN A 43 0.52 -5.71 -9.31
CA GLN A 43 0.97 -5.12 -10.57
C GLN A 43 0.47 -3.69 -10.71
N TYR A 44 -0.69 -3.41 -10.12
CA TYR A 44 -1.24 -2.07 -10.08
C TYR A 44 -0.50 -1.18 -9.07
N VAL A 45 -0.19 -1.75 -7.92
CA VAL A 45 0.53 -1.04 -6.86
C VAL A 45 1.97 -0.75 -7.30
N LEU A 46 2.51 -1.64 -8.13
CA LEU A 46 3.86 -1.56 -8.63
C LEU A 46 4.09 -0.25 -9.38
N LEU A 47 3.02 0.24 -9.99
CA LEU A 47 3.07 1.44 -10.79
C LEU A 47 3.38 2.65 -9.90
N GLY A 48 2.64 2.75 -8.81
CA GLY A 48 2.83 3.83 -7.88
C GLY A 48 4.07 3.66 -7.07
N LEU A 49 4.38 2.40 -6.75
CA LEU A 49 5.56 2.05 -5.99
C LEU A 49 6.80 2.55 -6.74
N GLY A 50 6.79 2.37 -8.06
CA GLY A 50 7.91 2.79 -8.90
C GLY A 50 8.13 4.28 -8.85
N GLY A 51 7.05 5.04 -8.84
CA GLY A 51 7.14 6.48 -8.78
C GLY A 51 7.51 6.95 -7.39
N LEU A 52 6.94 6.31 -6.39
CA LEU A 52 7.22 6.62 -5.00
C LEU A 52 8.71 6.40 -4.73
N LEU A 53 9.21 5.26 -5.17
CA LEU A 53 10.61 4.88 -5.02
C LEU A 53 11.53 5.88 -5.73
N LEU A 54 11.02 6.46 -6.80
CA LEU A 54 11.74 7.42 -7.60
C LEU A 54 11.88 8.74 -6.82
N LEU A 55 10.78 9.16 -6.23
CA LEU A 55 10.74 10.41 -5.47
C LEU A 55 11.50 10.40 -4.18
N VAL A 56 11.64 9.24 -3.53
CA VAL A 56 12.34 9.15 -2.21
C VAL A 56 13.71 9.93 -2.17
N PRO A 57 14.68 9.66 -3.11
CA PRO A 57 15.94 10.42 -3.13
C PRO A 57 15.71 11.89 -3.52
N ILE A 58 14.68 12.10 -4.33
CA ILE A 58 14.35 13.43 -4.84
C ILE A 58 13.81 14.32 -3.71
N ILE A 59 13.05 13.73 -2.79
CA ILE A 59 12.51 14.45 -1.63
C ILE A 59 13.67 15.01 -0.82
N CYS A 60 14.72 14.25 -0.76
CA CYS A 60 15.91 14.62 -0.05
C CYS A 60 16.66 15.74 -0.78
N GLN A 61 16.48 15.80 -2.11
CA GLN A 61 17.11 16.82 -2.93
C GLN A 61 16.33 18.12 -2.80
N LEU A 62 15.03 17.97 -2.73
CA LEU A 62 14.11 19.07 -2.55
C LEU A 62 14.38 19.82 -1.28
N ARG A 63 15.01 19.16 -0.31
CA ARG A 63 15.35 19.80 0.94
C ARG A 63 16.48 20.83 0.71
N SER A 64 17.26 20.62 -0.34
CA SER A 64 18.32 21.54 -0.70
C SER A 64 17.75 22.64 -1.58
N GLN A 65 16.80 22.24 -2.42
CA GLN A 65 16.10 23.15 -3.32
C GLN A 65 15.20 24.10 -2.54
N GLU A 66 14.80 23.67 -1.35
CA GLU A 66 13.99 24.44 -0.41
C GLU A 66 14.84 25.60 0.13
N LYS A 67 16.14 25.38 0.15
CA LYS A 67 17.08 26.36 0.66
C LYS A 67 17.54 27.28 -0.46
N CYS A 68 17.99 26.69 -1.55
CA CYS A 68 18.51 27.45 -2.68
C CYS A 68 18.29 26.68 -3.97
N PHE A 69 18.19 27.40 -5.08
CA PHE A 69 18.05 26.79 -6.38
C PHE A 69 18.64 27.73 -7.43
N LEU A 70 19.94 27.78 -7.47
CA LEU A 70 20.65 28.60 -8.47
C LEU A 70 20.56 27.93 -9.83
N PHE A 71 20.75 26.64 -9.80
CA PHE A 71 20.72 25.83 -11.00
C PHE A 71 20.08 24.49 -10.70
N TRP A 72 20.30 24.03 -9.49
CA TRP A 72 19.76 22.78 -9.00
C TRP A 72 19.87 22.83 -7.49
N SER A 73 20.91 23.47 -7.01
CA SER A 73 21.10 23.76 -5.63
C SER A 73 21.93 25.06 -5.52
N GLY A 1 -4.14 -12.78 14.22
CA GLY A 1 -4.88 -11.86 15.11
C GLY A 1 -6.34 -11.80 14.75
N SER A 2 -7.13 -12.64 15.36
CA SER A 2 -8.54 -12.71 15.03
C SER A 2 -9.38 -11.65 15.76
N LYS A 3 -8.71 -10.80 16.54
CA LYS A 3 -9.41 -9.74 17.31
C LYS A 3 -10.11 -8.72 16.40
N ILE A 4 -9.60 -8.58 15.20
CA ILE A 4 -10.11 -7.59 14.27
C ILE A 4 -11.16 -8.22 13.32
N GLU A 5 -11.27 -9.53 13.35
CA GLU A 5 -12.19 -10.23 12.47
C GLU A 5 -13.67 -9.88 12.78
N PRO A 6 -14.13 -9.91 14.08
CA PRO A 6 -15.50 -9.46 14.43
C PRO A 6 -15.69 -7.96 14.16
N VAL A 7 -14.59 -7.25 13.99
CA VAL A 7 -14.60 -5.82 13.69
C VAL A 7 -14.88 -5.63 12.19
N VAL A 8 -14.45 -6.60 11.40
CA VAL A 8 -14.67 -6.59 9.96
C VAL A 8 -16.16 -6.76 9.67
N LEU A 9 -16.86 -7.48 10.55
CA LEU A 9 -18.29 -7.73 10.39
C LEU A 9 -19.13 -6.46 10.17
N PRO A 10 -19.15 -5.48 11.12
CA PRO A 10 -19.92 -4.28 10.92
C PRO A 10 -19.29 -3.37 9.85
N LEU A 11 -17.96 -3.43 9.74
CA LEU A 11 -17.21 -2.64 8.81
C LEU A 11 -17.65 -2.99 7.37
N LEU A 12 -17.74 -4.27 7.10
CA LEU A 12 -18.17 -4.78 5.80
C LEU A 12 -19.62 -4.42 5.58
N TRP A 13 -20.38 -4.42 6.66
CA TRP A 13 -21.77 -4.07 6.64
C TRP A 13 -21.94 -2.61 6.24
N PHE A 14 -21.00 -1.75 6.66
CA PHE A 14 -21.11 -0.32 6.38
C PHE A 14 -20.95 -0.05 4.92
N GLU A 15 -20.21 -0.93 4.26
CA GLU A 15 -19.96 -0.80 2.86
C GLU A 15 -21.19 -1.15 2.07
N GLN A 16 -21.77 -2.29 2.38
CA GLN A 16 -22.90 -2.80 1.63
C GLN A 16 -24.15 -1.96 1.87
N SER A 17 -24.24 -1.39 3.05
CA SER A 17 -25.36 -0.56 3.41
C SER A 17 -25.15 0.86 2.88
N GLY A 18 -23.88 1.29 2.86
CA GLY A 18 -23.59 2.65 2.47
C GLY A 18 -23.98 3.61 3.57
N ALA A 19 -24.08 3.08 4.77
CA ALA A 19 -24.51 3.85 5.93
C ALA A 19 -23.44 4.82 6.38
N MET A 20 -22.22 4.33 6.45
CA MET A 20 -21.09 5.17 6.84
C MET A 20 -20.24 5.46 5.61
N GLY A 21 -20.62 4.85 4.49
CA GLY A 21 -19.86 4.99 3.27
C GLY A 21 -18.60 4.14 3.31
N GLY A 22 -18.58 3.19 4.22
CA GLY A 22 -17.44 2.35 4.40
C GLY A 22 -16.36 3.07 5.17
N LYS A 23 -15.14 2.82 4.80
CA LYS A 23 -13.96 3.44 5.39
C LYS A 23 -13.04 3.89 4.25
N PRO A 24 -11.99 4.68 4.51
CA PRO A 24 -11.02 5.03 3.47
C PRO A 24 -10.18 3.81 3.06
N LEU A 25 -9.52 3.88 1.89
CA LEU A 25 -8.69 2.76 1.39
C LEU A 25 -7.59 2.39 2.38
N SER A 26 -7.21 3.37 3.18
CA SER A 26 -6.21 3.24 4.20
C SER A 26 -6.59 2.12 5.19
N THR A 27 -7.86 1.96 5.45
CA THR A 27 -8.32 0.94 6.35
C THR A 27 -8.28 -0.45 5.66
N PHE A 28 -8.74 -0.47 4.41
CA PHE A 28 -8.90 -1.71 3.66
C PHE A 28 -7.63 -2.39 3.26
N TYR A 29 -6.53 -1.66 3.03
CA TYR A 29 -5.27 -2.32 2.61
C TYR A 29 -4.84 -3.41 3.59
N THR A 30 -5.15 -3.19 4.86
CA THR A 30 -4.88 -4.14 5.93
C THR A 30 -5.49 -5.54 5.57
N GLN A 31 -6.72 -5.52 5.04
CA GLN A 31 -7.40 -6.75 4.65
C GLN A 31 -6.77 -7.32 3.39
N LEU A 32 -6.45 -6.45 2.46
CA LEU A 32 -5.86 -6.85 1.19
C LEU A 32 -4.51 -7.56 1.35
N VAL A 33 -3.63 -7.01 2.18
CA VAL A 33 -2.28 -7.56 2.36
C VAL A 33 -2.27 -9.00 2.90
N LEU A 34 -3.31 -9.40 3.60
CA LEU A 34 -3.40 -10.75 4.12
C LEU A 34 -4.16 -11.68 3.18
N MET A 35 -4.79 -11.07 2.20
CA MET A 35 -5.66 -11.75 1.29
C MET A 35 -4.90 -12.06 -0.03
N PRO A 36 -5.22 -13.19 -0.73
CA PRO A 36 -4.63 -13.52 -2.06
C PRO A 36 -4.79 -12.36 -3.06
N GLN A 37 -5.83 -11.58 -2.85
CA GLN A 37 -6.16 -10.42 -3.66
C GLN A 37 -5.01 -9.38 -3.72
N VAL A 38 -4.14 -9.36 -2.68
CA VAL A 38 -3.03 -8.40 -2.63
C VAL A 38 -2.11 -8.53 -3.85
N LEU A 39 -1.99 -9.73 -4.40
CA LEU A 39 -1.16 -9.96 -5.58
C LEU A 39 -1.67 -9.18 -6.80
N HIS A 40 -2.99 -9.05 -6.90
CA HIS A 40 -3.61 -8.29 -7.98
C HIS A 40 -3.28 -6.81 -7.79
N TYR A 41 -3.24 -6.41 -6.53
CA TYR A 41 -2.92 -5.05 -6.15
C TYR A 41 -1.44 -4.74 -6.24
N ALA A 42 -0.61 -5.75 -6.04
CA ALA A 42 0.85 -5.63 -6.16
C ALA A 42 1.22 -5.16 -7.54
N GLN A 43 0.43 -5.57 -8.53
CA GLN A 43 0.58 -5.13 -9.89
C GLN A 43 0.40 -3.60 -9.97
N TYR A 44 -0.53 -3.10 -9.16
CA TYR A 44 -0.79 -1.67 -9.06
C TYR A 44 0.32 -0.97 -8.29
N VAL A 45 0.77 -1.60 -7.21
CA VAL A 45 1.81 -1.07 -6.36
C VAL A 45 3.13 -0.91 -7.14
N LEU A 46 3.36 -1.79 -8.10
CA LEU A 46 4.54 -1.76 -8.91
C LEU A 46 4.58 -0.49 -9.71
N LEU A 47 3.41 -0.05 -10.12
CA LEU A 47 3.27 1.15 -10.92
C LEU A 47 3.55 2.38 -10.08
N GLY A 48 3.21 2.29 -8.81
CA GLY A 48 3.43 3.38 -7.90
C GLY A 48 4.90 3.57 -7.62
N LEU A 49 5.59 2.49 -7.26
CA LEU A 49 7.02 2.57 -6.98
C LEU A 49 7.83 2.80 -8.24
N GLY A 50 7.34 2.25 -9.34
CA GLY A 50 7.98 2.45 -10.62
C GLY A 50 7.96 3.92 -11.01
N GLY A 51 6.83 4.56 -10.77
CA GLY A 51 6.72 5.97 -11.05
C GLY A 51 7.44 6.82 -10.01
N LEU A 52 7.31 6.43 -8.75
CA LEU A 52 7.91 7.13 -7.62
C LEU A 52 9.43 7.22 -7.76
N LEU A 53 10.02 6.22 -8.40
CA LEU A 53 11.47 6.12 -8.59
C LEU A 53 12.03 7.37 -9.33
N LEU A 54 11.22 7.96 -10.18
CA LEU A 54 11.61 9.16 -10.92
C LEU A 54 11.62 10.37 -9.98
N LEU A 55 10.72 10.36 -9.03
CA LEU A 55 10.58 11.45 -8.07
C LEU A 55 11.68 11.39 -7.01
N VAL A 56 12.13 10.17 -6.69
CA VAL A 56 13.11 9.92 -5.60
C VAL A 56 14.33 10.91 -5.57
N PRO A 57 15.09 11.10 -6.69
CA PRO A 57 16.23 12.02 -6.71
C PRO A 57 15.81 13.45 -6.32
N ILE A 58 14.60 13.80 -6.69
CA ILE A 58 14.06 15.11 -6.42
C ILE A 58 13.54 15.18 -4.99
N ILE A 59 12.92 14.11 -4.53
CA ILE A 59 12.40 14.04 -3.16
C ILE A 59 13.51 14.24 -2.14
N CYS A 60 14.70 13.79 -2.47
CA CYS A 60 15.84 13.92 -1.59
C CYS A 60 16.28 15.39 -1.54
N GLN A 61 16.04 16.10 -2.64
CA GLN A 61 16.32 17.51 -2.72
C GLN A 61 15.33 18.24 -1.83
N LEU A 62 14.09 17.74 -1.83
CA LEU A 62 13.06 18.25 -0.94
C LEU A 62 13.43 18.00 0.50
N ARG A 63 14.10 16.89 0.77
CA ARG A 63 14.54 16.58 2.14
C ARG A 63 15.63 17.55 2.60
N SER A 64 16.22 18.24 1.66
CA SER A 64 17.20 19.25 1.96
C SER A 64 16.50 20.59 2.19
N GLN A 65 15.43 20.85 1.43
CA GLN A 65 14.64 22.08 1.54
C GLN A 65 13.76 22.02 2.79
N GLU A 66 13.07 20.91 2.94
CA GLU A 66 12.19 20.62 4.08
C GLU A 66 13.08 20.43 5.32
N LYS A 67 14.34 20.11 5.04
CA LYS A 67 15.37 19.84 6.02
C LYS A 67 15.15 18.58 6.80
N CYS A 68 16.15 18.20 7.51
CA CYS A 68 16.14 17.06 8.39
C CYS A 68 16.95 17.45 9.60
N PHE A 69 16.94 16.62 10.64
CA PHE A 69 17.72 16.87 11.85
C PHE A 69 17.15 18.11 12.59
N LEU A 70 15.84 18.38 12.36
CA LEU A 70 15.18 19.54 12.99
C LEU A 70 15.20 19.42 14.49
N PHE A 71 14.88 18.24 14.97
CA PHE A 71 14.88 17.99 16.39
C PHE A 71 15.82 16.85 16.74
N TRP A 72 15.89 15.88 15.83
CA TRP A 72 16.75 14.71 15.95
C TRP A 72 16.43 13.88 17.21
N SER A 73 15.63 12.88 17.03
CA SER A 73 15.26 12.02 18.11
C SER A 73 14.94 10.65 17.50
N GLY A 1 -13.79 -14.76 -18.43
CA GLY A 1 -13.13 -13.47 -18.23
C GLY A 1 -13.29 -13.00 -16.81
N SER A 2 -12.69 -11.88 -16.49
CA SER A 2 -12.78 -11.36 -15.16
C SER A 2 -14.09 -10.60 -14.95
N LYS A 3 -15.10 -11.35 -14.57
CA LYS A 3 -16.43 -10.82 -14.27
C LYS A 3 -16.42 -10.22 -12.86
N ILE A 4 -15.47 -10.67 -12.06
CA ILE A 4 -15.33 -10.27 -10.66
C ILE A 4 -14.51 -8.96 -10.56
N GLU A 5 -14.00 -8.52 -11.70
CA GLU A 5 -13.13 -7.33 -11.79
C GLU A 5 -13.89 -6.05 -11.36
N PRO A 6 -15.05 -5.72 -12.00
CA PRO A 6 -15.83 -4.53 -11.60
C PRO A 6 -16.56 -4.73 -10.25
N VAL A 7 -16.50 -5.95 -9.73
CA VAL A 7 -17.16 -6.28 -8.49
C VAL A 7 -16.24 -5.97 -7.31
N VAL A 8 -14.97 -6.32 -7.46
CA VAL A 8 -14.02 -6.08 -6.39
C VAL A 8 -13.61 -4.63 -6.31
N LEU A 9 -13.85 -3.87 -7.37
CA LEU A 9 -13.51 -2.45 -7.38
C LEU A 9 -14.08 -1.66 -6.22
N PRO A 10 -15.39 -1.68 -5.97
CA PRO A 10 -15.90 -1.00 -4.81
C PRO A 10 -15.60 -1.81 -3.53
N LEU A 11 -15.85 -3.12 -3.62
CA LEU A 11 -15.80 -4.02 -2.47
C LEU A 11 -14.44 -4.15 -1.81
N LEU A 12 -13.38 -4.26 -2.60
CA LEU A 12 -12.03 -4.41 -2.03
C LEU A 12 -11.63 -3.15 -1.29
N TRP A 13 -12.06 -2.01 -1.79
CA TRP A 13 -11.79 -0.76 -1.15
C TRP A 13 -12.56 -0.58 0.14
N PHE A 14 -13.79 -1.09 0.18
CA PHE A 14 -14.55 -1.06 1.43
C PHE A 14 -14.02 -2.10 2.42
N GLU A 15 -13.45 -3.16 1.88
CA GLU A 15 -12.94 -4.27 2.66
C GLU A 15 -11.71 -3.81 3.42
N GLN A 16 -10.81 -3.18 2.67
CA GLN A 16 -9.56 -2.69 3.23
C GLN A 16 -9.80 -1.47 4.13
N SER A 17 -10.98 -0.90 4.02
CA SER A 17 -11.34 0.27 4.77
C SER A 17 -11.63 -0.12 6.23
N GLY A 18 -11.95 -1.39 6.45
CA GLY A 18 -12.32 -1.81 7.78
C GLY A 18 -13.66 -1.29 8.14
N ALA A 19 -14.53 -1.31 7.15
CA ALA A 19 -15.87 -0.78 7.25
C ALA A 19 -16.75 -1.67 8.12
N MET A 20 -16.40 -2.94 8.22
CA MET A 20 -17.17 -3.90 9.02
C MET A 20 -16.88 -3.72 10.55
N GLY A 21 -16.16 -2.67 10.89
CA GLY A 21 -15.82 -2.41 12.28
C GLY A 21 -14.46 -2.98 12.63
N GLY A 22 -13.87 -3.65 11.67
CA GLY A 22 -12.57 -4.23 11.83
C GLY A 22 -11.88 -4.26 10.51
N LYS A 23 -10.60 -4.08 10.51
CA LYS A 23 -9.84 -4.04 9.29
C LYS A 23 -9.05 -5.35 9.15
N PRO A 24 -9.36 -6.16 8.11
CA PRO A 24 -8.73 -7.50 7.89
C PRO A 24 -7.26 -7.44 7.43
N LEU A 25 -6.45 -6.65 8.11
CA LEU A 25 -5.02 -6.52 7.78
C LEU A 25 -4.31 -7.88 7.82
N SER A 26 -4.64 -8.66 8.83
CA SER A 26 -4.10 -9.98 9.01
C SER A 26 -4.43 -10.86 7.80
N THR A 27 -5.58 -10.62 7.20
CA THR A 27 -6.02 -11.36 6.05
C THR A 27 -5.24 -10.92 4.81
N PHE A 28 -5.14 -9.61 4.57
CA PHE A 28 -4.44 -9.10 3.39
C PHE A 28 -2.99 -9.57 3.30
N TYR A 29 -2.27 -9.53 4.42
CA TYR A 29 -0.86 -9.95 4.39
C TYR A 29 -0.68 -11.42 4.01
N THR A 30 -1.49 -12.29 4.54
CA THR A 30 -1.40 -13.69 4.17
C THR A 30 -1.94 -13.94 2.75
N GLN A 31 -3.12 -13.41 2.46
CA GLN A 31 -3.82 -13.65 1.21
C GLN A 31 -3.13 -13.03 -0.01
N LEU A 32 -2.81 -11.78 0.07
CA LEU A 32 -2.33 -11.02 -1.07
C LEU A 32 -1.02 -11.55 -1.69
N VAL A 33 -0.21 -12.18 -0.89
CA VAL A 33 1.03 -12.72 -1.39
C VAL A 33 0.79 -14.02 -2.17
N LEU A 34 -0.19 -14.79 -1.74
CA LEU A 34 -0.44 -16.09 -2.34
C LEU A 34 -1.56 -16.11 -3.36
N MET A 35 -2.48 -15.17 -3.24
CA MET A 35 -3.69 -15.16 -4.07
C MET A 35 -3.39 -14.51 -5.42
N PRO A 36 -3.40 -15.30 -6.51
CA PRO A 36 -3.06 -14.81 -7.86
C PRO A 36 -3.89 -13.60 -8.31
N GLN A 37 -5.19 -13.60 -8.02
CA GLN A 37 -6.05 -12.49 -8.44
C GLN A 37 -5.70 -11.21 -7.70
N VAL A 38 -5.45 -11.33 -6.40
CA VAL A 38 -5.14 -10.18 -5.57
C VAL A 38 -3.71 -9.72 -5.85
N LEU A 39 -2.85 -10.68 -6.20
CA LEU A 39 -1.45 -10.40 -6.55
C LEU A 39 -1.40 -9.43 -7.74
N HIS A 40 -2.37 -9.54 -8.65
CA HIS A 40 -2.45 -8.63 -9.79
C HIS A 40 -2.66 -7.18 -9.32
N TYR A 41 -3.37 -7.03 -8.21
CA TYR A 41 -3.60 -5.73 -7.63
C TYR A 41 -2.37 -5.26 -6.88
N ALA A 42 -1.61 -6.21 -6.38
CA ALA A 42 -0.35 -5.92 -5.73
C ALA A 42 0.64 -5.40 -6.76
N GLN A 43 0.52 -5.91 -7.99
CA GLN A 43 1.28 -5.42 -9.11
C GLN A 43 0.93 -3.96 -9.36
N TYR A 44 -0.36 -3.65 -9.30
CA TYR A 44 -0.82 -2.26 -9.47
C TYR A 44 -0.17 -1.36 -8.43
N VAL A 45 -0.07 -1.87 -7.21
CA VAL A 45 0.58 -1.16 -6.11
C VAL A 45 2.08 -1.01 -6.40
N LEU A 46 2.68 -2.07 -6.94
CA LEU A 46 4.08 -2.09 -7.29
C LEU A 46 4.41 -1.02 -8.34
N LEU A 47 3.63 -0.95 -9.41
CA LEU A 47 3.84 0.07 -10.44
C LEU A 47 3.67 1.48 -9.87
N GLY A 48 2.74 1.62 -8.93
CA GLY A 48 2.54 2.89 -8.28
C GLY A 48 3.74 3.26 -7.43
N LEU A 49 4.26 2.27 -6.73
CA LEU A 49 5.43 2.43 -5.87
C LEU A 49 6.64 2.80 -6.71
N GLY A 50 6.72 2.23 -7.91
CA GLY A 50 7.79 2.55 -8.84
C GLY A 50 7.82 4.02 -9.18
N GLY A 51 6.64 4.60 -9.34
CA GLY A 51 6.54 6.02 -9.61
C GLY A 51 6.96 6.82 -8.40
N LEU A 52 6.46 6.43 -7.24
CA LEU A 52 6.79 7.06 -5.95
C LEU A 52 8.30 7.04 -5.74
N LEU A 53 8.91 5.93 -6.11
CA LEU A 53 10.35 5.70 -5.98
C LEU A 53 11.16 6.76 -6.74
N LEU A 54 10.59 7.31 -7.81
CA LEU A 54 11.28 8.35 -8.57
C LEU A 54 11.32 9.67 -7.78
N LEU A 55 10.31 9.89 -6.97
CA LEU A 55 10.22 11.09 -6.15
C LEU A 55 11.16 11.03 -4.94
N VAL A 56 11.42 9.82 -4.46
CA VAL A 56 12.28 9.60 -3.28
C VAL A 56 13.66 10.35 -3.38
N PRO A 57 14.48 10.12 -4.46
CA PRO A 57 15.75 10.83 -4.62
C PRO A 57 15.55 12.33 -4.86
N ILE A 58 14.38 12.70 -5.37
CA ILE A 58 14.05 14.09 -5.61
C ILE A 58 13.94 14.82 -4.29
N ILE A 59 13.32 14.14 -3.30
CA ILE A 59 13.16 14.68 -1.95
C ILE A 59 14.53 15.01 -1.34
N CYS A 60 15.53 14.25 -1.73
CA CYS A 60 16.88 14.44 -1.21
C CYS A 60 17.46 15.75 -1.73
N GLN A 61 17.07 16.11 -2.94
CA GLN A 61 17.59 17.31 -3.58
C GLN A 61 16.85 18.50 -3.03
N LEU A 62 15.58 18.28 -2.95
CA LEU A 62 14.57 19.18 -2.50
C LEU A 62 14.91 19.77 -1.14
N ARG A 63 15.43 18.95 -0.24
CA ARG A 63 15.76 19.41 1.11
C ARG A 63 16.84 20.48 1.13
N SER A 64 17.60 20.60 0.05
CA SER A 64 18.61 21.62 -0.07
C SER A 64 17.97 22.98 -0.38
N GLN A 65 16.77 22.95 -0.93
CA GLN A 65 16.02 24.15 -1.22
C GLN A 65 15.16 24.48 -0.02
N GLU A 66 14.85 23.45 0.75
CA GLU A 66 14.07 23.57 1.97
C GLU A 66 14.90 24.32 3.00
N LYS A 67 16.17 23.98 3.09
CA LYS A 67 17.06 24.66 3.98
C LYS A 67 17.64 25.88 3.31
N CYS A 68 18.28 26.71 4.06
CA CYS A 68 18.94 27.86 3.53
C CYS A 68 20.43 27.65 3.76
N PHE A 69 21.25 28.26 2.94
CA PHE A 69 22.69 28.05 3.01
C PHE A 69 23.37 29.13 3.85
N LEU A 70 22.57 29.88 4.60
CA LEU A 70 23.03 31.01 5.42
C LEU A 70 24.13 30.67 6.45
N PHE A 71 24.28 29.41 6.75
CA PHE A 71 25.25 28.99 7.75
C PHE A 71 26.46 28.34 7.08
N TRP A 72 26.27 27.81 5.89
CA TRP A 72 27.31 27.07 5.22
C TRP A 72 27.91 27.82 4.01
N SER A 73 27.08 28.41 3.19
CA SER A 73 27.54 29.06 1.99
C SER A 73 26.79 30.38 1.80
N GLY A 1 -25.96 -2.07 -10.95
CA GLY A 1 -26.85 -3.13 -11.44
C GLY A 1 -27.85 -3.52 -10.40
N SER A 2 -29.10 -3.67 -10.80
CA SER A 2 -30.18 -4.00 -9.88
C SER A 2 -30.11 -5.44 -9.35
N LYS A 3 -29.11 -6.19 -9.79
CA LYS A 3 -28.91 -7.56 -9.35
C LYS A 3 -28.60 -7.62 -7.84
N ILE A 4 -27.94 -6.59 -7.33
CA ILE A 4 -27.56 -6.55 -5.92
C ILE A 4 -28.71 -5.98 -5.04
N GLU A 5 -29.73 -5.46 -5.70
CA GLU A 5 -30.86 -4.83 -5.02
C GLU A 5 -31.61 -5.83 -4.11
N PRO A 6 -32.11 -6.98 -4.65
CA PRO A 6 -32.79 -7.99 -3.83
C PRO A 6 -31.82 -8.75 -2.90
N VAL A 7 -30.55 -8.41 -2.98
CA VAL A 7 -29.52 -9.06 -2.19
C VAL A 7 -29.26 -8.27 -0.92
N VAL A 8 -29.20 -6.96 -1.03
CA VAL A 8 -28.92 -6.11 0.13
C VAL A 8 -30.05 -6.13 1.15
N LEU A 9 -31.25 -6.50 0.71
CA LEU A 9 -32.38 -6.60 1.62
C LEU A 9 -32.20 -7.67 2.69
N PRO A 10 -32.07 -8.99 2.33
CA PRO A 10 -31.87 -10.03 3.32
C PRO A 10 -30.61 -9.77 4.15
N LEU A 11 -29.58 -9.20 3.50
CA LEU A 11 -28.33 -8.86 4.16
C LEU A 11 -28.53 -7.78 5.22
N LEU A 12 -29.48 -6.89 4.97
CA LEU A 12 -29.80 -5.83 5.91
C LEU A 12 -30.38 -6.42 7.19
N TRP A 13 -31.31 -7.36 7.02
CA TRP A 13 -31.93 -8.02 8.15
C TRP A 13 -30.91 -8.93 8.84
N PHE A 14 -30.02 -9.46 8.05
CA PHE A 14 -28.97 -10.36 8.51
C PHE A 14 -27.95 -9.57 9.35
N GLU A 15 -27.81 -8.30 9.02
CA GLU A 15 -26.90 -7.41 9.69
C GLU A 15 -27.46 -7.10 11.05
N GLN A 16 -28.72 -6.72 11.07
CA GLN A 16 -29.38 -6.32 12.30
C GLN A 16 -29.65 -7.53 13.21
N SER A 17 -29.59 -8.71 12.62
CA SER A 17 -29.73 -9.94 13.34
C SER A 17 -28.46 -10.21 14.14
N GLY A 18 -27.38 -9.54 13.74
CA GLY A 18 -26.11 -9.73 14.40
C GLY A 18 -25.55 -11.10 14.14
N ALA A 19 -25.93 -11.68 13.02
CA ALA A 19 -25.52 -13.03 12.67
C ALA A 19 -24.00 -13.12 12.49
N MET A 20 -23.42 -12.09 11.92
CA MET A 20 -21.95 -11.97 11.81
C MET A 20 -21.44 -10.94 12.81
N GLY A 21 -22.31 -10.55 13.73
CA GLY A 21 -21.97 -9.50 14.68
C GLY A 21 -22.11 -8.14 14.04
N GLY A 22 -22.95 -8.07 13.03
CA GLY A 22 -23.14 -6.87 12.29
C GLY A 22 -22.35 -6.95 11.01
N LYS A 23 -21.53 -5.96 10.77
CA LYS A 23 -20.66 -5.96 9.62
C LYS A 23 -19.21 -6.07 10.08
N PRO A 24 -18.65 -7.29 10.09
CA PRO A 24 -17.31 -7.51 10.55
C PRO A 24 -16.28 -7.32 9.45
N LEU A 25 -15.40 -6.37 9.66
CA LEU A 25 -14.37 -6.02 8.72
C LEU A 25 -13.43 -7.19 8.47
N SER A 26 -13.21 -7.97 9.53
CA SER A 26 -12.36 -9.14 9.46
C SER A 26 -12.81 -10.15 8.41
N THR A 27 -14.11 -10.31 8.30
CA THR A 27 -14.67 -11.21 7.33
C THR A 27 -14.36 -10.74 5.90
N PHE A 28 -14.54 -9.43 5.67
CA PHE A 28 -14.33 -8.86 4.36
C PHE A 28 -12.87 -8.82 3.92
N TYR A 29 -11.95 -8.54 4.84
CA TYR A 29 -10.56 -8.55 4.43
C TYR A 29 -10.02 -9.97 4.18
N THR A 30 -10.51 -10.92 4.96
CA THR A 30 -10.09 -12.31 4.80
C THR A 30 -10.49 -12.84 3.41
N GLN A 31 -11.71 -12.51 2.96
CA GLN A 31 -12.17 -12.96 1.65
C GLN A 31 -11.43 -12.21 0.54
N LEU A 32 -11.06 -10.96 0.84
CA LEU A 32 -10.33 -10.10 -0.10
C LEU A 32 -8.99 -10.77 -0.44
N VAL A 33 -8.31 -11.26 0.58
CA VAL A 33 -6.99 -11.91 0.42
C VAL A 33 -7.07 -13.14 -0.50
N LEU A 34 -8.16 -13.86 -0.44
CA LEU A 34 -8.29 -15.07 -1.23
C LEU A 34 -8.83 -14.80 -2.63
N MET A 35 -9.24 -13.57 -2.88
CA MET A 35 -9.70 -13.15 -4.20
C MET A 35 -8.51 -13.11 -5.16
N PRO A 36 -8.74 -13.47 -6.43
CA PRO A 36 -7.73 -13.37 -7.50
C PRO A 36 -7.22 -11.91 -7.67
N GLN A 37 -8.07 -10.96 -7.28
CA GLN A 37 -7.80 -9.52 -7.42
C GLN A 37 -6.48 -9.11 -6.80
N VAL A 38 -6.08 -9.81 -5.75
CA VAL A 38 -4.81 -9.51 -5.06
C VAL A 38 -3.61 -9.68 -5.98
N LEU A 39 -3.74 -10.58 -6.94
CA LEU A 39 -2.70 -10.86 -7.91
C LEU A 39 -2.51 -9.63 -8.79
N HIS A 40 -3.61 -8.94 -9.06
CA HIS A 40 -3.58 -7.71 -9.81
C HIS A 40 -3.07 -6.56 -8.95
N TYR A 41 -3.42 -6.58 -7.65
CA TYR A 41 -2.98 -5.53 -6.71
C TYR A 41 -1.48 -5.50 -6.60
N ALA A 42 -0.88 -6.65 -6.81
CA ALA A 42 0.56 -6.80 -6.79
C ALA A 42 1.18 -6.02 -7.94
N GLN A 43 0.45 -5.97 -9.05
CA GLN A 43 0.88 -5.23 -10.21
C GLN A 43 0.78 -3.73 -9.91
N TYR A 44 -0.31 -3.37 -9.26
CA TYR A 44 -0.59 -1.97 -8.93
C TYR A 44 0.39 -1.43 -7.91
N VAL A 45 0.72 -2.24 -6.91
CA VAL A 45 1.66 -1.81 -5.90
C VAL A 45 3.07 -1.73 -6.49
N LEU A 46 3.35 -2.57 -7.50
CA LEU A 46 4.61 -2.57 -8.19
C LEU A 46 4.83 -1.23 -8.92
N LEU A 47 3.83 -0.80 -9.68
CA LEU A 47 3.90 0.49 -10.39
C LEU A 47 4.02 1.66 -9.41
N GLY A 48 3.35 1.52 -8.27
CA GLY A 48 3.42 2.53 -7.24
C GLY A 48 4.78 2.56 -6.59
N LEU A 49 5.35 1.38 -6.39
CA LEU A 49 6.66 1.23 -5.80
C LEU A 49 7.71 1.81 -6.73
N GLY A 50 7.52 1.57 -8.03
CA GLY A 50 8.42 2.09 -9.03
C GLY A 50 8.39 3.60 -9.03
N GLY A 51 7.22 4.15 -8.79
CA GLY A 51 7.07 5.58 -8.70
C GLY A 51 7.74 6.12 -7.46
N LEU A 52 7.58 5.41 -6.36
CA LEU A 52 8.15 5.80 -5.08
C LEU A 52 9.65 6.03 -5.20
N LEU A 53 10.36 5.04 -5.74
CA LEU A 53 11.82 5.15 -5.90
C LEU A 53 12.23 6.27 -6.84
N LEU A 54 11.37 6.62 -7.78
CA LEU A 54 11.66 7.68 -8.73
C LEU A 54 11.52 9.05 -8.02
N LEU A 55 10.49 9.18 -7.19
CA LEU A 55 10.23 10.43 -6.48
C LEU A 55 11.21 10.68 -5.33
N VAL A 56 11.72 9.62 -4.69
CA VAL A 56 12.63 9.76 -3.54
C VAL A 56 13.79 10.80 -3.77
N PRO A 57 14.61 10.68 -4.85
CA PRO A 57 15.69 11.65 -5.12
C PRO A 57 15.14 13.07 -5.31
N ILE A 58 13.96 13.16 -5.91
CA ILE A 58 13.32 14.45 -6.17
C ILE A 58 12.88 15.08 -4.86
N ILE A 59 12.28 14.27 -3.99
CA ILE A 59 11.83 14.73 -2.69
C ILE A 59 13.04 15.12 -1.82
N CYS A 60 14.17 14.49 -2.08
CA CYS A 60 15.38 14.76 -1.34
C CYS A 60 15.96 16.11 -1.75
N GLN A 61 15.51 16.62 -2.89
CA GLN A 61 15.97 17.90 -3.39
C GLN A 61 15.35 19.03 -2.60
N LEU A 62 14.23 18.73 -1.95
CA LEU A 62 13.53 19.71 -1.13
C LEU A 62 14.33 20.15 0.07
N ARG A 63 15.06 19.23 0.71
CA ARG A 63 15.87 19.63 1.85
C ARG A 63 17.09 20.41 1.40
N SER A 64 17.46 20.22 0.16
CA SER A 64 18.55 20.95 -0.42
C SER A 64 18.06 22.35 -0.84
N GLN A 65 16.79 22.44 -1.22
CA GLN A 65 16.19 23.69 -1.65
C GLN A 65 15.73 24.54 -0.45
N GLU A 66 14.89 23.95 0.38
CA GLU A 66 14.26 24.66 1.50
C GLU A 66 15.15 24.71 2.70
N LYS A 67 16.17 23.87 2.70
CA LYS A 67 17.09 23.67 3.83
C LYS A 67 16.34 23.03 5.00
N CYS A 68 17.00 22.94 6.11
CA CYS A 68 16.39 22.41 7.30
C CYS A 68 16.45 23.47 8.39
N PHE A 69 15.53 23.42 9.32
CA PHE A 69 15.43 24.45 10.34
C PHE A 69 16.31 24.19 11.55
N LEU A 70 16.10 23.08 12.21
CA LEU A 70 16.90 22.73 13.38
C LEU A 70 18.31 22.33 12.91
N PHE A 71 18.35 21.76 11.68
CA PHE A 71 19.57 21.27 10.99
C PHE A 71 19.93 19.86 11.46
N TRP A 72 19.13 19.37 12.38
CA TRP A 72 19.31 18.11 12.99
C TRP A 72 17.94 17.71 13.55
N SER A 73 17.81 16.51 14.01
CA SER A 73 16.60 16.04 14.61
C SER A 73 16.94 15.02 15.66
#